data_1WHV
#
_entry.id   1WHV
#
_entity_poly.entity_id   1
_entity_poly.type   'polypeptide(L)'
_entity_poly.pdbx_seq_one_letter_code
;GSSGSSGGPDLQPKRDHVLHVTFPKEWKTSDLYQLFSAFGNIQISWIDDTSAFVSLSQPEQVQIAVNTSKYAESYRIQTY
AEYVGKKQKGKQVKSGPSSG
;
_entity_poly.pdbx_strand_id   A
#
# COMPACT_ATOMS: atom_id res chain seq x y z
N GLY A 1 1.33 -34.34 5.36
CA GLY A 1 2.76 -34.61 5.29
C GLY A 1 3.18 -35.21 3.96
N SER A 2 4.01 -34.48 3.22
CA SER A 2 4.48 -34.93 1.92
C SER A 2 5.95 -34.55 1.72
N SER A 3 6.67 -35.40 0.97
CA SER A 3 8.07 -35.15 0.70
C SER A 3 8.29 -34.73 -0.74
N GLY A 4 9.50 -34.27 -1.06
CA GLY A 4 9.81 -33.83 -2.41
C GLY A 4 9.42 -32.39 -2.66
N SER A 5 10.08 -31.76 -3.62
CA SER A 5 9.80 -30.36 -3.95
C SER A 5 9.49 -30.22 -5.44
N SER A 6 8.20 -30.01 -5.74
CA SER A 6 7.76 -29.86 -7.12
C SER A 6 6.99 -28.56 -7.31
N GLY A 7 6.60 -28.29 -8.54
CA GLY A 7 5.86 -27.07 -8.84
C GLY A 7 4.38 -27.19 -8.49
N GLY A 8 3.56 -26.36 -9.11
CA GLY A 8 2.13 -26.40 -8.86
C GLY A 8 1.45 -25.08 -9.15
N PRO A 9 1.28 -24.24 -8.11
CA PRO A 9 0.65 -22.94 -8.24
C PRO A 9 1.51 -21.94 -9.02
N ASP A 10 0.91 -21.33 -10.04
CA ASP A 10 1.63 -20.36 -10.86
C ASP A 10 2.11 -19.17 -10.02
N LEU A 11 2.93 -18.32 -10.62
CA LEU A 11 3.46 -17.16 -9.92
C LEU A 11 2.71 -15.89 -10.33
N GLN A 12 2.46 -15.03 -9.36
CA GLN A 12 1.75 -13.78 -9.61
C GLN A 12 2.73 -12.63 -9.86
N PRO A 13 2.35 -11.73 -10.78
CA PRO A 13 3.17 -10.57 -11.13
C PRO A 13 3.27 -9.55 -10.01
N LYS A 14 4.23 -8.65 -10.10
CA LYS A 14 4.42 -7.61 -9.08
C LYS A 14 3.07 -7.03 -8.66
N ARG A 15 2.93 -6.80 -7.35
CA ARG A 15 1.70 -6.25 -6.81
C ARG A 15 1.71 -4.73 -6.89
N ASP A 16 1.50 -4.21 -8.10
CA ASP A 16 1.48 -2.77 -8.32
C ASP A 16 0.06 -2.22 -8.18
N HIS A 17 -0.89 -2.88 -8.83
CA HIS A 17 -2.29 -2.47 -8.77
C HIS A 17 -2.77 -2.37 -7.32
N VAL A 18 -2.21 -3.21 -6.45
CA VAL A 18 -2.59 -3.21 -5.05
C VAL A 18 -1.97 -2.03 -4.31
N LEU A 19 -2.69 -1.49 -3.35
CA LEU A 19 -2.21 -0.36 -2.56
C LEU A 19 -2.46 -0.59 -1.08
N HIS A 20 -1.41 -0.39 -0.28
CA HIS A 20 -1.51 -0.57 1.17
C HIS A 20 -1.98 0.72 1.85
N VAL A 21 -3.21 0.71 2.33
CA VAL A 21 -3.77 1.88 3.01
C VAL A 21 -4.00 1.60 4.49
N THR A 22 -3.46 2.47 5.33
CA THR A 22 -3.60 2.32 6.78
C THR A 22 -4.43 3.46 7.36
N PHE A 23 -5.66 3.15 7.75
CA PHE A 23 -6.55 4.15 8.33
C PHE A 23 -6.96 3.76 9.75
N PRO A 24 -7.38 4.76 10.54
CA PRO A 24 -7.81 4.54 11.93
C PRO A 24 -9.12 3.78 12.02
N LYS A 25 -9.27 2.97 13.07
CA LYS A 25 -10.47 2.20 13.28
C LYS A 25 -11.72 3.06 13.10
N GLU A 26 -11.66 4.29 13.60
CA GLU A 26 -12.78 5.21 13.50
C GLU A 26 -13.40 5.16 12.10
N TRP A 27 -12.59 4.82 11.11
CA TRP A 27 -13.05 4.73 9.73
C TRP A 27 -14.05 3.59 9.57
N LYS A 28 -14.48 3.36 8.33
CA LYS A 28 -15.43 2.28 8.04
C LYS A 28 -15.49 2.02 6.55
N THR A 29 -16.11 0.90 6.18
CA THR A 29 -16.24 0.51 4.78
C THR A 29 -16.79 1.67 3.95
N SER A 30 -17.55 2.55 4.59
CA SER A 30 -18.14 3.70 3.91
C SER A 30 -17.06 4.73 3.56
N ASP A 31 -16.13 4.95 4.48
CA ASP A 31 -15.06 5.90 4.27
C ASP A 31 -14.13 5.44 3.16
N LEU A 32 -13.84 4.14 3.13
CA LEU A 32 -12.96 3.57 2.12
C LEU A 32 -13.60 3.68 0.73
N TYR A 33 -14.70 2.97 0.52
CA TYR A 33 -15.39 2.99 -0.75
C TYR A 33 -15.59 4.42 -1.25
N GLN A 34 -16.19 5.26 -0.39
CA GLN A 34 -16.43 6.65 -0.74
C GLN A 34 -15.15 7.34 -1.19
N LEU A 35 -14.11 7.23 -0.37
CA LEU A 35 -12.82 7.84 -0.69
C LEU A 35 -12.33 7.40 -2.07
N PHE A 36 -12.03 6.12 -2.20
CA PHE A 36 -11.55 5.56 -3.46
C PHE A 36 -12.64 5.63 -4.53
N SER A 37 -13.85 6.00 -4.11
CA SER A 37 -14.98 6.09 -5.03
C SER A 37 -14.57 6.84 -6.30
N ALA A 38 -13.70 7.82 -6.15
CA ALA A 38 -13.23 8.61 -7.28
C ALA A 38 -13.00 7.73 -8.51
N PHE A 39 -12.42 6.55 -8.28
CA PHE A 39 -12.14 5.61 -9.36
C PHE A 39 -13.39 4.81 -9.72
N GLY A 40 -14.05 4.25 -8.72
CA GLY A 40 -15.24 3.46 -8.95
C GLY A 40 -15.26 2.18 -8.15
N ASN A 41 -15.99 1.19 -8.65
CA ASN A 41 -16.09 -0.10 -7.97
C ASN A 41 -14.71 -0.66 -7.66
N ILE A 42 -14.48 -1.00 -6.40
CA ILE A 42 -13.20 -1.55 -5.97
C ILE A 42 -13.40 -2.69 -4.97
N GLN A 43 -12.30 -3.34 -4.60
CA GLN A 43 -12.35 -4.44 -3.66
C GLN A 43 -11.57 -4.12 -2.39
N ILE A 44 -12.27 -3.74 -1.33
CA ILE A 44 -11.64 -3.40 -0.06
C ILE A 44 -11.46 -4.64 0.81
N SER A 45 -10.21 -4.96 1.12
CA SER A 45 -9.90 -6.11 1.95
C SER A 45 -9.53 -5.69 3.37
N TRP A 46 -10.26 -6.21 4.34
CA TRP A 46 -10.01 -5.87 5.74
C TRP A 46 -9.00 -6.84 6.36
N ILE A 47 -7.79 -6.35 6.60
CA ILE A 47 -6.74 -7.17 7.19
C ILE A 47 -6.76 -7.09 8.72
N ASP A 48 -6.46 -5.91 9.24
CA ASP A 48 -6.45 -5.69 10.69
C ASP A 48 -7.35 -4.52 11.07
N ASP A 49 -7.33 -4.17 12.34
CA ASP A 49 -8.15 -3.07 12.84
C ASP A 49 -7.80 -1.76 12.14
N THR A 50 -6.53 -1.63 11.75
CA THR A 50 -6.07 -0.44 11.06
C THR A 50 -5.29 -0.80 9.80
N SER A 51 -5.50 -2.01 9.30
CA SER A 51 -4.81 -2.48 8.11
C SER A 51 -5.81 -2.92 7.04
N ALA A 52 -5.71 -2.32 5.86
CA ALA A 52 -6.61 -2.66 4.75
C ALA A 52 -5.85 -2.68 3.43
N PHE A 53 -6.46 -3.30 2.42
CA PHE A 53 -5.84 -3.38 1.10
C PHE A 53 -6.78 -2.83 0.03
N VAL A 54 -6.20 -2.31 -1.05
CA VAL A 54 -6.98 -1.76 -2.14
C VAL A 54 -6.57 -2.36 -3.48
N SER A 55 -7.54 -2.60 -4.35
CA SER A 55 -7.27 -3.17 -5.66
C SER A 55 -7.80 -2.27 -6.77
N LEU A 56 -6.94 -1.98 -7.74
CA LEU A 56 -7.32 -1.12 -8.86
C LEU A 56 -7.27 -1.90 -10.17
N SER A 57 -7.75 -1.26 -11.24
CA SER A 57 -7.77 -1.90 -12.56
C SER A 57 -6.51 -1.53 -13.35
N GLN A 58 -6.19 -0.25 -13.39
CA GLN A 58 -5.02 0.23 -14.10
C GLN A 58 -3.98 0.79 -13.15
N PRO A 59 -2.69 0.67 -13.53
CA PRO A 59 -1.58 1.17 -12.72
C PRO A 59 -1.53 2.68 -12.64
N GLU A 60 -1.96 3.34 -13.72
CA GLU A 60 -1.97 4.78 -13.78
C GLU A 60 -2.64 5.38 -12.55
N GLN A 61 -3.83 4.90 -12.23
CA GLN A 61 -4.57 5.39 -11.07
C GLN A 61 -3.67 5.45 -9.84
N VAL A 62 -2.84 4.42 -9.68
CA VAL A 62 -1.93 4.36 -8.53
C VAL A 62 -1.32 5.73 -8.24
N GLN A 63 -0.73 6.34 -9.26
CA GLN A 63 -0.11 7.65 -9.11
C GLN A 63 -1.00 8.58 -8.31
N ILE A 64 -2.19 8.84 -8.81
CA ILE A 64 -3.14 9.72 -8.14
C ILE A 64 -3.38 9.27 -6.71
N ALA A 65 -3.83 8.04 -6.55
CA ALA A 65 -4.08 7.48 -5.23
C ALA A 65 -2.93 7.76 -4.27
N VAL A 66 -1.75 7.98 -4.84
CA VAL A 66 -0.56 8.25 -4.04
C VAL A 66 -0.36 9.75 -3.85
N ASN A 67 -0.70 10.53 -4.87
CA ASN A 67 -0.56 11.98 -4.82
C ASN A 67 -1.58 12.58 -3.85
N THR A 68 -2.64 11.84 -3.57
CA THR A 68 -3.69 12.30 -2.67
C THR A 68 -3.30 12.05 -1.22
N SER A 69 -2.65 10.92 -0.97
CA SER A 69 -2.23 10.55 0.38
C SER A 69 -1.10 11.46 0.86
N LYS A 70 -0.39 12.07 -0.09
CA LYS A 70 0.71 12.96 0.23
C LYS A 70 0.29 14.01 1.25
N TYR A 71 -0.68 14.84 0.88
CA TYR A 71 -1.18 15.88 1.77
C TYR A 71 -2.05 15.29 2.87
N ALA A 72 -2.82 14.27 2.51
CA ALA A 72 -3.71 13.61 3.46
C ALA A 72 -2.92 13.02 4.63
N GLU A 73 -3.14 13.56 5.83
CA GLU A 73 -2.45 13.09 7.02
C GLU A 73 -3.29 12.04 7.76
N SER A 74 -4.61 12.22 7.72
CA SER A 74 -5.51 11.30 8.39
C SER A 74 -5.20 9.85 8.02
N TYR A 75 -5.07 9.60 6.71
CA TYR A 75 -4.77 8.27 6.22
C TYR A 75 -3.43 8.25 5.48
N ARG A 76 -2.94 7.04 5.18
CA ARG A 76 -1.67 6.89 4.48
C ARG A 76 -1.76 5.79 3.43
N ILE A 77 -1.36 6.10 2.21
CA ILE A 77 -1.39 5.14 1.12
C ILE A 77 0.00 4.90 0.55
N GLN A 78 0.30 3.64 0.25
CA GLN A 78 1.60 3.28 -0.31
C GLN A 78 1.50 2.02 -1.17
N THR A 79 2.52 1.78 -1.99
CA THR A 79 2.54 0.63 -2.86
C THR A 79 2.76 -0.66 -2.07
N TYR A 80 2.15 -1.75 -2.52
CA TYR A 80 2.29 -3.03 -1.85
C TYR A 80 3.74 -3.32 -1.51
N ALA A 81 4.61 -3.22 -2.51
CA ALA A 81 6.03 -3.46 -2.32
C ALA A 81 6.60 -2.57 -1.22
N GLU A 82 6.26 -1.28 -1.26
CA GLU A 82 6.74 -0.33 -0.27
C GLU A 82 6.36 -0.77 1.14
N TYR A 83 5.10 -1.16 1.31
CA TYR A 83 4.60 -1.61 2.61
C TYR A 83 5.37 -2.84 3.08
N VAL A 84 5.25 -3.93 2.33
CA VAL A 84 5.92 -5.18 2.67
C VAL A 84 7.41 -4.95 2.90
N GLY A 85 8.02 -4.15 2.04
CA GLY A 85 9.44 -3.86 2.16
C GLY A 85 9.89 -3.77 3.61
N LYS A 86 9.16 -2.99 4.39
CA LYS A 86 9.48 -2.80 5.80
C LYS A 86 9.51 -4.15 6.53
N LYS A 87 8.42 -4.88 6.43
CA LYS A 87 8.32 -6.19 7.08
C LYS A 87 9.47 -7.10 6.66
N GLN A 88 9.54 -7.39 5.36
CA GLN A 88 10.58 -8.24 4.83
C GLN A 88 11.35 -7.53 3.72
N LYS A 89 12.66 -7.80 3.65
CA LYS A 89 13.50 -7.20 2.63
C LYS A 89 14.50 -8.20 2.08
N GLY A 90 14.30 -8.60 0.83
CA GLY A 90 15.19 -9.56 0.20
C GLY A 90 16.57 -9.00 -0.06
N LYS A 91 17.05 -9.13 -1.29
CA LYS A 91 18.36 -8.62 -1.66
C LYS A 91 18.28 -7.74 -2.89
N GLN A 92 17.95 -6.46 -2.69
CA GLN A 92 17.83 -5.52 -3.79
C GLN A 92 17.82 -4.08 -3.27
N VAL A 93 18.73 -3.25 -3.78
CA VAL A 93 18.82 -1.86 -3.37
C VAL A 93 17.44 -1.26 -3.17
N LYS A 94 17.30 -0.41 -2.15
CA LYS A 94 16.03 0.23 -1.86
C LYS A 94 16.10 1.73 -2.15
N SER A 95 14.95 2.32 -2.46
CA SER A 95 14.88 3.74 -2.77
C SER A 95 13.57 4.35 -2.27
N GLY A 96 13.63 5.60 -1.83
CA GLY A 96 12.44 6.27 -1.34
C GLY A 96 12.13 7.54 -2.10
N PRO A 97 11.46 7.40 -3.25
CA PRO A 97 11.07 8.53 -4.10
C PRO A 97 10.01 9.41 -3.46
N SER A 98 9.47 8.95 -2.32
CA SER A 98 8.43 9.70 -1.62
C SER A 98 8.93 10.12 -0.23
N SER A 99 8.13 10.95 0.44
CA SER A 99 8.48 11.43 1.77
C SER A 99 9.12 10.32 2.60
N GLY A 100 10.42 10.43 2.83
CA GLY A 100 11.13 9.43 3.61
C GLY A 100 12.32 8.85 2.87
N GLY A 1 16.75 -4.86 21.99
CA GLY A 1 17.19 -3.93 20.96
C GLY A 1 16.27 -3.89 19.77
N SER A 2 16.71 -3.25 18.70
CA SER A 2 15.91 -3.15 17.48
C SER A 2 16.79 -2.85 16.27
N SER A 3 16.69 -3.71 15.25
CA SER A 3 17.48 -3.55 14.05
C SER A 3 16.76 -2.64 13.04
N GLY A 4 17.52 -2.10 12.09
CA GLY A 4 16.94 -1.24 11.09
C GLY A 4 16.12 -2.00 10.06
N SER A 5 16.48 -1.83 8.79
CA SER A 5 15.76 -2.52 7.71
C SER A 5 16.11 -4.00 7.68
N SER A 6 15.08 -4.84 7.78
CA SER A 6 15.27 -6.28 7.77
C SER A 6 14.69 -6.90 6.50
N GLY A 7 15.45 -7.83 5.90
CA GLY A 7 14.99 -8.47 4.69
C GLY A 7 15.43 -7.73 3.44
N GLY A 8 15.57 -8.45 2.34
CA GLY A 8 15.98 -7.84 1.09
C GLY A 8 15.33 -8.49 -0.12
N PRO A 9 14.14 -8.02 -0.48
CA PRO A 9 13.38 -8.55 -1.63
C PRO A 9 14.03 -8.20 -2.96
N ASP A 10 14.11 -9.17 -3.86
CA ASP A 10 14.70 -8.95 -5.17
C ASP A 10 14.05 -7.77 -5.88
N LEU A 11 14.55 -7.43 -7.07
CA LEU A 11 14.01 -6.33 -7.84
C LEU A 11 12.97 -6.82 -8.85
N GLN A 12 11.86 -7.34 -8.34
CA GLN A 12 10.80 -7.85 -9.20
C GLN A 12 9.43 -7.39 -8.69
N PRO A 13 8.51 -7.11 -9.63
CA PRO A 13 7.16 -6.66 -9.30
C PRO A 13 6.31 -7.76 -8.67
N LYS A 14 5.44 -7.38 -7.75
CA LYS A 14 4.57 -8.34 -7.07
C LYS A 14 3.43 -7.63 -6.35
N ARG A 15 2.23 -7.73 -6.92
CA ARG A 15 1.06 -7.09 -6.33
C ARG A 15 1.24 -5.58 -6.24
N ASP A 16 1.86 -5.01 -7.28
CA ASP A 16 2.10 -3.57 -7.32
C ASP A 16 0.79 -2.81 -7.37
N HIS A 17 -0.01 -3.07 -8.40
CA HIS A 17 -1.29 -2.41 -8.58
C HIS A 17 -2.04 -2.32 -7.26
N VAL A 18 -1.77 -3.26 -6.36
CA VAL A 18 -2.41 -3.29 -5.05
C VAL A 18 -1.88 -2.18 -4.16
N LEU A 19 -2.79 -1.47 -3.51
CA LEU A 19 -2.41 -0.37 -2.62
C LEU A 19 -2.68 -0.75 -1.16
N HIS A 20 -1.94 -0.13 -0.24
CA HIS A 20 -2.10 -0.39 1.18
C HIS A 20 -2.38 0.91 1.93
N VAL A 21 -3.62 1.05 2.39
CA VAL A 21 -4.03 2.24 3.13
C VAL A 21 -4.20 1.94 4.62
N THR A 22 -3.40 2.60 5.44
CA THR A 22 -3.45 2.39 6.89
C THR A 22 -4.35 3.43 7.56
N PHE A 23 -5.54 3.01 7.95
CA PHE A 23 -6.50 3.90 8.60
C PHE A 23 -6.89 3.37 9.98
N PRO A 24 -7.31 4.29 10.87
CA PRO A 24 -7.71 3.95 12.23
C PRO A 24 -9.03 3.16 12.26
N LYS A 25 -9.12 2.21 13.19
CA LYS A 25 -10.32 1.40 13.32
C LYS A 25 -11.58 2.25 13.20
N GLU A 26 -11.58 3.38 13.90
CA GLU A 26 -12.73 4.29 13.87
C GLU A 26 -13.35 4.33 12.48
N TRP A 27 -12.51 4.27 11.45
CA TRP A 27 -12.98 4.29 10.07
C TRP A 27 -14.00 3.19 9.82
N LYS A 28 -14.61 3.22 8.65
CA LYS A 28 -15.62 2.22 8.28
C LYS A 28 -15.63 1.98 6.78
N THR A 29 -16.18 0.84 6.36
CA THR A 29 -16.24 0.50 4.95
C THR A 29 -16.76 1.67 4.13
N SER A 30 -17.97 2.12 4.44
CA SER A 30 -18.59 3.24 3.73
C SER A 30 -17.57 4.33 3.46
N ASP A 31 -16.74 4.64 4.46
CA ASP A 31 -15.72 5.66 4.33
C ASP A 31 -14.72 5.30 3.23
N LEU A 32 -14.22 4.07 3.28
CA LEU A 32 -13.26 3.60 2.29
C LEU A 32 -13.81 3.76 0.87
N TYR A 33 -14.95 3.13 0.61
CA TYR A 33 -15.57 3.20 -0.69
C TYR A 33 -15.72 4.64 -1.16
N GLN A 34 -16.33 5.46 -0.33
CA GLN A 34 -16.53 6.87 -0.64
C GLN A 34 -15.21 7.54 -1.01
N LEU A 35 -14.19 7.29 -0.20
CA LEU A 35 -12.86 7.86 -0.43
C LEU A 35 -12.33 7.47 -1.81
N PHE A 36 -12.20 6.16 -2.02
CA PHE A 36 -11.70 5.65 -3.29
C PHE A 36 -12.77 5.78 -4.39
N SER A 37 -13.97 6.15 -3.98
CA SER A 37 -15.08 6.30 -4.92
C SER A 37 -14.62 7.04 -6.17
N ALA A 38 -13.80 8.07 -5.99
CA ALA A 38 -13.30 8.87 -7.09
C ALA A 38 -13.07 8.00 -8.33
N PHE A 39 -12.53 6.81 -8.12
CA PHE A 39 -12.27 5.89 -9.21
C PHE A 39 -13.52 5.10 -9.58
N GLY A 40 -14.12 4.46 -8.59
CA GLY A 40 -15.32 3.68 -8.83
C GLY A 40 -15.30 2.34 -8.10
N ASN A 41 -16.10 1.39 -8.59
CA ASN A 41 -16.16 0.07 -7.98
C ASN A 41 -14.77 -0.45 -7.63
N ILE A 42 -14.57 -0.79 -6.37
CA ILE A 42 -13.29 -1.31 -5.91
C ILE A 42 -13.48 -2.46 -4.92
N GLN A 43 -12.39 -3.17 -4.63
CA GLN A 43 -12.44 -4.29 -3.71
C GLN A 43 -11.67 -3.97 -2.43
N ILE A 44 -12.41 -3.66 -1.37
CA ILE A 44 -11.80 -3.33 -0.09
C ILE A 44 -11.57 -4.58 0.75
N SER A 45 -10.31 -4.96 0.91
CA SER A 45 -9.95 -6.14 1.68
C SER A 45 -9.53 -5.76 3.10
N TRP A 46 -10.31 -6.18 4.09
CA TRP A 46 -10.01 -5.89 5.48
C TRP A 46 -8.98 -6.86 6.04
N ILE A 47 -7.77 -6.36 6.27
CA ILE A 47 -6.69 -7.18 6.80
C ILE A 47 -6.69 -7.17 8.33
N ASP A 48 -6.39 -6.02 8.90
CA ASP A 48 -6.35 -5.87 10.35
C ASP A 48 -7.29 -4.76 10.81
N ASP A 49 -7.26 -4.47 12.10
CA ASP A 49 -8.11 -3.42 12.66
C ASP A 49 -7.74 -2.05 12.11
N THR A 50 -6.46 -1.90 11.75
CA THR A 50 -5.97 -0.64 11.21
C THR A 50 -5.23 -0.86 9.90
N SER A 51 -5.50 -1.98 9.25
CA SER A 51 -4.86 -2.31 7.98
C SER A 51 -5.89 -2.78 6.95
N ALA A 52 -5.76 -2.27 5.73
CA ALA A 52 -6.67 -2.63 4.66
C ALA A 52 -5.94 -2.74 3.33
N PHE A 53 -6.64 -3.23 2.30
CA PHE A 53 -6.06 -3.39 0.98
C PHE A 53 -6.97 -2.80 -0.09
N VAL A 54 -6.36 -2.19 -1.11
CA VAL A 54 -7.12 -1.59 -2.20
C VAL A 54 -6.53 -1.98 -3.56
N SER A 55 -7.20 -2.90 -4.24
CA SER A 55 -6.75 -3.36 -5.56
C SER A 55 -7.42 -2.57 -6.67
N LEU A 56 -6.61 -2.04 -7.58
CA LEU A 56 -7.13 -1.26 -8.70
C LEU A 56 -7.03 -2.05 -9.99
N SER A 57 -7.63 -1.52 -11.05
CA SER A 57 -7.62 -2.18 -12.36
C SER A 57 -6.30 -1.94 -13.07
N GLN A 58 -5.86 -0.69 -13.10
CA GLN A 58 -4.60 -0.33 -13.75
C GLN A 58 -3.65 0.32 -12.76
N PRO A 59 -2.33 0.10 -12.98
CA PRO A 59 -1.29 0.66 -12.12
C PRO A 59 -1.17 2.17 -12.25
N GLU A 60 -1.70 2.71 -13.34
CA GLU A 60 -1.66 4.15 -13.59
C GLU A 60 -2.31 4.92 -12.45
N GLN A 61 -3.58 4.61 -12.19
CA GLN A 61 -4.33 5.27 -11.13
C GLN A 61 -3.44 5.49 -9.90
N VAL A 62 -2.64 4.48 -9.57
CA VAL A 62 -1.74 4.57 -8.41
C VAL A 62 -1.18 5.97 -8.26
N GLN A 63 -0.42 6.40 -9.27
CA GLN A 63 0.19 7.73 -9.25
C GLN A 63 -0.75 8.75 -8.62
N ILE A 64 -1.99 8.78 -9.08
CA ILE A 64 -2.98 9.71 -8.55
C ILE A 64 -3.27 9.42 -7.08
N ALA A 65 -3.87 8.27 -6.82
CA ALA A 65 -4.20 7.87 -5.45
C ALA A 65 -3.09 8.28 -4.48
N VAL A 66 -1.85 8.06 -4.89
CA VAL A 66 -0.70 8.40 -4.05
C VAL A 66 -0.51 9.92 -3.97
N ASN A 67 -0.58 10.58 -5.13
CA ASN A 67 -0.41 12.02 -5.20
C ASN A 67 -1.31 12.72 -4.18
N THR A 68 -2.57 12.32 -4.13
CA THR A 68 -3.54 12.90 -3.21
C THR A 68 -3.28 12.44 -1.78
N SER A 69 -2.66 11.27 -1.64
CA SER A 69 -2.36 10.70 -0.33
C SER A 69 -1.15 11.42 0.29
N LYS A 70 -0.21 11.81 -0.55
CA LYS A 70 0.99 12.49 -0.09
C LYS A 70 0.64 13.57 0.94
N TYR A 71 -0.12 14.57 0.49
CA TYR A 71 -0.52 15.67 1.37
C TYR A 71 -1.44 15.16 2.47
N ALA A 72 -2.39 14.30 2.12
CA ALA A 72 -3.33 13.74 3.07
C ALA A 72 -2.62 13.33 4.36
N GLU A 73 -3.00 13.98 5.46
CA GLU A 73 -2.41 13.68 6.76
C GLU A 73 -3.27 12.70 7.56
N SER A 74 -4.58 12.95 7.54
CA SER A 74 -5.52 12.09 8.26
C SER A 74 -5.24 10.62 7.96
N TYR A 75 -5.14 10.29 6.68
CA TYR A 75 -4.89 8.92 6.26
C TYR A 75 -3.57 8.80 5.51
N ARG A 76 -3.09 7.58 5.35
CA ARG A 76 -1.83 7.33 4.65
C ARG A 76 -1.97 6.19 3.66
N ILE A 77 -1.51 6.42 2.42
CA ILE A 77 -1.59 5.40 1.39
C ILE A 77 -0.20 5.09 0.82
N GLN A 78 0.03 3.81 0.53
CA GLN A 78 1.31 3.39 -0.03
C GLN A 78 1.14 2.20 -0.96
N THR A 79 2.24 1.75 -1.56
CA THR A 79 2.21 0.62 -2.48
C THR A 79 2.30 -0.70 -1.73
N TYR A 80 1.82 -1.77 -2.36
CA TYR A 80 1.85 -3.10 -1.74
C TYR A 80 3.27 -3.44 -1.26
N ALA A 81 4.25 -3.19 -2.12
CA ALA A 81 5.64 -3.47 -1.79
C ALA A 81 6.06 -2.72 -0.53
N GLU A 82 5.67 -1.46 -0.43
CA GLU A 82 6.01 -0.64 0.73
C GLU A 82 5.55 -1.32 2.03
N TYR A 83 4.33 -1.85 2.02
CA TYR A 83 3.78 -2.51 3.19
C TYR A 83 4.51 -3.82 3.47
N VAL A 84 4.39 -4.76 2.54
CA VAL A 84 5.04 -6.06 2.68
C VAL A 84 6.53 -5.90 3.00
N GLY A 85 7.14 -4.84 2.46
CA GLY A 85 8.54 -4.60 2.71
C GLY A 85 8.93 -4.83 4.15
N LYS A 86 8.35 -4.03 5.05
CA LYS A 86 8.64 -4.14 6.47
C LYS A 86 7.97 -5.38 7.07
N LYS A 87 6.68 -5.54 6.78
CA LYS A 87 5.93 -6.68 7.29
C LYS A 87 6.69 -7.98 7.08
N GLN A 88 6.85 -8.38 5.82
CA GLN A 88 7.56 -9.61 5.49
C GLN A 88 9.03 -9.50 5.88
N LYS A 89 9.45 -10.35 6.81
CA LYS A 89 10.84 -10.35 7.26
C LYS A 89 11.26 -11.75 7.72
N GLY A 90 12.31 -12.28 7.09
CA GLY A 90 12.79 -13.59 7.44
C GLY A 90 14.30 -13.70 7.36
N LYS A 91 14.79 -14.84 6.88
CA LYS A 91 16.23 -15.06 6.74
C LYS A 91 16.60 -15.37 5.29
N GLN A 92 16.85 -14.32 4.52
CA GLN A 92 17.22 -14.48 3.12
C GLN A 92 17.60 -13.14 2.50
N VAL A 93 18.73 -13.12 1.80
CA VAL A 93 19.21 -11.90 1.16
C VAL A 93 19.24 -12.05 -0.36
N LYS A 94 18.72 -11.05 -1.06
CA LYS A 94 18.69 -11.08 -2.52
C LYS A 94 20.08 -11.30 -3.10
N SER A 95 20.16 -12.09 -4.16
CA SER A 95 21.44 -12.38 -4.80
C SER A 95 21.97 -11.17 -5.56
N GLY A 96 23.21 -10.79 -5.29
CA GLY A 96 23.80 -9.65 -5.95
C GLY A 96 22.91 -8.42 -5.90
N PRO A 97 22.96 -7.68 -4.79
CA PRO A 97 22.16 -6.47 -4.59
C PRO A 97 22.61 -5.33 -5.50
N SER A 98 21.92 -4.19 -5.40
CA SER A 98 22.25 -3.02 -6.21
C SER A 98 21.60 -1.76 -5.64
N SER A 99 22.43 -0.82 -5.19
CA SER A 99 21.94 0.42 -4.62
C SER A 99 21.97 1.54 -5.66
N GLY A 100 20.84 2.25 -5.77
CA GLY A 100 20.75 3.33 -6.73
C GLY A 100 19.71 3.09 -7.80
N GLY A 1 15.93 0.51 17.96
CA GLY A 1 15.88 -0.20 16.69
C GLY A 1 17.21 -0.16 15.96
N SER A 2 17.49 -1.22 15.20
CA SER A 2 18.74 -1.32 14.45
C SER A 2 18.47 -1.25 12.95
N SER A 3 18.74 -0.09 12.36
CA SER A 3 18.52 0.11 10.93
C SER A 3 19.84 0.00 10.17
N GLY A 4 19.85 -0.84 9.13
CA GLY A 4 21.05 -1.03 8.34
C GLY A 4 20.74 -1.49 6.93
N SER A 5 20.23 -2.71 6.81
CA SER A 5 19.90 -3.28 5.51
C SER A 5 18.85 -4.38 5.64
N SER A 6 17.69 -4.15 5.04
CA SER A 6 16.61 -5.13 5.09
C SER A 6 15.95 -5.29 3.73
N GLY A 7 16.02 -6.49 3.17
CA GLY A 7 15.43 -6.75 1.88
C GLY A 7 15.88 -5.76 0.83
N GLY A 8 15.43 -5.96 -0.41
CA GLY A 8 15.80 -5.07 -1.49
C GLY A 8 16.06 -5.81 -2.79
N PRO A 9 17.27 -6.38 -2.91
CA PRO A 9 17.67 -7.12 -4.10
C PRO A 9 16.93 -8.46 -4.24
N ASP A 10 16.02 -8.71 -3.30
CA ASP A 10 15.24 -9.94 -3.31
C ASP A 10 14.12 -9.86 -4.35
N LEU A 11 13.45 -10.98 -4.57
CA LEU A 11 12.34 -11.04 -5.53
C LEU A 11 11.04 -10.64 -4.88
N GLN A 12 10.51 -9.49 -5.27
CA GLN A 12 9.25 -9.00 -4.73
C GLN A 12 8.18 -8.90 -5.81
N PRO A 13 6.91 -9.06 -5.41
CA PRO A 13 5.77 -9.00 -6.33
C PRO A 13 5.53 -7.59 -6.86
N LYS A 14 4.89 -7.50 -8.02
CA LYS A 14 4.59 -6.22 -8.63
C LYS A 14 3.16 -5.76 -8.30
N ARG A 15 2.76 -5.97 -7.05
CA ARG A 15 1.43 -5.59 -6.61
C ARG A 15 1.25 -4.07 -6.66
N ASP A 16 1.02 -3.56 -7.87
CA ASP A 16 0.83 -2.12 -8.05
C ASP A 16 -0.60 -1.71 -7.70
N HIS A 17 -1.56 -2.26 -8.42
CA HIS A 17 -2.96 -1.95 -8.19
C HIS A 17 -3.27 -1.92 -6.70
N VAL A 18 -2.57 -2.75 -5.94
CA VAL A 18 -2.76 -2.82 -4.49
C VAL A 18 -2.14 -1.61 -3.80
N LEU A 19 -2.88 -1.04 -2.85
CA LEU A 19 -2.40 0.12 -2.11
C LEU A 19 -2.58 -0.08 -0.61
N HIS A 20 -1.49 0.12 0.13
CA HIS A 20 -1.51 -0.05 1.58
C HIS A 20 -1.98 1.23 2.26
N VAL A 21 -3.21 1.20 2.79
CA VAL A 21 -3.78 2.35 3.47
C VAL A 21 -3.97 2.08 4.96
N THR A 22 -3.33 2.90 5.80
CA THR A 22 -3.43 2.74 7.24
C THR A 22 -4.46 3.69 7.83
N PHE A 23 -5.62 3.16 8.20
CA PHE A 23 -6.69 3.98 8.77
C PHE A 23 -7.12 3.43 10.12
N PRO A 24 -7.65 4.31 10.97
CA PRO A 24 -8.12 3.93 12.32
C PRO A 24 -9.37 3.07 12.27
N LYS A 25 -9.49 2.13 13.21
CA LYS A 25 -10.64 1.25 13.28
C LYS A 25 -11.93 2.04 13.17
N GLU A 26 -11.97 3.21 13.80
CA GLU A 26 -13.15 4.06 13.77
C GLU A 26 -13.75 4.11 12.37
N TRP A 27 -12.89 3.95 11.36
CA TRP A 27 -13.33 3.99 9.97
C TRP A 27 -14.26 2.82 9.67
N LYS A 28 -14.69 2.72 8.41
CA LYS A 28 -15.59 1.65 7.99
C LYS A 28 -15.54 1.47 6.48
N THR A 29 -16.24 0.45 5.98
CA THR A 29 -16.27 0.17 4.56
C THR A 29 -16.79 1.36 3.77
N SER A 30 -17.71 2.12 4.38
CA SER A 30 -18.28 3.30 3.74
C SER A 30 -17.23 4.40 3.58
N ASP A 31 -16.32 4.48 4.53
CA ASP A 31 -15.26 5.49 4.50
C ASP A 31 -14.26 5.18 3.40
N LEU A 32 -13.86 3.92 3.30
CA LEU A 32 -12.91 3.48 2.29
C LEU A 32 -13.46 3.71 0.88
N TYR A 33 -14.62 3.13 0.61
CA TYR A 33 -15.25 3.27 -0.70
C TYR A 33 -15.52 4.73 -1.03
N GLN A 34 -15.95 5.49 -0.02
CA GLN A 34 -16.23 6.91 -0.20
C GLN A 34 -14.97 7.68 -0.59
N LEU A 35 -13.92 7.53 0.20
CA LEU A 35 -12.65 8.20 -0.08
C LEU A 35 -12.14 7.86 -1.48
N PHE A 36 -12.11 6.58 -1.79
CA PHE A 36 -11.64 6.12 -3.10
C PHE A 36 -12.74 6.29 -4.16
N SER A 37 -13.96 6.52 -3.69
CA SER A 37 -15.10 6.69 -4.59
C SER A 37 -14.68 7.44 -5.85
N ALA A 38 -13.71 8.33 -5.70
CA ALA A 38 -13.22 9.12 -6.83
C ALA A 38 -13.07 8.26 -8.08
N PHE A 39 -12.47 7.09 -7.91
CA PHE A 39 -12.26 6.17 -9.03
C PHE A 39 -13.52 5.38 -9.33
N GLY A 40 -14.04 4.69 -8.30
CA GLY A 40 -15.25 3.90 -8.46
C GLY A 40 -15.13 2.54 -7.82
N ASN A 41 -15.93 1.58 -8.31
CA ASN A 41 -15.91 0.23 -7.76
C ASN A 41 -14.48 -0.28 -7.60
N ILE A 42 -14.14 -0.64 -6.37
CA ILE A 42 -12.80 -1.15 -6.08
C ILE A 42 -12.85 -2.33 -5.12
N GLN A 43 -11.72 -3.01 -4.96
CA GLN A 43 -11.64 -4.16 -4.07
C GLN A 43 -10.92 -3.80 -2.78
N ILE A 44 -11.69 -3.65 -1.70
CA ILE A 44 -11.13 -3.30 -0.40
C ILE A 44 -10.84 -4.55 0.42
N SER A 45 -9.57 -4.94 0.49
CA SER A 45 -9.17 -6.12 1.25
C SER A 45 -8.99 -5.77 2.72
N TRP A 46 -9.72 -6.49 3.58
CA TRP A 46 -9.64 -6.26 5.03
C TRP A 46 -8.63 -7.21 5.67
N ILE A 47 -7.51 -6.66 6.14
CA ILE A 47 -6.48 -7.47 6.77
C ILE A 47 -6.72 -7.59 8.27
N ASP A 48 -6.74 -6.45 8.95
CA ASP A 48 -6.96 -6.42 10.39
C ASP A 48 -8.00 -5.37 10.76
N ASP A 49 -8.21 -5.18 12.06
CA ASP A 49 -9.18 -4.20 12.55
C ASP A 49 -8.65 -2.79 12.39
N THR A 50 -7.40 -2.68 11.95
CA THR A 50 -6.77 -1.37 11.76
C THR A 50 -6.09 -1.28 10.40
N SER A 51 -5.57 -2.41 9.94
CA SER A 51 -4.89 -2.46 8.65
C SER A 51 -5.82 -2.96 7.55
N ALA A 52 -5.74 -2.34 6.38
CA ALA A 52 -6.57 -2.73 5.25
C ALA A 52 -5.79 -2.66 3.94
N PHE A 53 -6.49 -2.90 2.83
CA PHE A 53 -5.86 -2.86 1.51
C PHE A 53 -6.82 -2.29 0.47
N VAL A 54 -6.27 -1.62 -0.54
CA VAL A 54 -7.08 -1.02 -1.59
C VAL A 54 -6.49 -1.36 -2.97
N SER A 55 -7.16 -2.27 -3.67
CA SER A 55 -6.71 -2.67 -5.00
C SER A 55 -7.44 -1.89 -6.08
N LEU A 56 -6.72 -1.57 -7.16
CA LEU A 56 -7.29 -0.82 -8.27
C LEU A 56 -7.41 -1.69 -9.52
N SER A 57 -8.07 -1.16 -10.54
CA SER A 57 -8.26 -1.89 -11.79
C SER A 57 -7.07 -1.68 -12.72
N GLN A 58 -6.62 -0.45 -12.82
CA GLN A 58 -5.48 -0.12 -13.68
C GLN A 58 -4.31 0.42 -12.85
N PRO A 59 -3.09 0.15 -13.33
CA PRO A 59 -1.87 0.60 -12.65
C PRO A 59 -1.68 2.11 -12.73
N GLU A 60 -2.18 2.71 -13.80
CA GLU A 60 -2.07 4.15 -13.99
C GLU A 60 -2.70 4.91 -12.83
N GLN A 61 -3.92 4.51 -12.46
CA GLN A 61 -4.62 5.16 -11.37
C GLN A 61 -3.75 5.23 -10.12
N VAL A 62 -3.09 4.12 -9.80
CA VAL A 62 -2.22 4.05 -8.63
C VAL A 62 -1.44 5.35 -8.45
N GLN A 63 -0.81 5.80 -9.53
CA GLN A 63 -0.03 7.04 -9.49
C GLN A 63 -0.81 8.15 -8.80
N ILE A 64 -1.99 8.44 -9.31
CA ILE A 64 -2.84 9.49 -8.75
C ILE A 64 -3.13 9.23 -7.27
N ALA A 65 -3.50 7.98 -6.97
CA ALA A 65 -3.80 7.59 -5.59
C ALA A 65 -2.68 7.99 -4.65
N VAL A 66 -1.44 7.81 -5.09
CA VAL A 66 -0.28 8.15 -4.28
C VAL A 66 -0.02 9.65 -4.30
N ASN A 67 -0.07 10.23 -5.49
CA ASN A 67 0.16 11.67 -5.66
C ASN A 67 -0.79 12.47 -4.77
N THR A 68 -2.01 11.97 -4.63
CA THR A 68 -3.02 12.64 -3.81
C THR A 68 -2.86 12.29 -2.34
N SER A 69 -2.09 11.25 -2.07
CA SER A 69 -1.86 10.80 -0.70
C SER A 69 -0.80 11.66 -0.01
N LYS A 70 0.10 12.22 -0.81
CA LYS A 70 1.16 13.09 -0.29
C LYS A 70 0.59 14.11 0.69
N TYR A 71 -0.34 14.93 0.20
CA TYR A 71 -0.95 15.96 1.02
C TYR A 71 -1.91 15.35 2.04
N ALA A 72 -2.70 14.38 1.59
CA ALA A 72 -3.65 13.71 2.46
C ALA A 72 -3.01 13.32 3.78
N GLU A 73 -3.48 13.91 4.87
CA GLU A 73 -2.95 13.62 6.20
C GLU A 73 -3.82 12.60 6.92
N SER A 74 -5.13 12.78 6.82
CA SER A 74 -6.08 11.88 7.46
C SER A 74 -5.71 10.42 7.22
N TYR A 75 -5.47 10.08 5.95
CA TYR A 75 -5.11 8.73 5.56
C TYR A 75 -3.71 8.68 4.96
N ARG A 76 -3.08 7.52 5.04
CA ARG A 76 -1.73 7.35 4.50
C ARG A 76 -1.66 6.14 3.59
N ILE A 77 -1.43 6.39 2.29
CA ILE A 77 -1.34 5.33 1.31
C ILE A 77 0.11 5.02 0.96
N GLN A 78 0.40 3.74 0.71
CA GLN A 78 1.75 3.32 0.36
C GLN A 78 1.72 2.16 -0.62
N THR A 79 2.85 1.92 -1.28
CA THR A 79 2.95 0.84 -2.26
C THR A 79 3.10 -0.51 -1.58
N TYR A 80 2.33 -1.50 -2.04
CA TYR A 80 2.39 -2.84 -1.47
C TYR A 80 3.83 -3.26 -1.18
N ALA A 81 4.68 -3.17 -2.20
CA ALA A 81 6.08 -3.52 -2.05
C ALA A 81 6.70 -2.85 -0.84
N GLU A 82 6.41 -1.55 -0.68
CA GLU A 82 6.94 -0.78 0.43
C GLU A 82 6.47 -1.36 1.77
N TYR A 83 5.20 -1.69 1.85
CA TYR A 83 4.62 -2.25 3.06
C TYR A 83 5.24 -3.60 3.39
N VAL A 84 5.04 -4.57 2.50
CA VAL A 84 5.59 -5.91 2.69
C VAL A 84 7.07 -5.86 3.02
N GLY A 85 7.82 -5.08 2.24
CA GLY A 85 9.25 -4.96 2.46
C GLY A 85 9.61 -4.96 3.93
N LYS A 86 9.02 -4.04 4.68
CA LYS A 86 9.29 -3.93 6.11
C LYS A 86 8.69 -5.13 6.86
N LYS A 87 7.43 -5.41 6.60
CA LYS A 87 6.74 -6.53 7.25
C LYS A 87 7.69 -7.72 7.44
N GLN A 88 8.26 -8.19 6.33
CA GLN A 88 9.18 -9.32 6.38
C GLN A 88 10.62 -8.83 6.52
N LYS A 89 11.34 -9.39 7.48
CA LYS A 89 12.72 -9.02 7.72
C LYS A 89 13.67 -10.18 7.41
N GLY A 90 13.38 -10.89 6.32
CA GLY A 90 14.20 -12.02 5.93
C GLY A 90 14.01 -13.23 6.83
N LYS A 91 13.22 -14.20 6.35
CA LYS A 91 12.95 -15.40 7.11
C LYS A 91 13.38 -16.64 6.34
N GLN A 92 14.55 -16.56 5.71
CA GLN A 92 15.07 -17.68 4.93
C GLN A 92 16.55 -17.46 4.60
N VAL A 93 17.29 -18.56 4.46
CA VAL A 93 18.71 -18.48 4.14
C VAL A 93 18.96 -17.55 2.96
N LYS A 94 20.22 -17.15 2.78
CA LYS A 94 20.59 -16.25 1.70
C LYS A 94 21.48 -16.97 0.69
N SER A 95 20.88 -17.43 -0.40
CA SER A 95 21.62 -18.13 -1.44
C SER A 95 22.25 -17.15 -2.43
N GLY A 96 23.57 -17.01 -2.36
CA GLY A 96 24.27 -16.09 -3.24
C GLY A 96 24.66 -14.80 -2.57
N PRO A 97 25.80 -14.82 -1.85
CA PRO A 97 26.31 -13.65 -1.14
C PRO A 97 26.80 -12.56 -2.07
N SER A 98 26.61 -11.31 -1.67
CA SER A 98 27.03 -10.17 -2.49
C SER A 98 28.43 -9.71 -2.09
N SER A 99 28.63 -9.49 -0.79
CA SER A 99 29.92 -9.05 -0.28
C SER A 99 30.69 -10.21 0.35
N GLY A 100 31.59 -10.80 -0.42
CA GLY A 100 32.37 -11.91 0.07
C GLY A 100 33.42 -11.48 1.09
N GLY A 1 -33.64 -10.95 -2.44
CA GLY A 1 -32.32 -10.71 -1.91
C GLY A 1 -31.25 -11.48 -2.64
N SER A 2 -29.99 -11.17 -2.35
CA SER A 2 -28.87 -11.84 -2.99
C SER A 2 -27.89 -12.40 -1.95
N SER A 3 -26.93 -13.18 -2.41
CA SER A 3 -25.94 -13.79 -1.52
C SER A 3 -24.67 -12.95 -1.50
N GLY A 4 -24.03 -12.81 -2.66
CA GLY A 4 -22.81 -12.03 -2.74
C GLY A 4 -21.74 -12.73 -3.56
N SER A 5 -20.48 -12.57 -3.15
CA SER A 5 -19.36 -13.18 -3.86
C SER A 5 -18.15 -13.32 -2.94
N SER A 6 -17.32 -14.32 -3.21
CA SER A 6 -16.13 -14.56 -2.40
C SER A 6 -14.91 -14.78 -3.29
N GLY A 7 -13.72 -14.60 -2.72
CA GLY A 7 -12.50 -14.79 -3.47
C GLY A 7 -12.36 -16.20 -4.02
N GLY A 8 -11.16 -16.54 -4.47
CA GLY A 8 -10.92 -17.86 -5.00
C GLY A 8 -9.55 -18.40 -4.62
N PRO A 9 -9.48 -19.73 -4.42
CA PRO A 9 -8.23 -20.40 -4.04
C PRO A 9 -7.22 -20.42 -5.19
N ASP A 10 -7.60 -19.82 -6.31
CA ASP A 10 -6.72 -19.77 -7.48
C ASP A 10 -5.65 -18.69 -7.31
N LEU A 11 -4.43 -19.00 -7.74
CA LEU A 11 -3.32 -18.06 -7.64
C LEU A 11 -3.74 -16.68 -8.13
N GLN A 12 -3.00 -15.66 -7.70
CA GLN A 12 -3.29 -14.29 -8.10
C GLN A 12 -2.08 -13.67 -8.80
N PRO A 13 -2.36 -12.82 -9.81
CA PRO A 13 -1.31 -12.15 -10.58
C PRO A 13 -0.59 -11.08 -9.77
N LYS A 14 0.30 -10.35 -10.42
CA LYS A 14 1.06 -9.29 -9.75
C LYS A 14 0.20 -8.58 -8.72
N ARG A 15 0.84 -8.06 -7.68
CA ARG A 15 0.13 -7.35 -6.61
C ARG A 15 0.74 -5.97 -6.39
N ASP A 16 1.09 -5.31 -7.48
CA ASP A 16 1.68 -3.97 -7.40
C ASP A 16 0.60 -2.89 -7.34
N HIS A 17 -0.40 -3.03 -8.22
CA HIS A 17 -1.50 -2.07 -8.27
C HIS A 17 -2.16 -1.93 -6.90
N VAL A 18 -1.93 -2.91 -6.03
CA VAL A 18 -2.50 -2.89 -4.69
C VAL A 18 -1.89 -1.77 -3.84
N LEU A 19 -2.75 -0.94 -3.26
CA LEU A 19 -2.30 0.16 -2.43
C LEU A 19 -2.60 -0.10 -0.96
N HIS A 20 -1.56 -0.03 -0.12
CA HIS A 20 -1.72 -0.25 1.31
C HIS A 20 -2.21 1.00 2.00
N VAL A 21 -3.47 0.99 2.43
CA VAL A 21 -4.05 2.13 3.12
C VAL A 21 -4.31 1.82 4.59
N THR A 22 -3.59 2.49 5.47
CA THR A 22 -3.74 2.28 6.90
C THR A 22 -4.63 3.36 7.53
N PHE A 23 -5.83 2.96 7.96
CA PHE A 23 -6.77 3.89 8.56
C PHE A 23 -7.15 3.42 9.97
N PRO A 24 -7.58 4.38 10.81
CA PRO A 24 -7.98 4.09 12.19
C PRO A 24 -9.29 3.31 12.26
N LYS A 25 -9.36 2.37 13.20
CA LYS A 25 -10.55 1.56 13.38
C LYS A 25 -11.82 2.39 13.20
N GLU A 26 -11.86 3.54 13.86
CA GLU A 26 -13.01 4.43 13.77
C GLU A 26 -13.63 4.38 12.37
N TRP A 27 -12.78 4.36 11.36
CA TRP A 27 -13.24 4.31 9.98
C TRP A 27 -14.26 3.20 9.77
N LYS A 28 -14.76 3.08 8.55
CA LYS A 28 -15.75 2.06 8.23
C LYS A 28 -15.76 1.77 6.72
N THR A 29 -16.29 0.61 6.35
CA THR A 29 -16.37 0.21 4.96
C THR A 29 -16.84 1.37 4.09
N SER A 30 -18.00 1.93 4.43
CA SER A 30 -18.57 3.04 3.68
C SER A 30 -17.53 4.16 3.49
N ASP A 31 -16.69 4.35 4.51
CA ASP A 31 -15.66 5.38 4.47
C ASP A 31 -14.65 5.08 3.36
N LEU A 32 -14.21 3.83 3.29
CA LEU A 32 -13.24 3.41 2.29
C LEU A 32 -13.78 3.65 0.89
N TYR A 33 -14.87 2.97 0.56
CA TYR A 33 -15.48 3.09 -0.77
C TYR A 33 -15.68 4.56 -1.13
N GLN A 34 -16.28 5.32 -0.21
CA GLN A 34 -16.52 6.74 -0.43
C GLN A 34 -15.23 7.46 -0.79
N LEU A 35 -14.17 7.20 -0.03
CA LEU A 35 -12.89 7.83 -0.26
C LEU A 35 -12.39 7.55 -1.68
N PHE A 36 -12.07 6.29 -1.95
CA PHE A 36 -11.58 5.88 -3.26
C PHE A 36 -12.66 6.08 -4.32
N SER A 37 -13.89 6.32 -3.87
CA SER A 37 -15.01 6.51 -4.78
C SER A 37 -14.59 7.30 -6.01
N ALA A 38 -13.64 8.21 -5.83
CA ALA A 38 -13.14 9.03 -6.92
C ALA A 38 -13.00 8.21 -8.21
N PHE A 39 -12.49 6.99 -8.06
CA PHE A 39 -12.31 6.10 -9.21
C PHE A 39 -13.61 5.37 -9.54
N GLY A 40 -14.15 4.68 -8.54
CA GLY A 40 -15.37 3.93 -8.74
C GLY A 40 -15.35 2.57 -8.07
N ASN A 41 -16.02 1.60 -8.68
CA ASN A 41 -16.07 0.25 -8.14
C ASN A 41 -14.66 -0.27 -7.84
N ILE A 42 -14.44 -0.64 -6.58
CA ILE A 42 -13.14 -1.15 -6.16
C ILE A 42 -13.29 -2.32 -5.21
N GLN A 43 -12.17 -2.93 -4.84
CA GLN A 43 -12.18 -4.07 -3.93
C GLN A 43 -11.44 -3.74 -2.64
N ILE A 44 -12.18 -3.60 -1.55
CA ILE A 44 -11.58 -3.28 -0.25
C ILE A 44 -11.29 -4.55 0.54
N SER A 45 -10.02 -4.77 0.84
CA SER A 45 -9.60 -5.95 1.60
C SER A 45 -9.28 -5.59 3.05
N TRP A 46 -9.94 -6.27 3.98
CA TRP A 46 -9.73 -6.02 5.40
C TRP A 46 -8.65 -6.95 5.96
N ILE A 47 -7.49 -6.37 6.28
CA ILE A 47 -6.39 -7.13 6.83
C ILE A 47 -6.43 -7.17 8.35
N ASP A 48 -6.29 -6.00 8.97
CA ASP A 48 -6.32 -5.90 10.42
C ASP A 48 -7.29 -4.81 10.87
N ASP A 49 -7.34 -4.54 12.17
CA ASP A 49 -8.22 -3.54 12.72
C ASP A 49 -7.94 -2.17 12.11
N THR A 50 -6.66 -1.91 11.81
CA THR A 50 -6.25 -0.64 11.23
C THR A 50 -5.45 -0.85 9.96
N SER A 51 -5.57 -2.06 9.39
CA SER A 51 -4.86 -2.40 8.16
C SER A 51 -5.82 -2.86 7.07
N ALA A 52 -5.73 -2.25 5.90
CA ALA A 52 -6.60 -2.61 4.78
C ALA A 52 -5.82 -2.59 3.47
N PHE A 53 -6.50 -2.98 2.39
CA PHE A 53 -5.88 -3.01 1.07
C PHE A 53 -6.85 -2.50 0.00
N VAL A 54 -6.30 -1.90 -1.04
CA VAL A 54 -7.12 -1.38 -2.13
C VAL A 54 -6.55 -1.77 -3.49
N SER A 55 -7.27 -2.62 -4.20
CA SER A 55 -6.83 -3.09 -5.52
C SER A 55 -7.57 -2.34 -6.62
N LEU A 56 -6.82 -1.87 -7.62
CA LEU A 56 -7.41 -1.15 -8.74
C LEU A 56 -7.39 -2.00 -10.01
N SER A 57 -7.94 -1.46 -11.10
CA SER A 57 -7.99 -2.17 -12.36
C SER A 57 -6.69 -1.98 -13.15
N GLN A 58 -6.11 -0.78 -13.05
CA GLN A 58 -4.87 -0.47 -13.74
C GLN A 58 -3.89 0.23 -12.81
N PRO A 59 -2.59 0.14 -13.13
CA PRO A 59 -1.54 0.78 -12.35
C PRO A 59 -1.56 2.30 -12.45
N GLU A 60 -1.79 2.80 -13.66
CA GLU A 60 -1.83 4.23 -13.90
C GLU A 60 -2.46 4.96 -12.71
N GLN A 61 -3.57 4.43 -12.22
CA GLN A 61 -4.27 5.03 -11.09
C GLN A 61 -3.35 5.12 -9.87
N VAL A 62 -2.60 4.05 -9.63
CA VAL A 62 -1.68 4.02 -8.50
C VAL A 62 -1.04 5.37 -8.26
N GLN A 63 -0.47 5.95 -9.33
CA GLN A 63 0.18 7.24 -9.23
C GLN A 63 -0.75 8.28 -8.60
N ILE A 64 -1.92 8.47 -9.21
CA ILE A 64 -2.89 9.43 -8.72
C ILE A 64 -3.24 9.16 -7.26
N ALA A 65 -3.84 7.99 -7.01
CA ALA A 65 -4.22 7.60 -5.66
C ALA A 65 -3.15 8.00 -4.66
N VAL A 66 -1.89 7.75 -5.00
CA VAL A 66 -0.78 8.09 -4.12
C VAL A 66 -0.58 9.60 -4.05
N ASN A 67 -0.59 10.25 -5.20
CA ASN A 67 -0.42 11.70 -5.27
C ASN A 67 -1.23 12.39 -4.18
N THR A 68 -2.54 12.18 -4.20
CA THR A 68 -3.43 12.78 -3.22
C THR A 68 -3.01 12.43 -1.80
N SER A 69 -2.62 11.17 -1.60
CA SER A 69 -2.19 10.70 -0.28
C SER A 69 -1.05 11.57 0.26
N LYS A 70 -0.18 12.02 -0.64
CA LYS A 70 0.95 12.86 -0.26
C LYS A 70 0.53 13.91 0.77
N TYR A 71 -0.38 14.79 0.36
CA TYR A 71 -0.86 15.85 1.24
C TYR A 71 -1.70 15.27 2.38
N ALA A 72 -2.59 14.35 2.04
CA ALA A 72 -3.44 13.71 3.03
C ALA A 72 -2.64 13.26 4.25
N GLU A 73 -2.92 13.88 5.40
CA GLU A 73 -2.22 13.54 6.63
C GLU A 73 -3.06 12.61 7.49
N SER A 74 -4.37 12.85 7.51
CA SER A 74 -5.28 12.03 8.30
C SER A 74 -5.03 10.54 8.07
N TYR A 75 -4.93 10.16 6.80
CA TYR A 75 -4.70 8.77 6.43
C TYR A 75 -3.40 8.63 5.65
N ARG A 76 -2.86 7.41 5.63
CA ARG A 76 -1.62 7.14 4.91
C ARG A 76 -1.83 6.06 3.86
N ILE A 77 -1.31 6.29 2.66
CA ILE A 77 -1.43 5.34 1.57
C ILE A 77 -0.09 5.12 0.87
N GLN A 78 0.23 3.86 0.61
CA GLN A 78 1.48 3.51 -0.06
C GLN A 78 1.31 2.28 -0.95
N THR A 79 2.37 1.92 -1.64
CA THR A 79 2.34 0.74 -2.53
C THR A 79 2.56 -0.54 -1.75
N TYR A 80 1.91 -1.62 -2.19
CA TYR A 80 2.04 -2.90 -1.54
C TYR A 80 3.44 -3.11 -0.99
N ALA A 81 4.44 -2.88 -1.85
CA ALA A 81 5.83 -3.03 -1.45
C ALA A 81 6.20 -2.07 -0.33
N GLU A 82 5.91 -0.79 -0.54
CA GLU A 82 6.21 0.23 0.47
C GLU A 82 5.82 -0.25 1.86
N TYR A 83 4.84 -1.14 1.93
CA TYR A 83 4.37 -1.68 3.20
C TYR A 83 5.25 -2.83 3.66
N VAL A 84 5.08 -3.99 3.03
CA VAL A 84 5.86 -5.17 3.36
C VAL A 84 7.34 -4.84 3.46
N GLY A 85 7.76 -3.76 2.81
CA GLY A 85 9.15 -3.36 2.82
C GLY A 85 9.62 -3.01 4.22
N LYS A 86 8.92 -2.09 4.87
CA LYS A 86 9.29 -1.66 6.22
C LYS A 86 9.73 -2.86 7.07
N LYS A 87 8.90 -3.90 7.09
CA LYS A 87 9.21 -5.10 7.85
C LYS A 87 10.58 -5.67 7.45
N GLN A 88 10.64 -6.23 6.25
CA GLN A 88 11.88 -6.81 5.75
C GLN A 88 12.97 -5.75 5.63
N LYS A 89 14.22 -6.19 5.61
CA LYS A 89 15.36 -5.28 5.49
C LYS A 89 16.37 -5.78 4.47
N GLY A 90 16.42 -5.11 3.32
CA GLY A 90 17.34 -5.52 2.27
C GLY A 90 16.94 -4.99 0.91
N LYS A 91 16.61 -3.70 0.85
CA LYS A 91 16.21 -3.06 -0.40
C LYS A 91 16.18 -1.55 -0.26
N GLN A 92 17.11 -0.88 -0.93
CA GLN A 92 17.19 0.58 -0.88
C GLN A 92 17.86 1.13 -2.13
N VAL A 93 17.22 2.11 -2.76
CA VAL A 93 17.75 2.73 -3.97
C VAL A 93 17.92 4.23 -3.79
N LYS A 94 18.84 4.82 -4.56
CA LYS A 94 19.10 6.25 -4.49
C LYS A 94 17.83 7.05 -4.79
N SER A 95 17.10 7.39 -3.74
CA SER A 95 15.86 8.16 -3.90
C SER A 95 15.78 9.26 -2.85
N GLY A 96 14.99 10.29 -3.16
CA GLY A 96 14.84 11.41 -2.23
C GLY A 96 13.38 11.74 -1.97
N PRO A 97 13.08 12.11 -0.71
CA PRO A 97 11.71 12.46 -0.30
C PRO A 97 11.26 13.78 -0.91
N SER A 98 9.94 13.96 -0.98
CA SER A 98 9.37 15.18 -1.54
C SER A 98 7.85 15.21 -1.35
N SER A 99 7.38 16.14 -0.52
CA SER A 99 5.96 16.27 -0.26
C SER A 99 5.56 17.73 -0.09
N GLY A 100 4.27 17.98 0.07
CA GLY A 100 3.79 19.34 0.23
C GLY A 100 3.18 19.90 -1.04
N GLY A 1 10.14 3.53 12.01
CA GLY A 1 10.77 2.77 10.94
C GLY A 1 12.28 2.70 11.10
N SER A 2 12.95 2.11 10.11
CA SER A 2 14.40 1.97 10.15
C SER A 2 15.03 2.48 8.85
N SER A 3 16.30 2.86 8.93
CA SER A 3 17.02 3.37 7.77
C SER A 3 17.81 2.26 7.09
N GLY A 4 17.43 1.94 5.85
CA GLY A 4 18.12 0.89 5.11
C GLY A 4 17.78 0.91 3.64
N SER A 5 18.80 1.06 2.79
CA SER A 5 18.60 1.10 1.36
C SER A 5 19.38 -0.03 0.67
N SER A 6 18.65 -1.00 0.15
CA SER A 6 19.27 -2.14 -0.53
C SER A 6 18.44 -2.58 -1.72
N GLY A 7 19.01 -2.45 -2.92
CA GLY A 7 18.30 -2.85 -4.13
C GLY A 7 19.24 -3.30 -5.23
N GLY A 8 19.26 -4.60 -5.48
CA GLY A 8 20.13 -5.14 -6.51
C GLY A 8 19.54 -5.00 -7.90
N PRO A 9 18.79 -6.02 -8.35
CA PRO A 9 18.16 -6.03 -9.66
C PRO A 9 17.01 -5.02 -9.76
N ASP A 10 17.15 -4.07 -10.67
CA ASP A 10 16.12 -3.05 -10.86
C ASP A 10 14.95 -3.59 -11.67
N LEU A 11 13.81 -3.78 -11.02
CA LEU A 11 12.62 -4.31 -11.69
C LEU A 11 11.36 -3.69 -11.10
N GLN A 12 10.24 -3.86 -11.81
CA GLN A 12 8.97 -3.32 -11.36
C GLN A 12 8.46 -4.07 -10.14
N PRO A 13 7.81 -3.33 -9.22
CA PRO A 13 7.26 -3.90 -7.99
C PRO A 13 6.06 -4.80 -8.25
N LYS A 14 5.84 -5.76 -7.35
CA LYS A 14 4.72 -6.69 -7.49
C LYS A 14 3.49 -6.17 -6.77
N ARG A 15 2.32 -6.46 -7.33
CA ARG A 15 1.05 -6.01 -6.75
C ARG A 15 0.97 -4.49 -6.73
N ASP A 16 1.36 -3.87 -7.84
CA ASP A 16 1.33 -2.41 -7.95
C ASP A 16 -0.08 -1.87 -7.69
N HIS A 17 -1.04 -2.33 -8.49
CA HIS A 17 -2.42 -1.88 -8.34
C HIS A 17 -2.83 -1.87 -6.87
N VAL A 18 -2.34 -2.83 -6.11
CA VAL A 18 -2.65 -2.91 -4.68
C VAL A 18 -2.04 -1.75 -3.91
N LEU A 19 -2.84 -1.12 -3.07
CA LEU A 19 -2.37 0.01 -2.26
C LEU A 19 -2.63 -0.23 -0.78
N HIS A 20 -1.61 -0.01 0.03
CA HIS A 20 -1.72 -0.20 1.47
C HIS A 20 -2.15 1.10 2.16
N VAL A 21 -3.39 1.14 2.62
CA VAL A 21 -3.92 2.32 3.30
C VAL A 21 -4.09 2.07 4.80
N THR A 22 -3.32 2.80 5.60
CA THR A 22 -3.38 2.66 7.05
C THR A 22 -4.33 3.68 7.66
N PHE A 23 -5.49 3.22 8.08
CA PHE A 23 -6.49 4.09 8.70
C PHE A 23 -6.92 3.57 10.06
N PRO A 24 -7.40 4.48 10.92
CA PRO A 24 -7.84 4.14 12.28
C PRO A 24 -9.12 3.32 12.27
N LYS A 25 -9.28 2.45 13.26
CA LYS A 25 -10.45 1.60 13.38
C LYS A 25 -11.73 2.43 13.27
N GLU A 26 -11.69 3.63 13.85
CA GLU A 26 -12.85 4.52 13.81
C GLU A 26 -13.46 4.57 12.42
N TRP A 27 -12.66 4.22 11.42
CA TRP A 27 -13.13 4.22 10.03
C TRP A 27 -14.11 3.10 9.79
N LYS A 28 -14.56 2.97 8.54
CA LYS A 28 -15.51 1.92 8.18
C LYS A 28 -15.54 1.73 6.66
N THR A 29 -16.15 0.63 6.22
CA THR A 29 -16.25 0.32 4.80
C THR A 29 -16.70 1.54 4.01
N SER A 30 -17.87 2.08 4.37
CA SER A 30 -18.42 3.25 3.70
C SER A 30 -17.35 4.33 3.52
N ASP A 31 -16.42 4.38 4.47
CA ASP A 31 -15.35 5.37 4.44
C ASP A 31 -14.34 5.03 3.33
N LEU A 32 -13.95 3.77 3.27
CA LEU A 32 -13.00 3.32 2.25
C LEU A 32 -13.54 3.54 0.85
N TYR A 33 -14.66 2.88 0.55
CA TYR A 33 -15.29 3.01 -0.76
C TYR A 33 -15.50 4.46 -1.13
N GLN A 34 -16.04 5.24 -0.19
CA GLN A 34 -16.29 6.65 -0.41
C GLN A 34 -15.02 7.38 -0.84
N LEU A 35 -13.96 7.24 -0.04
CA LEU A 35 -12.69 7.89 -0.34
C LEU A 35 -12.21 7.49 -1.73
N PHE A 36 -12.17 6.20 -2.01
CA PHE A 36 -11.73 5.69 -3.31
C PHE A 36 -12.82 5.87 -4.36
N SER A 37 -14.01 6.24 -3.91
CA SER A 37 -15.15 6.43 -4.81
C SER A 37 -14.72 7.20 -6.06
N ALA A 38 -13.78 8.13 -5.89
CA ALA A 38 -13.28 8.93 -7.00
C ALA A 38 -13.12 8.08 -8.25
N PHE A 39 -12.58 6.87 -8.09
CA PHE A 39 -12.37 5.97 -9.21
C PHE A 39 -13.65 5.19 -9.53
N GLY A 40 -14.20 4.52 -8.52
CA GLY A 40 -15.41 3.76 -8.72
C GLY A 40 -15.36 2.40 -8.03
N ASN A 41 -16.12 1.44 -8.55
CA ASN A 41 -16.16 0.10 -7.98
C ASN A 41 -14.75 -0.44 -7.76
N ILE A 42 -14.46 -0.86 -6.54
CA ILE A 42 -13.15 -1.39 -6.20
C ILE A 42 -13.28 -2.60 -5.26
N GLN A 43 -12.15 -3.22 -4.96
CA GLN A 43 -12.13 -4.38 -4.08
C GLN A 43 -11.35 -4.08 -2.80
N ILE A 44 -12.07 -3.83 -1.71
CA ILE A 44 -11.46 -3.53 -0.43
C ILE A 44 -11.17 -4.81 0.35
N SER A 45 -9.90 -5.05 0.64
CA SER A 45 -9.48 -6.24 1.38
C SER A 45 -9.26 -5.90 2.85
N TRP A 46 -10.04 -6.54 3.72
CA TRP A 46 -9.93 -6.32 5.16
C TRP A 46 -8.92 -7.26 5.78
N ILE A 47 -7.77 -6.72 6.16
CA ILE A 47 -6.71 -7.52 6.77
C ILE A 47 -6.84 -7.54 8.29
N ASP A 48 -6.86 -6.36 8.90
CA ASP A 48 -6.99 -6.23 10.34
C ASP A 48 -7.94 -5.09 10.71
N ASP A 49 -8.04 -4.82 12.01
CA ASP A 49 -8.91 -3.75 12.49
C ASP A 49 -8.29 -2.38 12.25
N THR A 50 -6.98 -2.38 11.97
CA THR A 50 -6.26 -1.14 11.72
C THR A 50 -5.40 -1.25 10.47
N SER A 51 -5.70 -2.24 9.64
CA SER A 51 -4.95 -2.46 8.40
C SER A 51 -5.86 -2.99 7.30
N ALA A 52 -5.83 -2.35 6.14
CA ALA A 52 -6.65 -2.76 5.01
C ALA A 52 -5.87 -2.63 3.70
N PHE A 53 -6.47 -3.13 2.62
CA PHE A 53 -5.84 -3.06 1.30
C PHE A 53 -6.80 -2.49 0.27
N VAL A 54 -6.25 -1.89 -0.78
CA VAL A 54 -7.05 -1.30 -1.85
C VAL A 54 -6.48 -1.63 -3.21
N SER A 55 -7.18 -2.51 -3.94
CA SER A 55 -6.74 -2.92 -5.27
C SER A 55 -7.50 -2.15 -6.35
N LEU A 56 -6.79 -1.77 -7.40
CA LEU A 56 -7.40 -1.03 -8.51
C LEU A 56 -7.40 -1.87 -9.78
N SER A 57 -8.03 -1.34 -10.82
CA SER A 57 -8.10 -2.04 -12.11
C SER A 57 -6.84 -1.79 -12.93
N GLN A 58 -6.41 -0.54 -12.98
CA GLN A 58 -5.22 -0.17 -13.73
C GLN A 58 -4.13 0.37 -12.81
N PRO A 59 -2.86 0.23 -13.23
CA PRO A 59 -1.71 0.70 -12.46
C PRO A 59 -1.64 2.22 -12.40
N GLU A 60 -1.95 2.87 -13.51
CA GLU A 60 -1.92 4.32 -13.58
C GLU A 60 -2.54 4.94 -12.34
N GLN A 61 -3.77 4.53 -12.02
CA GLN A 61 -4.47 5.04 -10.85
C GLN A 61 -3.54 5.18 -9.66
N VAL A 62 -2.71 4.16 -9.44
CA VAL A 62 -1.76 4.17 -8.34
C VAL A 62 -1.15 5.55 -8.15
N GLN A 63 -0.42 6.01 -9.16
CA GLN A 63 0.21 7.32 -9.10
C GLN A 63 -0.76 8.39 -8.61
N ILE A 64 -1.82 8.61 -9.38
CA ILE A 64 -2.83 9.60 -9.02
C ILE A 64 -3.19 9.50 -7.54
N ALA A 65 -3.55 8.32 -7.10
CA ALA A 65 -3.92 8.09 -5.71
C ALA A 65 -2.79 8.53 -4.77
N VAL A 66 -1.58 8.05 -5.04
CA VAL A 66 -0.43 8.39 -4.21
C VAL A 66 -0.25 9.91 -4.13
N ASN A 67 -0.29 10.56 -5.29
CA ASN A 67 -0.12 12.01 -5.34
C ASN A 67 -1.01 12.70 -4.31
N THR A 68 -2.30 12.36 -4.34
CA THR A 68 -3.26 12.96 -3.41
C THR A 68 -3.04 12.44 -1.99
N SER A 69 -2.39 11.28 -1.88
CA SER A 69 -2.11 10.68 -0.57
C SER A 69 -0.95 11.40 0.11
N LYS A 70 -0.07 12.01 -0.68
CA LYS A 70 1.08 12.72 -0.16
C LYS A 70 0.66 13.76 0.87
N TYR A 71 -0.09 14.76 0.42
CA TYR A 71 -0.57 15.82 1.30
C TYR A 71 -1.48 15.26 2.39
N ALA A 72 -2.39 14.39 1.98
CA ALA A 72 -3.32 13.77 2.92
C ALA A 72 -2.62 13.37 4.21
N GLU A 73 -3.03 13.97 5.32
CA GLU A 73 -2.44 13.68 6.62
C GLU A 73 -3.30 12.68 7.40
N SER A 74 -4.61 12.91 7.38
CA SER A 74 -5.54 12.03 8.08
C SER A 74 -5.34 10.57 7.67
N TYR A 75 -5.28 10.33 6.37
CA TYR A 75 -5.09 8.99 5.85
C TYR A 75 -3.76 8.87 5.10
N ARG A 76 -3.16 7.69 5.19
CA ARG A 76 -1.88 7.44 4.52
C ARG A 76 -1.99 6.28 3.55
N ILE A 77 -1.54 6.50 2.32
CA ILE A 77 -1.58 5.47 1.30
C ILE A 77 -0.20 5.19 0.72
N GLN A 78 0.09 3.93 0.45
CA GLN A 78 1.39 3.53 -0.10
C GLN A 78 1.23 2.37 -1.09
N THR A 79 2.33 2.00 -1.72
CA THR A 79 2.32 0.91 -2.68
C THR A 79 2.68 -0.42 -2.03
N TYR A 80 2.07 -1.50 -2.51
CA TYR A 80 2.33 -2.82 -1.96
C TYR A 80 3.80 -2.99 -1.60
N ALA A 81 4.66 -2.76 -2.57
CA ALA A 81 6.10 -2.88 -2.36
C ALA A 81 6.52 -2.25 -1.04
N GLU A 82 6.04 -1.02 -0.80
CA GLU A 82 6.37 -0.30 0.42
C GLU A 82 5.91 -1.09 1.65
N TYR A 83 4.72 -1.67 1.56
CA TYR A 83 4.16 -2.45 2.67
C TYR A 83 5.05 -3.65 2.99
N VAL A 84 5.22 -4.52 1.99
CA VAL A 84 6.04 -5.71 2.16
C VAL A 84 7.44 -5.36 2.67
N GLY A 85 7.98 -4.25 2.18
CA GLY A 85 9.29 -3.82 2.58
C GLY A 85 9.39 -3.60 4.08
N LYS A 86 8.35 -3.00 4.66
CA LYS A 86 8.33 -2.74 6.09
C LYS A 86 7.94 -3.99 6.87
N LYS A 87 6.71 -4.47 6.64
CA LYS A 87 6.22 -5.66 7.31
C LYS A 87 7.28 -6.75 7.34
N GLN A 88 8.04 -6.87 6.24
CA GLN A 88 9.09 -7.87 6.14
C GLN A 88 10.15 -7.67 7.23
N LYS A 89 10.79 -8.75 7.62
CA LYS A 89 11.83 -8.70 8.65
C LYS A 89 13.04 -9.53 8.25
N GLY A 90 14.12 -8.85 7.88
CA GLY A 90 15.33 -9.55 7.47
C GLY A 90 16.48 -9.30 8.43
N LYS A 91 17.69 -9.18 7.88
CA LYS A 91 18.88 -8.94 8.69
C LYS A 91 20.05 -8.52 7.81
N GLN A 92 20.60 -7.35 8.08
CA GLN A 92 21.73 -6.82 7.32
C GLN A 92 22.28 -5.56 7.96
N VAL A 93 23.61 -5.49 8.07
CA VAL A 93 24.27 -4.33 8.66
C VAL A 93 25.22 -3.67 7.66
N LYS A 94 25.31 -2.35 7.73
CA LYS A 94 26.18 -1.60 6.84
C LYS A 94 27.62 -2.08 6.96
N SER A 95 28.16 -2.61 5.87
CA SER A 95 29.53 -3.10 5.85
C SER A 95 30.51 -1.98 6.17
N GLY A 96 31.30 -2.15 7.23
CA GLY A 96 32.27 -1.15 7.62
C GLY A 96 31.76 -0.25 8.72
N PRO A 97 32.70 0.38 9.46
CA PRO A 97 32.36 1.27 10.56
C PRO A 97 31.74 2.58 10.09
N SER A 98 32.36 3.19 9.08
CA SER A 98 31.87 4.45 8.53
C SER A 98 31.41 4.27 7.09
N SER A 99 30.30 4.92 6.74
CA SER A 99 29.75 4.83 5.39
C SER A 99 30.65 5.57 4.40
N GLY A 100 31.05 4.86 3.34
CA GLY A 100 31.89 5.47 2.32
C GLY A 100 33.34 5.03 2.45
N GLY A 1 11.65 -3.70 17.38
CA GLY A 1 11.19 -2.33 17.55
C GLY A 1 12.00 -1.35 16.75
N SER A 2 12.02 -1.53 15.43
CA SER A 2 12.78 -0.65 14.54
C SER A 2 12.16 -0.63 13.15
N SER A 3 12.68 0.24 12.29
CA SER A 3 12.18 0.37 10.93
C SER A 3 13.32 0.58 9.95
N GLY A 4 13.01 0.49 8.65
CA GLY A 4 14.03 0.68 7.64
C GLY A 4 13.98 -0.40 6.57
N SER A 5 14.55 -0.10 5.40
CA SER A 5 14.57 -1.05 4.30
C SER A 5 15.56 -0.61 3.22
N SER A 6 16.42 -1.54 2.81
CA SER A 6 17.42 -1.27 1.79
C SER A 6 17.01 -1.85 0.44
N GLY A 7 16.47 -1.00 -0.43
CA GLY A 7 16.05 -1.46 -1.74
C GLY A 7 17.22 -1.83 -2.64
N GLY A 8 17.06 -2.91 -3.40
CA GLY A 8 18.12 -3.35 -4.29
C GLY A 8 17.58 -3.96 -5.56
N PRO A 9 18.49 -4.28 -6.50
CA PRO A 9 18.13 -4.88 -7.79
C PRO A 9 17.65 -6.32 -7.64
N ASP A 10 16.36 -6.54 -7.90
CA ASP A 10 15.78 -7.88 -7.80
C ASP A 10 14.43 -7.93 -8.49
N LEU A 11 13.95 -9.14 -8.75
CA LEU A 11 12.67 -9.33 -9.42
C LEU A 11 11.51 -9.17 -8.44
N GLN A 12 10.85 -8.02 -8.51
CA GLN A 12 9.72 -7.74 -7.62
C GLN A 12 8.40 -8.06 -8.31
N PRO A 13 7.39 -8.42 -7.50
CA PRO A 13 6.06 -8.77 -8.01
C PRO A 13 5.31 -7.55 -8.55
N LYS A 14 4.30 -7.81 -9.38
CA LYS A 14 3.51 -6.75 -9.98
C LYS A 14 2.40 -6.29 -9.03
N ARG A 15 2.77 -6.06 -7.76
CA ARG A 15 1.81 -5.63 -6.77
C ARG A 15 1.67 -4.11 -6.76
N ASP A 16 1.65 -3.52 -7.95
CA ASP A 16 1.53 -2.07 -8.08
C ASP A 16 0.08 -1.63 -7.92
N HIS A 17 -0.79 -2.16 -8.78
CA HIS A 17 -2.21 -1.82 -8.74
C HIS A 17 -2.70 -1.73 -7.30
N VAL A 18 -2.22 -2.64 -6.46
CA VAL A 18 -2.61 -2.67 -5.05
C VAL A 18 -1.99 -1.50 -4.28
N LEU A 19 -2.72 -0.99 -3.30
CA LEU A 19 -2.26 0.12 -2.49
C LEU A 19 -2.45 -0.15 -1.01
N HIS A 20 -1.40 0.06 -0.23
CA HIS A 20 -1.46 -0.16 1.22
C HIS A 20 -1.97 1.08 1.94
N VAL A 21 -3.20 0.98 2.46
CA VAL A 21 -3.80 2.10 3.18
C VAL A 21 -4.07 1.74 4.64
N THR A 22 -3.51 2.53 5.55
CA THR A 22 -3.69 2.30 6.98
C THR A 22 -4.55 3.38 7.61
N PHE A 23 -5.74 3.00 8.03
CA PHE A 23 -6.67 3.94 8.66
C PHE A 23 -7.08 3.45 10.05
N PRO A 24 -7.51 4.40 10.90
CA PRO A 24 -7.95 4.09 12.27
C PRO A 24 -9.27 3.32 12.30
N LYS A 25 -9.43 2.47 13.31
CA LYS A 25 -10.64 1.67 13.45
C LYS A 25 -11.88 2.54 13.28
N GLU A 26 -11.87 3.73 13.88
CA GLU A 26 -13.00 4.64 13.80
C GLU A 26 -13.58 4.65 12.38
N TRP A 27 -12.75 4.31 11.41
CA TRP A 27 -13.18 4.28 10.01
C TRP A 27 -14.17 3.14 9.78
N LYS A 28 -14.57 2.97 8.52
CA LYS A 28 -15.53 1.92 8.16
C LYS A 28 -15.55 1.71 6.65
N THR A 29 -16.13 0.60 6.23
CA THR A 29 -16.22 0.28 4.81
C THR A 29 -16.77 1.45 4.01
N SER A 30 -17.89 2.01 4.46
CA SER A 30 -18.50 3.15 3.80
C SER A 30 -17.48 4.26 3.54
N ASP A 31 -16.60 4.46 4.50
CA ASP A 31 -15.57 5.48 4.39
C ASP A 31 -14.58 5.15 3.27
N LEU A 32 -14.17 3.89 3.21
CA LEU A 32 -13.24 3.43 2.19
C LEU A 32 -13.82 3.62 0.80
N TYR A 33 -14.92 2.94 0.52
CA TYR A 33 -15.58 3.02 -0.78
C TYR A 33 -15.77 4.48 -1.19
N GLN A 34 -16.55 5.21 -0.40
CA GLN A 34 -16.81 6.62 -0.69
C GLN A 34 -15.52 7.37 -0.96
N LEU A 35 -14.52 7.15 -0.13
CA LEU A 35 -13.23 7.81 -0.28
C LEU A 35 -12.63 7.52 -1.65
N PHE A 36 -12.28 6.26 -1.88
CA PHE A 36 -11.69 5.85 -3.15
C PHE A 36 -12.71 5.96 -4.28
N SER A 37 -13.96 6.22 -3.91
CA SER A 37 -15.04 6.35 -4.89
C SER A 37 -14.57 7.14 -6.11
N ALA A 38 -13.66 8.09 -5.88
CA ALA A 38 -13.13 8.91 -6.95
C ALA A 38 -12.97 8.11 -8.24
N PHE A 39 -12.59 6.84 -8.09
CA PHE A 39 -12.39 5.96 -9.23
C PHE A 39 -13.67 5.19 -9.56
N GLY A 40 -14.25 4.57 -8.54
CA GLY A 40 -15.47 3.81 -8.73
C GLY A 40 -15.41 2.44 -8.10
N ASN A 41 -15.99 1.45 -8.77
CA ASN A 41 -16.00 0.09 -8.26
C ASN A 41 -14.60 -0.37 -7.91
N ILE A 42 -14.39 -0.73 -6.64
CA ILE A 42 -13.08 -1.18 -6.18
C ILE A 42 -13.22 -2.38 -5.23
N GLN A 43 -12.09 -2.94 -4.82
CA GLN A 43 -12.09 -4.08 -3.92
C GLN A 43 -11.36 -3.75 -2.63
N ILE A 44 -12.11 -3.67 -1.53
CA ILE A 44 -11.53 -3.36 -0.22
C ILE A 44 -11.24 -4.63 0.56
N SER A 45 -9.97 -4.84 0.90
CA SER A 45 -9.56 -6.02 1.64
C SER A 45 -9.26 -5.66 3.10
N TRP A 46 -10.00 -6.27 4.02
CA TRP A 46 -9.82 -6.01 5.44
C TRP A 46 -8.79 -6.97 6.04
N ILE A 47 -7.62 -6.41 6.38
CA ILE A 47 -6.54 -7.21 6.96
C ILE A 47 -6.64 -7.23 8.48
N ASP A 48 -6.47 -6.07 9.09
CA ASP A 48 -6.54 -5.96 10.54
C ASP A 48 -7.49 -4.84 10.96
N ASP A 49 -7.55 -4.57 12.26
CA ASP A 49 -8.43 -3.52 12.78
C ASP A 49 -8.03 -2.16 12.24
N THR A 50 -6.75 -2.00 11.94
CA THR A 50 -6.23 -0.74 11.41
C THR A 50 -5.40 -0.96 10.15
N SER A 51 -5.62 -2.11 9.50
CA SER A 51 -4.90 -2.44 8.29
C SER A 51 -5.86 -2.89 7.19
N ALA A 52 -5.73 -2.29 6.01
CA ALA A 52 -6.59 -2.63 4.88
C ALA A 52 -5.81 -2.62 3.57
N PHE A 53 -6.45 -3.03 2.49
CA PHE A 53 -5.82 -3.06 1.18
C PHE A 53 -6.76 -2.54 0.10
N VAL A 54 -6.20 -1.85 -0.89
CA VAL A 54 -6.99 -1.29 -1.98
C VAL A 54 -6.43 -1.72 -3.33
N SER A 55 -7.16 -2.58 -4.02
CA SER A 55 -6.74 -3.07 -5.33
C SER A 55 -7.48 -2.34 -6.45
N LEU A 56 -6.73 -1.97 -7.49
CA LEU A 56 -7.31 -1.26 -8.62
C LEU A 56 -7.26 -2.12 -9.88
N SER A 57 -7.81 -1.58 -10.98
CA SER A 57 -7.82 -2.30 -12.25
C SER A 57 -6.62 -1.90 -13.12
N GLN A 58 -6.35 -0.60 -13.16
CA GLN A 58 -5.23 -0.08 -13.95
C GLN A 58 -4.16 0.51 -13.04
N PRO A 59 -2.90 0.44 -13.51
CA PRO A 59 -1.75 0.97 -12.77
C PRO A 59 -1.76 2.49 -12.69
N GLU A 60 -2.03 3.14 -13.82
CA GLU A 60 -2.07 4.60 -13.87
C GLU A 60 -2.71 5.17 -12.61
N GLN A 61 -3.89 4.66 -12.27
CA GLN A 61 -4.61 5.13 -11.09
C GLN A 61 -3.67 5.27 -9.90
N VAL A 62 -2.89 4.22 -9.64
CA VAL A 62 -1.95 4.22 -8.53
C VAL A 62 -1.31 5.60 -8.35
N GLN A 63 -0.53 6.02 -9.34
CA GLN A 63 0.13 7.31 -9.29
C GLN A 63 -0.78 8.37 -8.68
N ILE A 64 -2.03 8.41 -9.15
CA ILE A 64 -3.00 9.37 -8.66
C ILE A 64 -3.26 9.17 -7.16
N ALA A 65 -3.79 8.01 -6.82
CA ALA A 65 -4.09 7.69 -5.42
C ALA A 65 -2.95 8.13 -4.50
N VAL A 66 -1.73 7.77 -4.87
CA VAL A 66 -0.56 8.13 -4.08
C VAL A 66 -0.34 9.64 -4.08
N ASN A 67 -0.24 10.22 -5.28
CA ASN A 67 -0.03 11.65 -5.42
C ASN A 67 -0.77 12.42 -4.32
N THR A 68 -2.07 12.17 -4.21
CA THR A 68 -2.89 12.84 -3.20
C THR A 68 -2.45 12.44 -1.80
N SER A 69 -2.34 11.14 -1.56
CA SER A 69 -1.94 10.63 -0.25
C SER A 69 -0.82 11.48 0.33
N LYS A 70 0.16 11.81 -0.50
CA LYS A 70 1.29 12.61 -0.06
C LYS A 70 0.86 13.68 0.93
N TYR A 71 -0.02 14.56 0.49
CA TYR A 71 -0.52 15.64 1.35
C TYR A 71 -1.50 15.10 2.38
N ALA A 72 -2.32 14.14 1.97
CA ALA A 72 -3.30 13.53 2.87
C ALA A 72 -2.66 13.16 4.21
N GLU A 73 -3.12 13.80 5.28
CA GLU A 73 -2.59 13.54 6.60
C GLU A 73 -3.52 12.60 7.39
N SER A 74 -4.81 12.89 7.32
CA SER A 74 -5.81 12.09 8.02
C SER A 74 -5.57 10.60 7.78
N TYR A 75 -5.26 10.24 6.53
CA TYR A 75 -5.01 8.86 6.17
C TYR A 75 -3.62 8.70 5.56
N ARG A 76 -3.18 7.44 5.43
CA ARG A 76 -1.87 7.16 4.86
C ARG A 76 -1.97 6.06 3.81
N ILE A 77 -1.29 6.26 2.68
CA ILE A 77 -1.30 5.29 1.60
C ILE A 77 0.11 5.07 1.04
N GLN A 78 0.43 3.82 0.75
CA GLN A 78 1.74 3.47 0.22
C GLN A 78 1.62 2.39 -0.86
N THR A 79 2.77 1.95 -1.37
CA THR A 79 2.79 0.92 -2.41
C THR A 79 2.99 -0.46 -1.80
N TYR A 80 2.14 -1.41 -2.21
CA TYR A 80 2.22 -2.77 -1.71
C TYR A 80 3.68 -3.17 -1.46
N ALA A 81 4.53 -2.93 -2.44
CA ALA A 81 5.94 -3.26 -2.33
C ALA A 81 6.56 -2.63 -1.08
N GLU A 82 6.28 -1.35 -0.87
CA GLU A 82 6.81 -0.63 0.29
C GLU A 82 6.43 -1.34 1.58
N TYR A 83 5.20 -1.83 1.65
CA TYR A 83 4.72 -2.52 2.84
C TYR A 83 5.43 -3.86 3.01
N VAL A 84 5.20 -4.76 2.05
CA VAL A 84 5.83 -6.08 2.10
C VAL A 84 7.33 -5.98 2.36
N GLY A 85 7.95 -4.97 1.77
CA GLY A 85 9.38 -4.78 1.94
C GLY A 85 9.78 -4.74 3.41
N LYS A 86 8.97 -4.07 4.22
CA LYS A 86 9.24 -3.95 5.65
C LYS A 86 9.22 -5.32 6.32
N LYS A 87 8.07 -6.00 6.23
CA LYS A 87 7.92 -7.32 6.83
C LYS A 87 9.17 -8.17 6.61
N GLN A 88 9.38 -8.60 5.37
CA GLN A 88 10.54 -9.41 5.03
C GLN A 88 11.84 -8.65 5.30
N LYS A 89 12.92 -9.39 5.51
CA LYS A 89 14.22 -8.79 5.79
C LYS A 89 14.95 -8.45 4.49
N GLY A 90 14.24 -8.59 3.37
CA GLY A 90 14.84 -8.30 2.08
C GLY A 90 16.10 -9.11 1.82
N LYS A 91 17.24 -8.52 2.11
CA LYS A 91 18.53 -9.19 1.91
C LYS A 91 19.67 -8.36 2.47
N GLN A 92 20.26 -8.83 3.55
CA GLN A 92 21.37 -8.14 4.19
C GLN A 92 22.32 -9.12 4.89
N VAL A 93 23.60 -9.01 4.58
CA VAL A 93 24.60 -9.89 5.18
C VAL A 93 25.76 -9.09 5.76
N LYS A 94 26.52 -9.72 6.65
CA LYS A 94 27.68 -9.07 7.27
C LYS A 94 28.95 -9.39 6.52
N SER A 95 29.34 -8.51 5.61
CA SER A 95 30.56 -8.71 4.82
C SER A 95 31.18 -7.36 4.45
N GLY A 96 32.43 -7.16 4.87
CA GLY A 96 33.12 -5.92 4.57
C GLY A 96 32.30 -4.70 4.93
N PRO A 97 32.86 -3.50 4.67
CA PRO A 97 32.19 -2.24 4.97
C PRO A 97 31.00 -1.98 4.06
N SER A 98 30.17 -1.01 4.42
CA SER A 98 28.99 -0.67 3.63
C SER A 98 28.34 0.62 4.14
N SER A 99 28.19 1.59 3.25
CA SER A 99 27.59 2.87 3.61
C SER A 99 26.07 2.82 3.45
N GLY A 100 25.62 2.54 2.22
CA GLY A 100 24.20 2.47 1.96
C GLY A 100 23.59 3.85 1.67
N GLY A 1 17.55 2.34 8.22
CA GLY A 1 17.76 0.92 7.98
C GLY A 1 18.59 0.66 6.73
N SER A 2 18.51 -0.56 6.22
CA SER A 2 19.27 -0.94 5.03
C SER A 2 18.57 -0.44 3.77
N SER A 3 19.37 0.03 2.81
CA SER A 3 18.84 0.54 1.56
C SER A 3 19.92 0.63 0.50
N GLY A 4 19.54 1.03 -0.71
CA GLY A 4 20.50 1.16 -1.79
C GLY A 4 20.02 0.48 -3.07
N SER A 5 20.65 0.82 -4.19
CA SER A 5 20.29 0.25 -5.48
C SER A 5 20.53 -1.26 -5.49
N SER A 6 19.45 -2.02 -5.66
CA SER A 6 19.56 -3.47 -5.68
C SER A 6 19.78 -3.97 -7.11
N GLY A 7 21.02 -4.34 -7.41
CA GLY A 7 21.35 -4.83 -8.73
C GLY A 7 20.35 -5.84 -9.24
N GLY A 8 19.82 -5.60 -10.44
CA GLY A 8 18.85 -6.52 -11.01
C GLY A 8 17.52 -5.84 -11.29
N PRO A 9 17.43 -5.16 -12.44
CA PRO A 9 16.21 -4.45 -12.85
C PRO A 9 15.08 -5.41 -13.22
N ASP A 10 13.86 -5.02 -12.88
CA ASP A 10 12.69 -5.85 -13.18
C ASP A 10 11.43 -4.99 -13.30
N LEU A 11 10.54 -5.38 -14.21
CA LEU A 11 9.30 -4.65 -14.43
C LEU A 11 8.56 -4.43 -13.11
N GLN A 12 7.49 -3.65 -13.16
CA GLN A 12 6.70 -3.37 -11.97
C GLN A 12 6.62 -4.58 -11.06
N PRO A 13 6.62 -4.33 -9.74
CA PRO A 13 6.57 -5.39 -8.74
C PRO A 13 5.21 -6.09 -8.71
N LYS A 14 5.21 -7.38 -8.41
CA LYS A 14 3.98 -8.15 -8.35
C LYS A 14 2.97 -7.51 -7.41
N ARG A 15 1.70 -7.54 -7.79
CA ARG A 15 0.64 -6.96 -6.98
C ARG A 15 0.83 -5.44 -6.85
N ASP A 16 1.19 -4.80 -7.96
CA ASP A 16 1.40 -3.36 -7.98
C ASP A 16 0.08 -2.61 -7.84
N HIS A 17 -0.89 -2.96 -8.67
CA HIS A 17 -2.20 -2.33 -8.64
C HIS A 17 -2.73 -2.25 -7.21
N VAL A 18 -2.19 -3.11 -6.34
CA VAL A 18 -2.61 -3.13 -4.95
C VAL A 18 -1.98 -1.99 -4.15
N LEU A 19 -2.75 -1.41 -3.25
CA LEU A 19 -2.26 -0.30 -2.43
C LEU A 19 -2.48 -0.58 -0.95
N HIS A 20 -1.47 -0.29 -0.13
CA HIS A 20 -1.56 -0.51 1.30
C HIS A 20 -1.97 0.77 2.03
N VAL A 21 -3.20 0.79 2.53
CA VAL A 21 -3.71 1.95 3.25
C VAL A 21 -3.98 1.62 4.71
N THR A 22 -3.42 2.43 5.61
CA THR A 22 -3.59 2.22 7.04
C THR A 22 -4.42 3.34 7.66
N PHE A 23 -5.68 3.06 7.95
CA PHE A 23 -6.57 4.04 8.55
C PHE A 23 -7.00 3.62 9.95
N PRO A 24 -7.42 4.60 10.76
CA PRO A 24 -7.86 4.36 12.14
C PRO A 24 -9.18 3.60 12.20
N LYS A 25 -9.32 2.73 13.19
CA LYS A 25 -10.53 1.94 13.37
C LYS A 25 -11.76 2.83 13.29
N GLU A 26 -11.65 4.05 13.80
CA GLU A 26 -12.77 4.99 13.79
C GLU A 26 -13.43 5.04 12.42
N TRP A 27 -12.67 4.67 11.39
CA TRP A 27 -13.18 4.67 10.03
C TRP A 27 -14.21 3.56 9.83
N LYS A 28 -14.69 3.42 8.61
CA LYS A 28 -15.69 2.40 8.29
C LYS A 28 -15.68 2.07 6.80
N THR A 29 -16.34 0.98 6.43
CA THR A 29 -16.40 0.56 5.04
C THR A 29 -16.82 1.72 4.14
N SER A 30 -17.96 2.33 4.46
CA SER A 30 -18.46 3.45 3.67
C SER A 30 -17.36 4.47 3.41
N ASP A 31 -16.56 4.75 4.43
CA ASP A 31 -15.48 5.71 4.31
C ASP A 31 -14.49 5.27 3.24
N LEU A 32 -14.11 4.00 3.28
CA LEU A 32 -13.16 3.46 2.31
C LEU A 32 -13.69 3.59 0.90
N TYR A 33 -14.84 2.98 0.63
CA TYR A 33 -15.45 3.04 -0.69
C TYR A 33 -15.62 4.48 -1.15
N GLN A 34 -16.43 5.24 -0.41
CA GLN A 34 -16.68 6.64 -0.74
C GLN A 34 -15.38 7.37 -1.07
N LEU A 35 -14.37 7.16 -0.23
CA LEU A 35 -13.06 7.78 -0.43
C LEU A 35 -12.49 7.43 -1.80
N PHE A 36 -12.20 6.16 -2.01
CA PHE A 36 -11.65 5.69 -3.28
C PHE A 36 -12.69 5.80 -4.39
N SER A 37 -13.93 6.09 -4.01
CA SER A 37 -15.01 6.22 -4.97
C SER A 37 -14.56 7.00 -6.21
N ALA A 38 -13.59 7.88 -6.01
CA ALA A 38 -13.08 8.70 -7.10
C ALA A 38 -12.88 7.87 -8.36
N PHE A 39 -12.40 6.64 -8.18
CA PHE A 39 -12.17 5.74 -9.31
C PHE A 39 -13.44 4.97 -9.67
N GLY A 40 -14.07 4.38 -8.65
CA GLY A 40 -15.29 3.62 -8.87
C GLY A 40 -15.26 2.27 -8.20
N ASN A 41 -15.84 1.26 -8.85
CA ASN A 41 -15.89 -0.08 -8.30
C ASN A 41 -14.49 -0.53 -7.86
N ILE A 42 -14.37 -0.91 -6.59
CA ILE A 42 -13.09 -1.36 -6.05
C ILE A 42 -13.29 -2.53 -5.10
N GLN A 43 -12.19 -3.10 -4.63
CA GLN A 43 -12.24 -4.23 -3.71
C GLN A 43 -11.52 -3.91 -2.40
N ILE A 44 -12.29 -3.59 -1.37
CA ILE A 44 -11.73 -3.25 -0.06
C ILE A 44 -11.49 -4.51 0.77
N SER A 45 -10.23 -4.91 0.89
CA SER A 45 -9.88 -6.09 1.66
C SER A 45 -9.49 -5.73 3.08
N TRP A 46 -10.22 -6.28 4.05
CA TRP A 46 -9.95 -6.01 5.45
C TRP A 46 -8.90 -6.96 6.01
N ILE A 47 -7.71 -6.43 6.30
CA ILE A 47 -6.62 -7.23 6.83
C ILE A 47 -6.65 -7.26 8.35
N ASP A 48 -6.33 -6.13 8.97
CA ASP A 48 -6.32 -6.01 10.42
C ASP A 48 -7.25 -4.90 10.89
N ASP A 49 -7.25 -4.64 12.18
CA ASP A 49 -8.09 -3.59 12.76
C ASP A 49 -7.77 -2.24 12.14
N THR A 50 -6.52 -2.05 11.75
CA THR A 50 -6.09 -0.79 11.13
C THR A 50 -5.30 -1.05 9.85
N SER A 51 -5.52 -2.22 9.26
CA SER A 51 -4.82 -2.59 8.02
C SER A 51 -5.81 -3.01 6.95
N ALA A 52 -5.75 -2.36 5.79
CA ALA A 52 -6.65 -2.66 4.69
C ALA A 52 -5.90 -2.59 3.35
N PHE A 53 -6.49 -3.20 2.33
CA PHE A 53 -5.88 -3.21 1.00
C PHE A 53 -6.85 -2.66 -0.04
N VAL A 54 -6.30 -2.04 -1.08
CA VAL A 54 -7.12 -1.46 -2.15
C VAL A 54 -6.57 -1.83 -3.52
N SER A 55 -7.26 -2.73 -4.19
CA SER A 55 -6.84 -3.17 -5.52
C SER A 55 -7.54 -2.37 -6.61
N LEU A 56 -6.78 -1.94 -7.61
CA LEU A 56 -7.33 -1.16 -8.71
C LEU A 56 -7.28 -1.95 -10.02
N SER A 57 -7.78 -1.35 -11.09
CA SER A 57 -7.81 -2.00 -12.39
C SER A 57 -6.50 -1.74 -13.15
N GLN A 58 -6.07 -0.49 -13.16
CA GLN A 58 -4.84 -0.11 -13.86
C GLN A 58 -3.86 0.55 -12.90
N PRO A 59 -2.56 0.46 -13.22
CA PRO A 59 -1.50 1.05 -12.40
C PRO A 59 -1.50 2.57 -12.44
N GLU A 60 -1.83 3.13 -13.61
CA GLU A 60 -1.87 4.58 -13.78
C GLU A 60 -2.56 5.24 -12.60
N GLN A 61 -3.70 4.68 -12.18
CA GLN A 61 -4.45 5.22 -11.07
C GLN A 61 -3.58 5.35 -9.83
N VAL A 62 -2.73 4.36 -9.60
CA VAL A 62 -1.83 4.37 -8.45
C VAL A 62 -1.21 5.74 -8.25
N GLN A 63 -0.70 6.32 -9.33
CA GLN A 63 -0.07 7.64 -9.28
C GLN A 63 -1.02 8.67 -8.67
N ILE A 64 -2.26 8.68 -9.15
CA ILE A 64 -3.26 9.61 -8.65
C ILE A 64 -3.63 9.30 -7.20
N ALA A 65 -3.73 8.02 -6.88
CA ALA A 65 -4.07 7.58 -5.54
C ALA A 65 -3.04 8.08 -4.52
N VAL A 66 -1.77 7.98 -4.90
CA VAL A 66 -0.68 8.42 -4.02
C VAL A 66 -0.60 9.94 -3.96
N ASN A 67 -0.53 10.56 -5.12
CA ASN A 67 -0.46 12.03 -5.20
C ASN A 67 -1.34 12.67 -4.14
N THR A 68 -2.59 12.22 -4.06
CA THR A 68 -3.54 12.75 -3.10
C THR A 68 -3.17 12.34 -1.68
N SER A 69 -2.59 11.15 -1.54
CA SER A 69 -2.19 10.64 -0.25
C SER A 69 -1.07 11.46 0.36
N LYS A 70 -0.12 11.87 -0.49
CA LYS A 70 1.01 12.67 -0.04
C LYS A 70 0.57 13.73 0.97
N TYR A 71 -0.30 14.63 0.53
CA TYR A 71 -0.79 15.69 1.41
C TYR A 71 -1.68 15.11 2.51
N ALA A 72 -2.53 14.17 2.14
CA ALA A 72 -3.44 13.54 3.10
C ALA A 72 -2.69 13.11 4.35
N GLU A 73 -3.04 13.70 5.49
CA GLU A 73 -2.39 13.38 6.75
C GLU A 73 -3.24 12.41 7.56
N SER A 74 -4.55 12.66 7.58
CA SER A 74 -5.48 11.81 8.33
C SER A 74 -5.22 10.34 8.03
N TYR A 75 -5.09 10.01 6.75
CA TYR A 75 -4.84 8.64 6.33
C TYR A 75 -3.49 8.51 5.64
N ARG A 76 -3.01 7.28 5.53
CA ARG A 76 -1.73 7.02 4.88
C ARG A 76 -1.86 5.94 3.82
N ILE A 77 -1.39 6.24 2.60
CA ILE A 77 -1.45 5.29 1.50
C ILE A 77 -0.07 5.04 0.92
N GLN A 78 0.19 3.78 0.57
CA GLN A 78 1.48 3.41 -0.01
C GLN A 78 1.32 2.29 -1.03
N THR A 79 2.42 1.89 -1.65
CA THR A 79 2.40 0.84 -2.65
C THR A 79 2.63 -0.53 -2.01
N TYR A 80 1.91 -1.53 -2.49
CA TYR A 80 2.04 -2.89 -1.96
C TYR A 80 3.50 -3.24 -1.70
N ALA A 81 4.35 -3.03 -2.70
CA ALA A 81 5.76 -3.31 -2.58
C ALA A 81 6.38 -2.54 -1.42
N GLU A 82 5.96 -1.29 -1.24
CA GLU A 82 6.47 -0.45 -0.16
C GLU A 82 6.07 -1.01 1.20
N TYR A 83 4.86 -1.55 1.28
CA TYR A 83 4.36 -2.12 2.52
C TYR A 83 5.06 -3.43 2.85
N VAL A 84 5.02 -4.38 1.91
CA VAL A 84 5.67 -5.67 2.10
C VAL A 84 7.17 -5.52 2.28
N GLY A 85 7.75 -4.56 1.56
CA GLY A 85 9.18 -4.32 1.65
C GLY A 85 9.69 -4.39 3.08
N LYS A 86 9.07 -3.62 3.96
CA LYS A 86 9.46 -3.59 5.37
C LYS A 86 8.97 -4.83 6.10
N LYS A 87 7.69 -5.15 5.93
CA LYS A 87 7.10 -6.32 6.57
C LYS A 87 8.08 -7.50 6.55
N GLN A 88 8.55 -7.85 5.36
CA GLN A 88 9.49 -8.97 5.21
C GLN A 88 10.93 -8.47 5.30
N LYS A 89 11.86 -9.41 5.41
CA LYS A 89 13.28 -9.08 5.50
C LYS A 89 14.03 -9.52 4.25
N GLY A 90 13.40 -9.33 3.09
CA GLY A 90 14.03 -9.72 1.85
C GLY A 90 14.77 -8.57 1.18
N LYS A 91 16.06 -8.44 1.48
CA LYS A 91 16.87 -7.38 0.91
C LYS A 91 18.36 -7.62 1.18
N GLN A 92 19.13 -7.81 0.11
CA GLN A 92 20.55 -8.05 0.24
C GLN A 92 21.29 -7.75 -1.07
N VAL A 93 22.53 -7.32 -0.96
CA VAL A 93 23.33 -7.00 -2.13
C VAL A 93 24.80 -7.35 -1.92
N LYS A 94 25.46 -7.77 -2.98
CA LYS A 94 26.87 -8.16 -2.92
C LYS A 94 27.74 -7.13 -3.63
N SER A 95 29.02 -7.13 -3.31
CA SER A 95 29.97 -6.20 -3.92
C SER A 95 31.40 -6.67 -3.72
N GLY A 96 32.25 -6.41 -4.71
CA GLY A 96 33.64 -6.81 -4.63
C GLY A 96 34.40 -6.60 -5.92
N PRO A 97 35.53 -7.29 -6.08
CA PRO A 97 36.37 -7.19 -7.28
C PRO A 97 35.70 -7.82 -8.49
N SER A 98 34.59 -8.50 -8.27
CA SER A 98 33.86 -9.15 -9.35
C SER A 98 33.84 -8.29 -10.60
N SER A 99 34.36 -8.82 -11.70
CA SER A 99 34.42 -8.08 -12.96
C SER A 99 33.12 -8.26 -13.74
N GLY A 100 32.65 -7.17 -14.34
CA GLY A 100 31.42 -7.22 -15.11
C GLY A 100 30.50 -6.06 -14.81
N GLY A 1 -4.77 -32.78 18.23
CA GLY A 1 -3.81 -31.71 18.25
C GLY A 1 -3.06 -31.56 16.95
N SER A 2 -3.78 -31.21 15.89
CA SER A 2 -3.18 -31.05 14.57
C SER A 2 -2.99 -29.57 14.24
N SER A 3 -1.96 -29.28 13.45
CA SER A 3 -1.66 -27.90 13.06
C SER A 3 -0.57 -27.86 12.00
N GLY A 4 -0.79 -27.08 10.95
CA GLY A 4 0.18 -26.96 9.89
C GLY A 4 -0.42 -26.40 8.61
N SER A 5 0.42 -25.83 7.76
CA SER A 5 -0.03 -25.26 6.50
C SER A 5 -0.06 -26.31 5.40
N SER A 6 -0.59 -25.93 4.23
CA SER A 6 -0.67 -26.85 3.10
C SER A 6 0.46 -26.60 2.12
N GLY A 7 0.69 -25.33 1.79
CA GLY A 7 1.75 -24.97 0.86
C GLY A 7 3.07 -24.70 1.56
N GLY A 8 3.60 -23.50 1.34
CA GLY A 8 4.86 -23.14 1.96
C GLY A 8 5.70 -22.24 1.08
N PRO A 9 6.63 -22.83 0.32
CA PRO A 9 7.52 -22.10 -0.58
C PRO A 9 6.77 -21.52 -1.78
N ASP A 10 6.61 -20.21 -1.78
CA ASP A 10 5.91 -19.52 -2.86
C ASP A 10 6.10 -18.02 -2.78
N LEU A 11 5.89 -17.33 -3.90
CA LEU A 11 6.05 -15.88 -3.95
C LEU A 11 5.09 -15.27 -4.96
N GLN A 12 4.25 -14.34 -4.50
CA GLN A 12 3.29 -13.68 -5.36
C GLN A 12 3.99 -12.69 -6.30
N PRO A 13 3.39 -12.50 -7.50
CA PRO A 13 3.95 -11.58 -8.50
C PRO A 13 3.82 -10.12 -8.08
N LYS A 14 4.43 -9.24 -8.87
CA LYS A 14 4.39 -7.81 -8.59
C LYS A 14 2.97 -7.35 -8.33
N ARG A 15 2.77 -6.66 -7.21
CA ARG A 15 1.45 -6.16 -6.84
C ARG A 15 1.41 -4.63 -6.91
N ASP A 16 1.21 -4.10 -8.11
CA ASP A 16 1.15 -2.65 -8.31
C ASP A 16 -0.26 -2.14 -8.07
N HIS A 17 -1.23 -2.74 -8.74
CA HIS A 17 -2.63 -2.33 -8.61
C HIS A 17 -3.04 -2.27 -7.13
N VAL A 18 -2.52 -3.19 -6.34
CA VAL A 18 -2.82 -3.24 -4.91
C VAL A 18 -2.18 -2.07 -4.18
N LEU A 19 -2.87 -1.57 -3.16
CA LEU A 19 -2.38 -0.45 -2.37
C LEU A 19 -2.60 -0.69 -0.88
N HIS A 20 -1.65 -0.24 -0.07
CA HIS A 20 -1.74 -0.40 1.38
C HIS A 20 -2.10 0.92 2.06
N VAL A 21 -3.32 1.00 2.58
CA VAL A 21 -3.77 2.21 3.25
C VAL A 21 -3.95 1.97 4.75
N THR A 22 -3.23 2.76 5.55
CA THR A 22 -3.31 2.64 7.00
C THR A 22 -4.32 3.63 7.59
N PHE A 23 -5.45 3.10 8.04
CA PHE A 23 -6.50 3.94 8.63
C PHE A 23 -6.91 3.42 10.00
N PRO A 24 -7.41 4.32 10.85
CA PRO A 24 -7.85 3.97 12.21
C PRO A 24 -9.12 3.13 12.20
N LYS A 25 -9.30 2.34 13.26
CA LYS A 25 -10.49 1.49 13.38
C LYS A 25 -11.77 2.32 13.28
N GLU A 26 -11.70 3.56 13.76
CA GLU A 26 -12.85 4.45 13.72
C GLU A 26 -13.45 4.52 12.32
N TRP A 27 -12.68 4.09 11.33
CA TRP A 27 -13.12 4.09 9.95
C TRP A 27 -14.12 2.96 9.69
N LYS A 28 -14.57 2.86 8.44
CA LYS A 28 -15.52 1.81 8.07
C LYS A 28 -15.55 1.63 6.55
N THR A 29 -16.11 0.51 6.10
CA THR A 29 -16.21 0.21 4.68
C THR A 29 -16.69 1.42 3.90
N SER A 30 -17.77 2.04 4.37
CA SER A 30 -18.33 3.21 3.71
C SER A 30 -17.30 4.32 3.57
N ASP A 31 -16.37 4.37 4.53
CA ASP A 31 -15.32 5.38 4.52
C ASP A 31 -14.30 5.10 3.42
N LEU A 32 -13.96 3.82 3.25
CA LEU A 32 -13.00 3.42 2.23
C LEU A 32 -13.55 3.70 0.83
N TYR A 33 -14.69 3.10 0.52
CA TYR A 33 -15.32 3.28 -0.78
C TYR A 33 -15.53 4.76 -1.09
N GLN A 34 -15.99 5.50 -0.09
CA GLN A 34 -16.24 6.93 -0.26
C GLN A 34 -14.95 7.66 -0.60
N LEU A 35 -13.88 7.33 0.11
CA LEU A 35 -12.58 7.97 -0.12
C LEU A 35 -12.04 7.62 -1.51
N PHE A 36 -12.03 6.33 -1.82
CA PHE A 36 -11.55 5.87 -3.12
C PHE A 36 -12.60 6.09 -4.20
N SER A 37 -13.80 6.46 -3.78
CA SER A 37 -14.90 6.69 -4.71
C SER A 37 -14.41 7.47 -5.93
N ALA A 38 -13.44 8.35 -5.73
CA ALA A 38 -12.90 9.16 -6.80
C ALA A 38 -12.73 8.33 -8.08
N PHE A 39 -12.35 7.07 -7.91
CA PHE A 39 -12.16 6.18 -9.05
C PHE A 39 -13.45 5.44 -9.38
N GLY A 40 -14.01 4.76 -8.38
CA GLY A 40 -15.24 4.01 -8.58
C GLY A 40 -15.19 2.64 -7.93
N ASN A 41 -15.95 1.70 -8.49
CA ASN A 41 -16.00 0.34 -7.96
C ASN A 41 -14.60 -0.21 -7.73
N ILE A 42 -14.30 -0.60 -6.50
CA ILE A 42 -13.00 -1.15 -6.16
C ILE A 42 -13.12 -2.33 -5.21
N GLN A 43 -11.99 -2.95 -4.88
CA GLN A 43 -11.98 -4.09 -3.98
C GLN A 43 -11.23 -3.76 -2.70
N ILE A 44 -11.96 -3.73 -1.59
CA ILE A 44 -11.36 -3.42 -0.29
C ILE A 44 -11.19 -4.68 0.54
N SER A 45 -9.94 -5.14 0.66
CA SER A 45 -9.63 -6.35 1.43
C SER A 45 -9.33 -5.99 2.89
N TRP A 46 -10.18 -6.47 3.78
CA TRP A 46 -10.01 -6.21 5.21
C TRP A 46 -8.99 -7.16 5.82
N ILE A 47 -7.82 -6.63 6.16
CA ILE A 47 -6.76 -7.44 6.76
C ILE A 47 -6.88 -7.47 8.28
N ASP A 48 -6.67 -6.32 8.91
CA ASP A 48 -6.75 -6.20 10.36
C ASP A 48 -7.77 -5.15 10.77
N ASP A 49 -7.86 -4.90 12.07
CA ASP A 49 -8.80 -3.91 12.59
C ASP A 49 -8.34 -2.49 12.24
N THR A 50 -7.12 -2.38 11.73
CA THR A 50 -6.56 -1.09 11.36
C THR A 50 -5.95 -1.13 9.96
N SER A 51 -5.31 -2.24 9.63
CA SER A 51 -4.68 -2.41 8.33
C SER A 51 -5.68 -2.92 7.30
N ALA A 52 -5.63 -2.37 6.09
CA ALA A 52 -6.54 -2.77 5.02
C ALA A 52 -5.82 -2.79 3.68
N PHE A 53 -6.53 -3.23 2.65
CA PHE A 53 -5.95 -3.30 1.31
C PHE A 53 -6.90 -2.67 0.28
N VAL A 54 -6.32 -2.04 -0.75
CA VAL A 54 -7.11 -1.41 -1.79
C VAL A 54 -6.58 -1.76 -3.18
N SER A 55 -7.31 -2.61 -3.89
CA SER A 55 -6.92 -3.03 -5.23
C SER A 55 -7.62 -2.20 -6.29
N LEU A 56 -6.88 -1.83 -7.34
CA LEU A 56 -7.44 -1.03 -8.42
C LEU A 56 -7.49 -1.84 -9.72
N SER A 57 -8.01 -1.23 -10.77
CA SER A 57 -8.12 -1.88 -12.06
C SER A 57 -6.79 -1.85 -12.81
N GLN A 58 -6.15 -0.69 -12.82
CA GLN A 58 -4.87 -0.52 -13.50
C GLN A 58 -3.86 0.14 -12.58
N PRO A 59 -2.57 -0.19 -12.78
CA PRO A 59 -1.47 0.37 -11.97
C PRO A 59 -1.24 1.85 -12.26
N GLU A 60 -1.72 2.31 -13.40
CA GLU A 60 -1.56 3.71 -13.79
C GLU A 60 -2.27 4.63 -12.81
N GLN A 61 -3.43 4.19 -12.33
CA GLN A 61 -4.21 4.98 -11.38
C GLN A 61 -3.40 5.25 -10.10
N VAL A 62 -2.67 4.23 -9.65
CA VAL A 62 -1.86 4.36 -8.44
C VAL A 62 -1.25 5.74 -8.34
N GLN A 63 -0.50 6.14 -9.37
CA GLN A 63 0.14 7.44 -9.39
C GLN A 63 -0.79 8.52 -8.82
N ILE A 64 -1.96 8.67 -9.44
CA ILE A 64 -2.94 9.65 -9.01
C ILE A 64 -3.28 9.48 -7.53
N ALA A 65 -3.85 8.31 -7.20
CA ALA A 65 -4.21 8.02 -5.82
C ALA A 65 -3.13 8.47 -4.85
N VAL A 66 -1.89 8.10 -5.15
CA VAL A 66 -0.75 8.45 -4.30
C VAL A 66 -0.53 9.96 -4.29
N ASN A 67 -0.58 10.57 -5.47
CA ASN A 67 -0.39 12.01 -5.60
C ASN A 67 -1.28 12.76 -4.62
N THR A 68 -2.53 12.36 -4.54
CA THR A 68 -3.49 13.00 -3.64
C THR A 68 -3.24 12.59 -2.20
N SER A 69 -2.85 11.33 -2.00
CA SER A 69 -2.59 10.81 -0.67
C SER A 69 -1.40 11.52 -0.03
N LYS A 70 -0.60 12.18 -0.86
CA LYS A 70 0.58 12.91 -0.38
C LYS A 70 0.19 13.92 0.68
N TYR A 71 -0.64 14.89 0.32
CA TYR A 71 -1.08 15.91 1.25
C TYR A 71 -1.90 15.31 2.39
N ALA A 72 -2.81 14.41 2.02
CA ALA A 72 -3.66 13.76 3.01
C ALA A 72 -2.87 13.38 4.26
N GLU A 73 -3.16 14.05 5.37
CA GLU A 73 -2.48 13.80 6.62
C GLU A 73 -3.28 12.82 7.49
N SER A 74 -4.59 12.99 7.50
CA SER A 74 -5.47 12.14 8.28
C SER A 74 -5.18 10.67 8.01
N TYR A 75 -5.12 10.31 6.73
CA TYR A 75 -4.85 8.93 6.34
C TYR A 75 -3.55 8.84 5.55
N ARG A 76 -3.03 7.62 5.40
CA ARG A 76 -1.80 7.39 4.68
C ARG A 76 -1.97 6.25 3.68
N ILE A 77 -1.45 6.45 2.47
CA ILE A 77 -1.53 5.43 1.42
C ILE A 77 -0.16 5.14 0.83
N GLN A 78 0.07 3.86 0.50
CA GLN A 78 1.35 3.45 -0.07
C GLN A 78 1.14 2.30 -1.07
N THR A 79 2.24 1.84 -1.66
CA THR A 79 2.18 0.75 -2.63
C THR A 79 2.51 -0.58 -1.96
N TYR A 80 1.79 -1.62 -2.36
CA TYR A 80 2.00 -2.96 -1.80
C TYR A 80 3.49 -3.25 -1.65
N ALA A 81 4.24 -3.08 -2.74
CA ALA A 81 5.67 -3.32 -2.72
C ALA A 81 6.37 -2.47 -1.66
N GLU A 82 5.83 -1.28 -1.42
CA GLU A 82 6.39 -0.37 -0.44
C GLU A 82 6.08 -0.83 0.98
N TYR A 83 4.79 -1.06 1.25
CA TYR A 83 4.35 -1.50 2.56
C TYR A 83 5.06 -2.78 2.97
N VAL A 84 5.03 -3.78 2.09
CA VAL A 84 5.67 -5.06 2.36
C VAL A 84 7.15 -4.88 2.62
N GLY A 85 7.74 -3.87 1.99
CA GLY A 85 9.16 -3.61 2.16
C GLY A 85 9.59 -3.71 3.60
N LYS A 86 9.05 -2.83 4.45
CA LYS A 86 9.39 -2.82 5.86
C LYS A 86 8.70 -3.97 6.59
N LYS A 87 7.39 -4.10 6.40
CA LYS A 87 6.62 -5.15 7.03
C LYS A 87 7.41 -6.46 7.09
N GLN A 88 7.93 -6.88 5.94
CA GLN A 88 8.71 -8.10 5.85
C GLN A 88 9.87 -8.08 6.85
N LYS A 89 10.58 -9.20 6.95
CA LYS A 89 11.72 -9.31 7.86
C LYS A 89 13.02 -9.43 7.08
N GLY A 90 13.59 -8.28 6.68
CA GLY A 90 14.84 -8.29 5.94
C GLY A 90 15.33 -6.89 5.65
N LYS A 91 16.59 -6.63 6.01
CA LYS A 91 17.19 -5.32 5.79
C LYS A 91 18.55 -5.46 5.08
N GLN A 92 18.52 -5.49 3.76
CA GLN A 92 19.74 -5.61 2.97
C GLN A 92 19.51 -5.14 1.54
N VAL A 93 20.33 -4.20 1.09
CA VAL A 93 20.22 -3.66 -0.26
C VAL A 93 21.60 -3.46 -0.88
N LYS A 94 21.68 -3.66 -2.19
CA LYS A 94 22.93 -3.51 -2.92
C LYS A 94 23.53 -2.12 -2.68
N SER A 95 24.64 -2.08 -1.95
CA SER A 95 25.31 -0.82 -1.66
C SER A 95 26.72 -0.80 -2.24
N GLY A 96 27.19 0.40 -2.57
CA GLY A 96 28.52 0.54 -3.14
C GLY A 96 29.24 1.78 -2.64
N PRO A 97 29.67 1.76 -1.37
CA PRO A 97 30.38 2.88 -0.76
C PRO A 97 31.77 3.07 -1.33
N SER A 98 31.88 3.96 -2.32
CA SER A 98 33.16 4.23 -2.96
C SER A 98 33.67 5.61 -2.58
N SER A 99 34.99 5.79 -2.64
CA SER A 99 35.61 7.06 -2.29
C SER A 99 35.77 7.95 -3.52
N GLY A 100 35.80 9.25 -3.31
CA GLY A 100 35.94 10.18 -4.41
C GLY A 100 34.93 11.29 -4.38
N GLY A 1 2.55 2.94 16.69
CA GLY A 1 2.15 1.85 15.81
C GLY A 1 3.05 0.64 15.94
N SER A 2 3.95 0.48 14.97
CA SER A 2 4.88 -0.65 14.97
C SER A 2 6.23 -0.25 14.38
N SER A 3 7.30 -0.75 14.98
CA SER A 3 8.66 -0.45 14.52
C SER A 3 9.40 -1.72 14.13
N GLY A 4 9.89 -1.74 12.89
CA GLY A 4 10.62 -2.90 12.41
C GLY A 4 11.90 -2.52 11.69
N SER A 5 12.76 -3.51 11.47
CA SER A 5 14.03 -3.28 10.80
C SER A 5 13.87 -3.34 9.27
N SER A 6 13.64 -2.19 8.67
CA SER A 6 13.45 -2.11 7.22
C SER A 6 14.60 -2.80 6.49
N GLY A 7 14.51 -2.85 5.17
CA GLY A 7 15.55 -3.48 4.38
C GLY A 7 15.48 -3.09 2.90
N GLY A 8 14.60 -3.77 2.17
CA GLY A 8 14.45 -3.47 0.75
C GLY A 8 13.41 -4.35 0.09
N PRO A 9 13.51 -4.49 -1.25
CA PRO A 9 12.58 -5.31 -2.03
C PRO A 9 12.75 -6.80 -1.77
N ASP A 10 11.73 -7.41 -1.16
CA ASP A 10 11.77 -8.83 -0.86
C ASP A 10 11.05 -9.65 -1.93
N LEU A 11 11.26 -10.95 -1.91
CA LEU A 11 10.62 -11.84 -2.89
C LEU A 11 9.10 -11.75 -2.80
N GLN A 12 8.53 -10.78 -3.51
CA GLN A 12 7.09 -10.59 -3.52
C GLN A 12 6.53 -10.66 -4.93
N PRO A 13 5.26 -11.08 -5.05
CA PRO A 13 4.59 -11.20 -6.35
C PRO A 13 4.30 -9.85 -6.98
N LYS A 14 3.67 -9.87 -8.15
CA LYS A 14 3.33 -8.65 -8.86
C LYS A 14 2.02 -8.06 -8.36
N ARG A 15 2.10 -7.19 -7.36
CA ARG A 15 0.90 -6.57 -6.79
C ARG A 15 1.04 -5.04 -6.79
N ASP A 16 0.77 -4.44 -7.95
CA ASP A 16 0.86 -2.99 -8.09
C ASP A 16 -0.50 -2.34 -7.82
N HIS A 17 -1.53 -2.83 -8.50
CA HIS A 17 -2.87 -2.29 -8.34
C HIS A 17 -3.24 -2.18 -6.86
N VAL A 18 -2.80 -3.15 -6.07
CA VAL A 18 -3.09 -3.17 -4.64
C VAL A 18 -2.33 -2.06 -3.92
N LEU A 19 -3.01 -1.38 -3.01
CA LEU A 19 -2.42 -0.29 -2.25
C LEU A 19 -2.64 -0.48 -0.75
N HIS A 20 -1.58 -0.24 0.03
CA HIS A 20 -1.66 -0.38 1.48
C HIS A 20 -2.02 0.94 2.14
N VAL A 21 -3.25 1.04 2.63
CA VAL A 21 -3.71 2.26 3.29
C VAL A 21 -3.89 2.04 4.79
N THR A 22 -3.22 2.87 5.58
CA THR A 22 -3.28 2.77 7.03
C THR A 22 -4.28 3.78 7.60
N PHE A 23 -5.44 3.29 8.02
CA PHE A 23 -6.47 4.14 8.59
C PHE A 23 -6.88 3.65 9.98
N PRO A 24 -7.37 4.59 10.81
CA PRO A 24 -7.81 4.28 12.17
C PRO A 24 -9.08 3.45 12.20
N LYS A 25 -9.16 2.53 13.15
CA LYS A 25 -10.33 1.65 13.28
C LYS A 25 -11.61 2.44 13.08
N GLU A 26 -11.69 3.61 13.71
CA GLU A 26 -12.87 4.47 13.59
C GLU A 26 -13.45 4.40 12.17
N TRP A 27 -12.57 4.38 11.18
CA TRP A 27 -12.98 4.33 9.78
C TRP A 27 -13.94 3.17 9.55
N LYS A 28 -14.38 3.00 8.31
CA LYS A 28 -15.29 1.94 7.95
C LYS A 28 -15.28 1.67 6.45
N THR A 29 -16.00 0.65 6.02
CA THR A 29 -16.07 0.30 4.60
C THR A 29 -16.51 1.49 3.76
N SER A 30 -17.67 2.05 4.11
CA SER A 30 -18.22 3.20 3.38
C SER A 30 -17.15 4.26 3.17
N ASP A 31 -16.32 4.48 4.19
CA ASP A 31 -15.25 5.48 4.12
C ASP A 31 -14.24 5.10 3.03
N LEU A 32 -13.83 3.84 3.03
CA LEU A 32 -12.86 3.36 2.04
C LEU A 32 -13.43 3.47 0.63
N TYR A 33 -14.59 2.85 0.41
CA TYR A 33 -15.23 2.88 -0.89
C TYR A 33 -15.43 4.32 -1.37
N GLN A 34 -16.23 5.08 -0.62
CA GLN A 34 -16.50 6.46 -0.96
C GLN A 34 -15.22 7.21 -1.32
N LEU A 35 -14.19 7.03 -0.50
CA LEU A 35 -12.90 7.68 -0.72
C LEU A 35 -12.34 7.31 -2.09
N PHE A 36 -12.09 6.01 -2.29
CA PHE A 36 -11.56 5.52 -3.55
C PHE A 36 -12.60 5.61 -4.66
N SER A 37 -13.83 5.90 -4.28
CA SER A 37 -14.93 6.00 -5.24
C SER A 37 -14.49 6.77 -6.48
N ALA A 38 -13.67 7.80 -6.27
CA ALA A 38 -13.18 8.62 -7.38
C ALA A 38 -12.96 7.77 -8.63
N PHE A 39 -12.47 6.56 -8.44
CA PHE A 39 -12.22 5.65 -9.56
C PHE A 39 -13.47 4.86 -9.91
N GLY A 40 -14.04 4.19 -8.91
CA GLY A 40 -15.23 3.40 -9.13
C GLY A 40 -15.20 2.07 -8.38
N ASN A 41 -15.94 1.10 -8.90
CA ASN A 41 -15.99 -0.22 -8.27
C ASN A 41 -14.59 -0.72 -7.94
N ILE A 42 -14.36 -1.04 -6.67
CA ILE A 42 -13.07 -1.53 -6.22
C ILE A 42 -13.23 -2.66 -5.21
N GLN A 43 -12.11 -3.27 -4.83
CA GLN A 43 -12.13 -4.37 -3.86
C GLN A 43 -11.35 -4.00 -2.61
N ILE A 44 -12.06 -3.82 -1.50
CA ILE A 44 -11.43 -3.48 -0.24
C ILE A 44 -11.22 -4.70 0.64
N SER A 45 -9.98 -5.11 0.80
CA SER A 45 -9.65 -6.28 1.62
C SER A 45 -9.31 -5.87 3.05
N TRP A 46 -10.13 -6.31 3.99
CA TRP A 46 -9.92 -6.00 5.40
C TRP A 46 -8.87 -6.92 6.02
N ILE A 47 -7.71 -6.36 6.33
CA ILE A 47 -6.63 -7.13 6.92
C ILE A 47 -6.73 -7.14 8.45
N ASP A 48 -6.62 -5.96 9.05
CA ASP A 48 -6.71 -5.84 10.49
C ASP A 48 -7.70 -4.75 10.89
N ASP A 49 -7.82 -4.50 12.19
CA ASP A 49 -8.73 -3.48 12.70
C ASP A 49 -8.24 -2.09 12.35
N THR A 50 -7.03 -2.02 11.78
CA THR A 50 -6.45 -0.74 11.40
C THR A 50 -5.89 -0.79 9.98
N SER A 51 -5.24 -1.89 9.64
CA SER A 51 -4.66 -2.06 8.32
C SER A 51 -5.69 -2.62 7.34
N ALA A 52 -5.65 -2.13 6.10
CA ALA A 52 -6.59 -2.57 5.08
C ALA A 52 -5.89 -2.67 3.71
N PHE A 53 -6.66 -3.02 2.69
CA PHE A 53 -6.13 -3.16 1.35
C PHE A 53 -7.08 -2.54 0.31
N VAL A 54 -6.50 -1.93 -0.72
CA VAL A 54 -7.31 -1.30 -1.77
C VAL A 54 -6.80 -1.71 -3.14
N SER A 55 -7.58 -2.54 -3.83
CA SER A 55 -7.21 -3.02 -5.16
C SER A 55 -7.90 -2.18 -6.24
N LEU A 56 -7.13 -1.74 -7.22
CA LEU A 56 -7.65 -0.94 -8.32
C LEU A 56 -7.70 -1.74 -9.62
N SER A 57 -8.22 -1.12 -10.68
CA SER A 57 -8.31 -1.76 -11.98
C SER A 57 -7.06 -1.53 -12.80
N GLN A 58 -6.62 -0.26 -12.85
CA GLN A 58 -5.43 0.09 -13.61
C GLN A 58 -4.36 0.69 -12.70
N PRO A 59 -3.09 0.55 -13.09
CA PRO A 59 -1.95 1.06 -12.33
C PRO A 59 -1.89 2.58 -12.34
N GLU A 60 -2.28 3.18 -13.45
CA GLU A 60 -2.26 4.64 -13.58
C GLU A 60 -2.84 5.30 -12.34
N GLN A 61 -4.08 4.93 -12.00
CA GLN A 61 -4.74 5.50 -10.83
C GLN A 61 -3.77 5.62 -9.65
N VAL A 62 -3.04 4.54 -9.39
CA VAL A 62 -2.09 4.53 -8.29
C VAL A 62 -1.42 5.90 -8.12
N GLN A 63 -0.84 6.41 -9.20
CA GLN A 63 -0.18 7.71 -9.17
C GLN A 63 -1.05 8.74 -8.48
N ILE A 64 -2.29 8.88 -8.94
CA ILE A 64 -3.22 9.83 -8.37
C ILE A 64 -3.43 9.58 -6.88
N ALA A 65 -3.85 8.36 -6.55
CA ALA A 65 -4.09 7.98 -5.16
C ALA A 65 -2.90 8.35 -4.29
N VAL A 66 -1.70 8.07 -4.77
CA VAL A 66 -0.49 8.37 -4.02
C VAL A 66 -0.27 9.87 -3.91
N ASN A 67 -0.42 10.57 -5.03
CA ASN A 67 -0.24 12.02 -5.06
C ASN A 67 -1.07 12.69 -3.97
N THR A 68 -2.36 12.37 -3.95
CA THR A 68 -3.26 12.94 -2.95
C THR A 68 -2.89 12.50 -1.55
N SER A 69 -2.52 11.23 -1.41
CA SER A 69 -2.13 10.68 -0.11
C SER A 69 -0.91 11.42 0.45
N LYS A 70 0.05 11.71 -0.42
CA LYS A 70 1.26 12.41 -0.02
C LYS A 70 0.96 13.44 1.06
N TYR A 71 0.19 14.46 0.69
CA TYR A 71 -0.17 15.52 1.63
C TYR A 71 -1.15 15.00 2.69
N ALA A 72 -2.13 14.23 2.25
CA ALA A 72 -3.12 13.67 3.16
C ALA A 72 -2.47 13.17 4.44
N GLU A 73 -2.75 13.85 5.55
CA GLU A 73 -2.19 13.47 6.83
C GLU A 73 -3.11 12.49 7.57
N SER A 74 -4.41 12.73 7.48
CA SER A 74 -5.39 11.87 8.13
C SER A 74 -5.16 10.41 7.77
N TYR A 75 -5.03 10.14 6.48
CA TYR A 75 -4.81 8.78 5.99
C TYR A 75 -3.51 8.69 5.19
N ARG A 76 -2.92 7.50 5.15
CA ARG A 76 -1.69 7.29 4.41
C ARG A 76 -1.85 6.15 3.41
N ILE A 77 -1.41 6.39 2.17
CA ILE A 77 -1.51 5.39 1.12
C ILE A 77 -0.13 5.01 0.60
N GLN A 78 0.08 3.71 0.37
CA GLN A 78 1.36 3.22 -0.13
C GLN A 78 1.16 2.04 -1.07
N THR A 79 2.23 1.60 -1.70
CA THR A 79 2.18 0.47 -2.63
C THR A 79 2.47 -0.84 -1.92
N TYR A 80 1.77 -1.89 -2.33
CA TYR A 80 1.96 -3.21 -1.73
C TYR A 80 3.44 -3.50 -1.52
N ALA A 81 4.24 -3.24 -2.54
CA ALA A 81 5.68 -3.48 -2.46
C ALA A 81 6.28 -2.80 -1.24
N GLU A 82 5.82 -1.59 -0.95
CA GLU A 82 6.31 -0.83 0.19
C GLU A 82 5.94 -1.51 1.50
N TYR A 83 4.67 -1.90 1.62
CA TYR A 83 4.19 -2.56 2.83
C TYR A 83 4.92 -3.88 3.06
N VAL A 84 4.85 -4.77 2.07
CA VAL A 84 5.51 -6.07 2.15
C VAL A 84 7.01 -5.92 2.35
N GLY A 85 7.59 -4.96 1.63
CA GLY A 85 9.02 -4.72 1.74
C GLY A 85 9.47 -4.49 3.16
N LYS A 86 8.74 -3.64 3.88
CA LYS A 86 9.07 -3.34 5.27
C LYS A 86 8.78 -4.52 6.17
N LYS A 87 7.54 -5.00 6.15
CA LYS A 87 7.14 -6.13 6.96
C LYS A 87 8.18 -7.25 6.90
N GLN A 88 8.61 -7.59 5.69
CA GLN A 88 9.61 -8.63 5.49
C GLN A 88 10.99 -8.15 5.91
N LYS A 89 11.95 -9.07 5.93
CA LYS A 89 13.32 -8.74 6.32
C LYS A 89 14.32 -9.64 5.61
N GLY A 90 15.25 -9.03 4.88
CA GLY A 90 16.26 -9.80 4.17
C GLY A 90 17.11 -10.64 5.10
N LYS A 91 18.39 -10.77 4.76
CA LYS A 91 19.31 -11.55 5.57
C LYS A 91 20.50 -10.72 6.02
N GLN A 92 20.23 -9.48 6.43
CA GLN A 92 21.27 -8.57 6.89
C GLN A 92 20.68 -7.42 7.70
N VAL A 93 21.43 -6.96 8.69
CA VAL A 93 20.98 -5.85 9.53
C VAL A 93 21.09 -4.52 8.81
N LYS A 94 20.14 -3.63 9.07
CA LYS A 94 20.13 -2.31 8.44
C LYS A 94 21.53 -1.70 8.45
N SER A 95 21.93 -1.12 7.32
CA SER A 95 23.24 -0.50 7.20
C SER A 95 23.27 0.47 6.03
N GLY A 96 23.94 1.61 6.23
CA GLY A 96 24.04 2.61 5.17
C GLY A 96 23.71 4.00 5.67
N PRO A 97 24.72 4.68 6.24
CA PRO A 97 24.55 6.04 6.77
C PRO A 97 24.35 7.07 5.66
N SER A 98 23.53 8.08 5.94
CA SER A 98 23.25 9.13 4.97
C SER A 98 23.19 10.50 5.65
N SER A 99 24.15 11.35 5.30
CA SER A 99 24.22 12.70 5.88
C SER A 99 24.18 13.75 4.78
N GLY A 100 23.73 14.95 5.15
CA GLY A 100 23.66 16.04 4.19
C GLY A 100 23.26 15.56 2.81
N GLY A 1 2.63 -0.66 15.86
CA GLY A 1 3.51 -0.67 14.71
C GLY A 1 4.41 -1.88 14.68
N SER A 2 4.08 -2.85 13.84
CA SER A 2 4.86 -4.07 13.71
C SER A 2 5.83 -3.98 12.53
N SER A 3 7.09 -3.68 12.82
CA SER A 3 8.10 -3.57 11.79
C SER A 3 9.38 -4.30 12.18
N GLY A 4 9.88 -5.13 11.27
CA GLY A 4 11.08 -5.90 11.55
C GLY A 4 12.14 -5.71 10.48
N SER A 5 13.22 -6.47 10.58
CA SER A 5 14.32 -6.37 9.61
C SER A 5 14.12 -7.35 8.47
N SER A 6 14.44 -6.92 7.26
CA SER A 6 14.30 -7.76 6.07
C SER A 6 15.55 -8.61 5.85
N GLY A 7 15.36 -9.93 5.85
CA GLY A 7 16.48 -10.83 5.64
C GLY A 7 16.34 -11.64 4.37
N GLY A 8 16.87 -11.11 3.27
CA GLY A 8 16.79 -11.82 2.00
C GLY A 8 15.50 -11.53 1.26
N PRO A 9 15.47 -10.41 0.53
CA PRO A 9 14.28 -10.00 -0.24
C PRO A 9 14.03 -10.91 -1.43
N ASP A 10 13.07 -11.81 -1.30
CA ASP A 10 12.73 -12.73 -2.38
C ASP A 10 12.18 -11.98 -3.59
N LEU A 11 12.06 -12.69 -4.71
CA LEU A 11 11.55 -12.08 -5.94
C LEU A 11 10.15 -11.51 -5.73
N GLN A 12 10.09 -10.25 -5.32
CA GLN A 12 8.81 -9.59 -5.09
C GLN A 12 7.89 -9.74 -6.29
N PRO A 13 6.58 -9.91 -6.03
CA PRO A 13 5.58 -10.07 -7.07
C PRO A 13 5.35 -8.79 -7.86
N LYS A 14 4.37 -8.81 -8.76
CA LYS A 14 4.05 -7.65 -9.58
C LYS A 14 2.77 -6.97 -9.09
N ARG A 15 2.55 -7.02 -7.78
CA ARG A 15 1.37 -6.41 -7.18
C ARG A 15 1.53 -4.90 -7.07
N ASP A 16 1.22 -4.19 -8.14
CA ASP A 16 1.34 -2.74 -8.15
C ASP A 16 -0.02 -2.08 -7.96
N HIS A 17 -1.02 -2.59 -8.67
CA HIS A 17 -2.38 -2.06 -8.58
C HIS A 17 -2.86 -2.04 -7.13
N VAL A 18 -2.36 -2.98 -6.34
CA VAL A 18 -2.74 -3.09 -4.93
C VAL A 18 -2.09 -1.97 -4.12
N LEU A 19 -2.90 -1.32 -3.28
CA LEU A 19 -2.40 -0.23 -2.44
C LEU A 19 -2.64 -0.54 -0.97
N HIS A 20 -1.72 -0.07 -0.12
CA HIS A 20 -1.83 -0.29 1.32
C HIS A 20 -2.21 1.00 2.04
N VAL A 21 -3.44 1.06 2.55
CA VAL A 21 -3.91 2.23 3.26
C VAL A 21 -4.18 1.92 4.73
N THR A 22 -3.45 2.59 5.61
CA THR A 22 -3.61 2.38 7.05
C THR A 22 -4.49 3.45 7.67
N PHE A 23 -5.73 3.08 7.98
CA PHE A 23 -6.67 4.02 8.58
C PHE A 23 -7.07 3.57 9.98
N PRO A 24 -7.48 4.53 10.81
CA PRO A 24 -7.89 4.26 12.20
C PRO A 24 -9.20 3.50 12.27
N LYS A 25 -9.33 2.63 13.28
CA LYS A 25 -10.53 1.84 13.46
C LYS A 25 -11.78 2.71 13.36
N GLU A 26 -11.70 3.92 13.92
CA GLU A 26 -12.82 4.85 13.89
C GLU A 26 -13.47 4.87 12.51
N TRP A 27 -12.69 4.58 11.48
CA TRP A 27 -13.19 4.57 10.11
C TRP A 27 -14.19 3.43 9.91
N LYS A 28 -14.65 3.26 8.68
CA LYS A 28 -15.61 2.22 8.35
C LYS A 28 -15.62 1.94 6.85
N THR A 29 -16.21 0.80 6.47
CA THR A 29 -16.29 0.42 5.06
C THR A 29 -16.74 1.59 4.20
N SER A 30 -17.89 2.17 4.54
CA SER A 30 -18.42 3.30 3.78
C SER A 30 -17.34 4.35 3.54
N ASP A 31 -16.64 4.73 4.60
CA ASP A 31 -15.57 5.72 4.50
C ASP A 31 -14.58 5.35 3.41
N LEU A 32 -14.19 4.07 3.38
CA LEU A 32 -13.24 3.58 2.40
C LEU A 32 -13.79 3.74 0.98
N TYR A 33 -14.91 3.07 0.72
CA TYR A 33 -15.55 3.12 -0.59
C TYR A 33 -15.71 4.57 -1.05
N GLN A 34 -16.54 5.33 -0.34
CA GLN A 34 -16.78 6.72 -0.67
C GLN A 34 -15.48 7.44 -1.02
N LEU A 35 -14.46 7.21 -0.20
CA LEU A 35 -13.15 7.84 -0.41
C LEU A 35 -12.59 7.45 -1.78
N PHE A 36 -12.37 6.16 -1.98
CA PHE A 36 -11.82 5.65 -3.24
C PHE A 36 -12.86 5.75 -4.35
N SER A 37 -14.10 6.10 -3.98
CA SER A 37 -15.18 6.24 -4.95
C SER A 37 -14.71 7.02 -6.17
N ALA A 38 -13.71 7.87 -5.98
CA ALA A 38 -13.16 8.68 -7.06
C ALA A 38 -12.87 7.82 -8.29
N PHE A 39 -12.36 6.62 -8.07
CA PHE A 39 -12.04 5.70 -9.15
C PHE A 39 -13.26 4.90 -9.57
N GLY A 40 -13.98 4.36 -8.59
CA GLY A 40 -15.16 3.58 -8.88
C GLY A 40 -15.10 2.18 -8.27
N ASN A 41 -15.66 1.21 -8.98
CA ASN A 41 -15.66 -0.17 -8.50
C ASN A 41 -14.29 -0.56 -7.96
N ILE A 42 -14.26 -0.95 -6.69
CA ILE A 42 -13.01 -1.35 -6.05
C ILE A 42 -13.22 -2.55 -5.14
N GLN A 43 -12.13 -3.11 -4.63
CA GLN A 43 -12.20 -4.27 -3.75
C GLN A 43 -11.46 -3.99 -2.43
N ILE A 44 -12.22 -3.67 -1.39
CA ILE A 44 -11.64 -3.39 -0.08
C ILE A 44 -11.38 -4.68 0.70
N SER A 45 -10.10 -5.01 0.86
CA SER A 45 -9.71 -6.22 1.58
C SER A 45 -9.31 -5.89 3.01
N TRP A 46 -10.15 -6.30 3.96
CA TRP A 46 -9.90 -6.05 5.38
C TRP A 46 -8.83 -7.00 5.91
N ILE A 47 -7.65 -6.47 6.19
CA ILE A 47 -6.55 -7.28 6.70
C ILE A 47 -6.57 -7.31 8.23
N ASP A 48 -6.23 -6.18 8.85
CA ASP A 48 -6.21 -6.08 10.30
C ASP A 48 -7.18 -5.00 10.78
N ASP A 49 -7.17 -4.75 12.09
CA ASP A 49 -8.05 -3.75 12.67
C ASP A 49 -7.73 -2.36 12.14
N THR A 50 -6.46 -2.12 11.84
CA THR A 50 -6.03 -0.83 11.32
C THR A 50 -5.27 -1.00 10.00
N SER A 51 -5.47 -2.14 9.35
CA SER A 51 -4.81 -2.43 8.09
C SER A 51 -5.83 -2.88 7.04
N ALA A 52 -5.72 -2.31 5.84
CA ALA A 52 -6.63 -2.66 4.75
C ALA A 52 -5.88 -2.69 3.41
N PHE A 53 -6.59 -3.11 2.37
CA PHE A 53 -6.00 -3.19 1.04
C PHE A 53 -6.94 -2.60 -0.01
N VAL A 54 -6.37 -2.05 -1.07
CA VAL A 54 -7.15 -1.45 -2.15
C VAL A 54 -6.59 -1.83 -3.51
N SER A 55 -7.32 -2.67 -4.24
CA SER A 55 -6.89 -3.11 -5.57
C SER A 55 -7.58 -2.28 -6.66
N LEU A 56 -6.79 -1.84 -7.63
CA LEU A 56 -7.32 -1.04 -8.73
C LEU A 56 -7.32 -1.84 -10.03
N SER A 57 -7.82 -1.23 -11.10
CA SER A 57 -7.87 -1.88 -12.40
C SER A 57 -6.58 -1.64 -13.18
N GLN A 58 -6.15 -0.38 -13.22
CA GLN A 58 -4.93 -0.02 -13.94
C GLN A 58 -3.90 0.57 -12.99
N PRO A 59 -2.62 0.36 -13.31
CA PRO A 59 -1.51 0.87 -12.49
C PRO A 59 -1.38 2.39 -12.56
N GLU A 60 -1.98 2.98 -13.59
CA GLU A 60 -1.94 4.42 -13.76
C GLU A 60 -2.55 5.14 -12.57
N GLN A 61 -3.80 4.80 -12.26
CA GLN A 61 -4.51 5.41 -11.14
C GLN A 61 -3.61 5.48 -9.90
N VAL A 62 -2.93 4.38 -9.61
CA VAL A 62 -2.04 4.31 -8.46
C VAL A 62 -1.36 5.65 -8.21
N GLN A 63 -0.66 6.16 -9.23
CA GLN A 63 0.04 7.43 -9.13
C GLN A 63 -0.86 8.49 -8.50
N ILE A 64 -2.03 8.69 -9.09
CA ILE A 64 -2.98 9.68 -8.59
C ILE A 64 -3.29 9.45 -7.12
N ALA A 65 -3.72 8.23 -6.81
CA ALA A 65 -4.05 7.87 -5.43
C ALA A 65 -2.90 8.22 -4.48
N VAL A 66 -1.71 7.70 -4.78
CA VAL A 66 -0.54 7.96 -3.96
C VAL A 66 -0.25 9.45 -3.87
N ASN A 67 -0.42 10.15 -4.99
CA ASN A 67 -0.17 11.58 -5.05
C ASN A 67 -0.92 12.31 -3.93
N THR A 68 -2.25 12.25 -3.99
CA THR A 68 -3.08 12.90 -2.99
C THR A 68 -2.71 12.44 -1.58
N SER A 69 -2.39 11.16 -1.46
CA SER A 69 -2.02 10.58 -0.17
C SER A 69 -0.86 11.35 0.46
N LYS A 70 0.00 11.90 -0.39
CA LYS A 70 1.15 12.65 0.08
C LYS A 70 0.73 13.76 1.04
N TYR A 71 -0.03 14.72 0.53
CA TYR A 71 -0.51 15.83 1.34
C TYR A 71 -1.50 15.35 2.40
N ALA A 72 -2.39 14.44 2.01
CA ALA A 72 -3.38 13.90 2.92
C ALA A 72 -2.72 13.36 4.19
N GLU A 73 -3.08 13.94 5.33
CA GLU A 73 -2.53 13.52 6.61
C GLU A 73 -3.48 12.57 7.33
N SER A 74 -4.77 12.85 7.22
CA SER A 74 -5.79 12.03 7.88
C SER A 74 -5.53 10.55 7.61
N TYR A 75 -5.30 10.21 6.34
CA TYR A 75 -5.04 8.83 5.96
C TYR A 75 -3.65 8.69 5.33
N ARG A 76 -3.20 7.45 5.21
CA ARG A 76 -1.89 7.17 4.64
C ARG A 76 -1.97 6.03 3.62
N ILE A 77 -1.49 6.29 2.41
CA ILE A 77 -1.51 5.29 1.35
C ILE A 77 -0.09 4.94 0.90
N GLN A 78 0.13 3.67 0.60
CA GLN A 78 1.44 3.21 0.16
C GLN A 78 1.30 2.11 -0.90
N THR A 79 2.43 1.61 -1.38
CA THR A 79 2.44 0.56 -2.39
C THR A 79 2.55 -0.82 -1.75
N TYR A 80 1.81 -1.78 -2.30
CA TYR A 80 1.82 -3.14 -1.78
C TYR A 80 3.25 -3.61 -1.52
N ALA A 81 4.15 -3.25 -2.42
CA ALA A 81 5.55 -3.64 -2.30
C ALA A 81 6.21 -2.93 -1.11
N GLU A 82 5.75 -1.71 -0.83
CA GLU A 82 6.29 -0.94 0.28
C GLU A 82 5.87 -1.53 1.62
N TYR A 83 4.64 -2.01 1.69
CA TYR A 83 4.11 -2.59 2.91
C TYR A 83 4.68 -3.99 3.14
N VAL A 84 4.55 -4.85 2.14
CA VAL A 84 5.05 -6.21 2.22
C VAL A 84 6.54 -6.23 2.54
N GLY A 85 7.22 -5.13 2.22
CA GLY A 85 8.64 -5.04 2.47
C GLY A 85 8.94 -4.67 3.91
N LYS A 86 8.10 -3.84 4.50
CA LYS A 86 8.29 -3.41 5.88
C LYS A 86 7.59 -4.37 6.85
N LYS A 87 6.67 -5.16 6.32
CA LYS A 87 5.92 -6.13 7.13
C LYS A 87 6.62 -7.48 7.14
N GLN A 88 7.24 -7.82 6.02
CA GLN A 88 7.95 -9.09 5.90
C GLN A 88 9.23 -9.09 6.73
N LYS A 89 9.50 -10.22 7.39
CA LYS A 89 10.69 -10.34 8.22
C LYS A 89 11.07 -11.81 8.41
N GLY A 90 12.21 -12.20 7.86
CA GLY A 90 12.66 -13.57 7.99
C GLY A 90 13.72 -13.74 9.06
N LYS A 91 14.68 -14.63 8.81
CA LYS A 91 15.76 -14.88 9.75
C LYS A 91 17.12 -14.85 9.05
N GLN A 92 17.64 -13.65 8.82
CA GLN A 92 18.93 -13.48 8.16
C GLN A 92 19.46 -12.07 8.37
N VAL A 93 20.72 -11.98 8.78
CA VAL A 93 21.35 -10.68 9.01
C VAL A 93 21.28 -9.80 7.77
N LYS A 94 20.99 -8.53 7.98
CA LYS A 94 20.89 -7.57 6.88
C LYS A 94 22.20 -7.48 6.12
N SER A 95 22.12 -7.44 4.79
CA SER A 95 23.30 -7.36 3.96
C SER A 95 23.50 -5.93 3.44
N GLY A 96 24.63 -5.70 2.78
CA GLY A 96 24.92 -4.37 2.25
C GLY A 96 24.71 -4.29 0.75
N PRO A 97 24.26 -3.13 0.28
CA PRO A 97 24.00 -2.90 -1.15
C PRO A 97 25.29 -2.84 -1.97
N SER A 98 25.26 -3.49 -3.13
CA SER A 98 26.42 -3.53 -4.01
C SER A 98 27.03 -2.13 -4.16
N SER A 99 28.31 -2.02 -3.85
CA SER A 99 29.02 -0.74 -3.95
C SER A 99 28.94 -0.20 -5.37
N GLY A 100 29.12 1.12 -5.51
CA GLY A 100 29.07 1.75 -6.81
C GLY A 100 29.74 0.90 -7.89
N GLY A 1 18.41 4.97 16.32
CA GLY A 1 17.27 4.79 15.44
C GLY A 1 17.68 4.65 13.98
N SER A 2 18.31 3.54 13.65
CA SER A 2 18.76 3.28 12.28
C SER A 2 18.67 1.81 11.93
N SER A 3 18.74 1.50 10.65
CA SER A 3 18.66 0.12 10.18
C SER A 3 19.51 -0.08 8.93
N GLY A 4 19.91 -1.33 8.68
CA GLY A 4 20.72 -1.63 7.52
C GLY A 4 20.04 -1.24 6.23
N SER A 5 20.85 -0.87 5.23
CA SER A 5 20.31 -0.47 3.93
C SER A 5 20.21 -1.66 2.99
N SER A 6 19.62 -1.43 1.82
CA SER A 6 19.45 -2.49 0.83
C SER A 6 20.38 -2.26 -0.37
N GLY A 7 21.51 -2.96 -0.37
CA GLY A 7 22.46 -2.81 -1.45
C GLY A 7 22.06 -3.61 -2.68
N GLY A 8 20.84 -3.39 -3.17
CA GLY A 8 20.37 -4.11 -4.33
C GLY A 8 19.25 -5.08 -3.99
N PRO A 9 18.02 -4.58 -3.92
CA PRO A 9 16.85 -5.41 -3.60
C PRO A 9 16.49 -6.37 -4.73
N ASP A 10 16.07 -7.58 -4.37
CA ASP A 10 15.70 -8.59 -5.35
C ASP A 10 14.60 -8.07 -6.27
N LEU A 11 14.38 -8.79 -7.36
CA LEU A 11 13.35 -8.39 -8.33
C LEU A 11 12.02 -8.18 -7.64
N GLN A 12 11.71 -6.91 -7.34
CA GLN A 12 10.45 -6.57 -6.68
C GLN A 12 9.30 -7.38 -7.25
N PRO A 13 8.27 -7.62 -6.43
CA PRO A 13 7.08 -8.38 -6.83
C PRO A 13 6.22 -7.62 -7.83
N LYS A 14 5.11 -8.23 -8.24
CA LYS A 14 4.20 -7.61 -9.19
C LYS A 14 2.98 -7.03 -8.47
N ARG A 15 3.22 -6.37 -7.35
CA ARG A 15 2.15 -5.76 -6.57
C ARG A 15 2.22 -4.24 -6.64
N ASP A 16 1.83 -3.68 -7.78
CA ASP A 16 1.85 -2.24 -7.97
C ASP A 16 0.44 -1.66 -7.92
N HIS A 17 -0.50 -2.34 -8.59
CA HIS A 17 -1.89 -1.89 -8.62
C HIS A 17 -2.48 -1.85 -7.21
N VAL A 18 -2.08 -2.82 -6.38
CA VAL A 18 -2.58 -2.89 -5.01
C VAL A 18 -1.95 -1.80 -4.14
N LEU A 19 -2.79 -1.10 -3.39
CA LEU A 19 -2.31 -0.03 -2.51
C LEU A 19 -2.55 -0.37 -1.05
N HIS A 20 -1.60 -0.01 -0.19
CA HIS A 20 -1.71 -0.28 1.23
C HIS A 20 -2.04 0.99 2.00
N VAL A 21 -3.28 1.08 2.49
CA VAL A 21 -3.73 2.24 3.25
C VAL A 21 -3.90 1.91 4.72
N THR A 22 -3.33 2.74 5.58
CA THR A 22 -3.43 2.53 7.03
C THR A 22 -4.33 3.58 7.68
N PHE A 23 -5.55 3.16 8.02
CA PHE A 23 -6.51 4.06 8.65
C PHE A 23 -6.95 3.52 10.02
N PRO A 24 -7.41 4.43 10.88
CA PRO A 24 -7.87 4.07 12.23
C PRO A 24 -9.17 3.27 12.20
N LYS A 25 -9.28 2.29 13.10
CA LYS A 25 -10.47 1.46 13.18
C LYS A 25 -11.73 2.31 13.20
N GLU A 26 -11.63 3.49 13.80
CA GLU A 26 -12.77 4.40 13.88
C GLU A 26 -13.47 4.53 12.54
N TRP A 27 -12.72 4.24 11.47
CA TRP A 27 -13.28 4.33 10.12
C TRP A 27 -14.31 3.23 9.87
N LYS A 28 -14.80 3.15 8.65
CA LYS A 28 -15.80 2.14 8.29
C LYS A 28 -15.78 1.89 6.78
N THR A 29 -16.38 0.77 6.37
CA THR A 29 -16.44 0.42 4.96
C THR A 29 -16.93 1.58 4.12
N SER A 30 -17.92 2.30 4.63
CA SER A 30 -18.47 3.44 3.91
C SER A 30 -17.41 4.50 3.66
N ASP A 31 -16.60 4.77 4.68
CA ASP A 31 -15.53 5.75 4.56
C ASP A 31 -14.54 5.37 3.47
N LEU A 32 -14.22 4.08 3.39
CA LEU A 32 -13.29 3.58 2.39
C LEU A 32 -13.86 3.75 0.99
N TYR A 33 -14.90 2.98 0.69
CA TYR A 33 -15.54 3.03 -0.63
C TYR A 33 -15.76 4.48 -1.06
N GLN A 34 -16.52 5.22 -0.27
CA GLN A 34 -16.81 6.63 -0.57
C GLN A 34 -15.53 7.38 -0.92
N LEU A 35 -14.49 7.18 -0.11
CA LEU A 35 -13.20 7.84 -0.33
C LEU A 35 -12.64 7.50 -1.71
N PHE A 36 -12.39 6.21 -1.94
CA PHE A 36 -11.85 5.76 -3.21
C PHE A 36 -12.90 5.85 -4.30
N SER A 37 -14.14 6.14 -3.91
CA SER A 37 -15.24 6.24 -4.86
C SER A 37 -14.80 7.01 -6.11
N ALA A 38 -13.78 7.84 -5.95
CA ALA A 38 -13.26 8.63 -7.07
C ALA A 38 -13.06 7.76 -8.31
N PHE A 39 -12.41 6.62 -8.13
CA PHE A 39 -12.15 5.70 -9.23
C PHE A 39 -13.40 4.89 -9.57
N GLY A 40 -14.06 4.38 -8.54
CA GLY A 40 -15.25 3.58 -8.75
C GLY A 40 -15.25 2.30 -7.94
N ASN A 41 -15.93 1.28 -8.46
CA ASN A 41 -16.00 -0.01 -7.78
C ASN A 41 -14.61 -0.58 -7.52
N ILE A 42 -14.33 -0.92 -6.28
CA ILE A 42 -13.04 -1.48 -5.91
C ILE A 42 -13.20 -2.66 -4.95
N GLN A 43 -12.09 -3.34 -4.67
CA GLN A 43 -12.11 -4.49 -3.78
C GLN A 43 -11.40 -4.17 -2.47
N ILE A 44 -12.18 -3.87 -1.44
CA ILE A 44 -11.64 -3.54 -0.13
C ILE A 44 -11.37 -4.81 0.68
N SER A 45 -10.09 -5.14 0.84
CA SER A 45 -9.70 -6.33 1.60
C SER A 45 -9.34 -5.96 3.03
N TRP A 46 -10.14 -6.43 3.98
CA TRP A 46 -9.91 -6.16 5.40
C TRP A 46 -8.84 -7.09 5.96
N ILE A 47 -7.67 -6.51 6.25
CA ILE A 47 -6.57 -7.29 6.80
C ILE A 47 -6.60 -7.30 8.33
N ASP A 48 -6.52 -6.12 8.93
CA ASP A 48 -6.56 -6.00 10.38
C ASP A 48 -7.55 -4.92 10.81
N ASP A 49 -7.58 -4.64 12.11
CA ASP A 49 -8.48 -3.63 12.65
C ASP A 49 -8.07 -2.23 12.20
N THR A 50 -6.79 -2.08 11.88
CA THR A 50 -6.26 -0.79 11.44
C THR A 50 -5.46 -0.93 10.15
N SER A 51 -5.70 -2.03 9.44
CA SER A 51 -5.00 -2.29 8.18
C SER A 51 -5.96 -2.82 7.13
N ALA A 52 -5.84 -2.30 5.91
CA ALA A 52 -6.69 -2.72 4.80
C ALA A 52 -5.92 -2.77 3.49
N PHE A 53 -6.58 -3.24 2.44
CA PHE A 53 -5.94 -3.34 1.13
C PHE A 53 -6.85 -2.77 0.04
N VAL A 54 -6.23 -2.16 -0.97
CA VAL A 54 -6.97 -1.56 -2.07
C VAL A 54 -6.49 -2.10 -3.41
N SER A 55 -7.43 -2.43 -4.28
CA SER A 55 -7.10 -2.96 -5.60
C SER A 55 -7.71 -2.09 -6.71
N LEU A 56 -6.95 -1.84 -7.76
CA LEU A 56 -7.42 -1.04 -8.88
C LEU A 56 -7.40 -1.84 -10.17
N SER A 57 -7.86 -1.23 -11.25
CA SER A 57 -7.90 -1.88 -12.55
C SER A 57 -6.62 -1.60 -13.35
N GLN A 58 -6.20 -0.34 -13.34
CA GLN A 58 -5.00 0.07 -14.05
C GLN A 58 -3.96 0.65 -13.10
N PRO A 59 -2.68 0.46 -13.43
CA PRO A 59 -1.56 0.95 -12.61
C PRO A 59 -1.45 2.47 -12.64
N GLU A 60 -1.73 3.06 -13.80
CA GLU A 60 -1.65 4.51 -13.95
C GLU A 60 -2.31 5.21 -12.77
N GLN A 61 -3.50 4.75 -12.40
CA GLN A 61 -4.24 5.33 -11.28
C GLN A 61 -3.37 5.37 -10.02
N VAL A 62 -2.69 4.28 -9.74
CA VAL A 62 -1.82 4.19 -8.57
C VAL A 62 -1.14 5.53 -8.29
N GLN A 63 -0.40 6.03 -9.28
CA GLN A 63 0.31 7.30 -9.15
C GLN A 63 -0.61 8.36 -8.54
N ILE A 64 -1.75 8.58 -9.19
CA ILE A 64 -2.72 9.58 -8.73
C ILE A 64 -3.08 9.35 -7.27
N ALA A 65 -3.57 8.15 -6.98
CA ALA A 65 -3.96 7.79 -5.61
C ALA A 65 -2.88 8.19 -4.62
N VAL A 66 -1.63 7.82 -4.91
CA VAL A 66 -0.51 8.14 -4.03
C VAL A 66 -0.29 9.65 -3.97
N ASN A 67 -0.39 10.32 -5.11
CA ASN A 67 -0.20 11.77 -5.17
C ASN A 67 -1.08 12.47 -4.14
N THR A 68 -2.36 12.14 -4.14
CA THR A 68 -3.30 12.75 -3.20
C THR A 68 -2.96 12.39 -1.77
N SER A 69 -2.44 11.19 -1.57
CA SER A 69 -2.07 10.72 -0.24
C SER A 69 -0.87 11.51 0.31
N LYS A 70 0.09 11.77 -0.58
CA LYS A 70 1.29 12.52 -0.19
C LYS A 70 0.95 13.62 0.82
N TYR A 71 0.05 14.53 0.42
CA TYR A 71 -0.35 15.62 1.29
C TYR A 71 -1.31 15.13 2.37
N ALA A 72 -2.24 14.26 1.98
CA ALA A 72 -3.21 13.71 2.91
C ALA A 72 -2.57 13.38 4.25
N GLU A 73 -3.04 14.02 5.31
CA GLU A 73 -2.50 13.79 6.65
C GLU A 73 -3.40 12.83 7.43
N SER A 74 -4.70 13.10 7.41
CA SER A 74 -5.67 12.27 8.12
C SER A 74 -5.44 10.79 7.83
N TYR A 75 -5.28 10.47 6.56
CA TYR A 75 -5.05 9.09 6.14
C TYR A 75 -3.69 8.93 5.46
N ARG A 76 -3.22 7.70 5.36
CA ARG A 76 -1.93 7.42 4.74
C ARG A 76 -2.04 6.28 3.75
N ILE A 77 -1.49 6.48 2.55
CA ILE A 77 -1.53 5.46 1.50
C ILE A 77 -0.14 5.14 0.99
N GLN A 78 0.13 3.86 0.78
CA GLN A 78 1.44 3.43 0.29
C GLN A 78 1.29 2.31 -0.73
N THR A 79 2.41 1.82 -1.25
CA THR A 79 2.40 0.75 -2.24
C THR A 79 2.50 -0.61 -1.57
N TYR A 80 1.85 -1.61 -2.17
CA TYR A 80 1.86 -2.95 -1.63
C TYR A 80 3.28 -3.38 -1.24
N ALA A 81 4.22 -3.15 -2.14
CA ALA A 81 5.62 -3.50 -1.90
C ALA A 81 6.12 -2.85 -0.62
N GLU A 82 5.82 -1.56 -0.45
CA GLU A 82 6.25 -0.83 0.73
C GLU A 82 5.75 -1.51 2.01
N TYR A 83 4.60 -2.16 1.92
CA TYR A 83 4.02 -2.85 3.06
C TYR A 83 4.74 -4.17 3.32
N VAL A 84 4.59 -5.11 2.40
CA VAL A 84 5.22 -6.41 2.53
C VAL A 84 6.71 -6.28 2.80
N GLY A 85 7.29 -5.17 2.34
CA GLY A 85 8.71 -4.94 2.54
C GLY A 85 9.07 -4.83 4.01
N LYS A 86 8.27 -4.09 4.77
CA LYS A 86 8.52 -3.90 6.19
C LYS A 86 8.64 -5.25 6.90
N LYS A 87 7.78 -6.19 6.54
CA LYS A 87 7.79 -7.52 7.13
C LYS A 87 9.16 -8.17 6.96
N GLN A 88 9.60 -8.31 5.71
CA GLN A 88 10.89 -8.93 5.42
C GLN A 88 12.02 -7.92 5.60
N LYS A 89 12.97 -8.25 6.47
CA LYS A 89 14.10 -7.37 6.74
C LYS A 89 15.17 -7.53 5.67
N GLY A 90 14.74 -7.62 4.41
CA GLY A 90 15.68 -7.78 3.31
C GLY A 90 16.29 -9.16 3.27
N LYS A 91 16.18 -9.82 2.12
CA LYS A 91 16.73 -11.16 1.95
C LYS A 91 17.53 -11.26 0.66
N GLN A 92 18.82 -10.97 0.74
CA GLN A 92 19.70 -11.03 -0.42
C GLN A 92 21.16 -10.93 -0.01
N VAL A 93 21.96 -11.91 -0.44
CA VAL A 93 23.37 -11.94 -0.11
C VAL A 93 24.21 -12.28 -1.34
N LYS A 94 25.49 -11.93 -1.29
CA LYS A 94 26.40 -12.19 -2.40
C LYS A 94 27.29 -13.39 -2.10
N SER A 95 26.96 -14.53 -2.69
CA SER A 95 27.73 -15.76 -2.49
C SER A 95 29.18 -15.57 -2.92
N GLY A 96 30.10 -16.08 -2.11
CA GLY A 96 31.51 -15.96 -2.42
C GLY A 96 32.29 -15.25 -1.33
N PRO A 97 32.72 -16.02 -0.32
CA PRO A 97 33.48 -15.48 0.82
C PRO A 97 34.89 -15.05 0.41
N SER A 98 35.31 -13.89 0.90
CA SER A 98 36.63 -13.36 0.60
C SER A 98 37.65 -14.49 0.46
N SER A 99 38.53 -14.37 -0.54
CA SER A 99 39.55 -15.39 -0.77
C SER A 99 40.73 -15.18 0.16
N GLY A 100 41.37 -16.30 0.55
CA GLY A 100 42.51 -16.22 1.44
C GLY A 100 42.30 -16.98 2.73
N GLY A 1 12.34 -9.53 15.96
CA GLY A 1 13.14 -8.52 15.30
C GLY A 1 13.43 -8.84 13.85
N SER A 2 12.65 -8.26 12.94
CA SER A 2 12.81 -8.50 11.51
C SER A 2 13.16 -7.21 10.78
N SER A 3 14.47 -6.96 10.64
CA SER A 3 14.93 -5.75 9.96
C SER A 3 16.11 -6.07 9.04
N GLY A 4 16.16 -5.41 7.89
CA GLY A 4 17.24 -5.62 6.95
C GLY A 4 16.95 -5.03 5.59
N SER A 5 16.82 -5.89 4.58
CA SER A 5 16.54 -5.44 3.22
C SER A 5 15.97 -6.57 2.38
N SER A 6 15.03 -6.24 1.51
CA SER A 6 14.39 -7.22 0.65
C SER A 6 14.75 -6.98 -0.82
N GLY A 7 14.40 -7.93 -1.68
CA GLY A 7 14.70 -7.81 -3.09
C GLY A 7 15.57 -8.94 -3.61
N GLY A 8 15.26 -10.16 -3.18
CA GLY A 8 16.03 -11.31 -3.62
C GLY A 8 16.10 -11.42 -5.13
N PRO A 9 17.05 -12.23 -5.62
CA PRO A 9 17.24 -12.45 -7.05
C PRO A 9 16.10 -13.23 -7.69
N ASP A 10 15.10 -13.56 -6.89
CA ASP A 10 13.94 -14.31 -7.37
C ASP A 10 12.96 -13.38 -8.07
N LEU A 11 12.03 -13.97 -8.82
CA LEU A 11 11.02 -13.20 -9.55
C LEU A 11 9.75 -13.04 -8.72
N GLN A 12 9.57 -11.86 -8.14
CA GLN A 12 8.40 -11.58 -7.32
C GLN A 12 7.20 -11.23 -8.19
N PRO A 13 5.99 -11.55 -7.71
CA PRO A 13 4.74 -11.28 -8.43
C PRO A 13 4.43 -9.79 -8.50
N LYS A 14 3.67 -9.39 -9.52
CA LYS A 14 3.30 -7.99 -9.68
C LYS A 14 2.22 -7.59 -8.68
N ARG A 15 2.59 -6.74 -7.72
CA ARG A 15 1.65 -6.29 -6.71
C ARG A 15 1.58 -4.76 -6.68
N ASP A 16 1.52 -4.16 -7.86
CA ASP A 16 1.44 -2.71 -7.98
C ASP A 16 0.00 -2.23 -7.79
N HIS A 17 -0.89 -2.69 -8.66
CA HIS A 17 -2.30 -2.30 -8.60
C HIS A 17 -2.79 -2.27 -7.16
N VAL A 18 -2.24 -3.17 -6.34
CA VAL A 18 -2.62 -3.25 -4.94
C VAL A 18 -2.03 -2.09 -4.14
N LEU A 19 -2.88 -1.45 -3.34
CA LEU A 19 -2.45 -0.32 -2.51
C LEU A 19 -2.70 -0.59 -1.04
N HIS A 20 -1.69 -0.37 -0.22
CA HIS A 20 -1.81 -0.58 1.22
C HIS A 20 -2.21 0.70 1.94
N VAL A 21 -3.45 0.76 2.40
CA VAL A 21 -3.95 1.93 3.09
C VAL A 21 -4.14 1.65 4.58
N THR A 22 -3.44 2.40 5.42
CA THR A 22 -3.52 2.24 6.86
C THR A 22 -4.39 3.32 7.50
N PHE A 23 -5.61 2.93 7.87
CA PHE A 23 -6.55 3.87 8.49
C PHE A 23 -6.95 3.39 9.88
N PRO A 24 -7.35 4.34 10.73
CA PRO A 24 -7.77 4.05 12.10
C PRO A 24 -9.11 3.31 12.16
N LYS A 25 -9.34 2.59 13.25
CA LYS A 25 -10.58 1.84 13.42
C LYS A 25 -11.79 2.76 13.29
N GLU A 26 -11.68 3.98 13.82
CA GLU A 26 -12.77 4.95 13.76
C GLU A 26 -13.39 4.97 12.36
N TRP A 27 -12.60 4.62 11.36
CA TRP A 27 -13.07 4.60 9.99
C TRP A 27 -14.13 3.52 9.78
N LYS A 28 -14.72 3.50 8.59
CA LYS A 28 -15.75 2.52 8.27
C LYS A 28 -15.69 2.13 6.79
N THR A 29 -16.34 1.03 6.44
CA THR A 29 -16.37 0.57 5.06
C THR A 29 -16.82 1.68 4.11
N SER A 30 -17.93 2.32 4.45
CA SER A 30 -18.46 3.40 3.62
C SER A 30 -17.41 4.47 3.38
N ASP A 31 -16.65 4.79 4.42
CA ASP A 31 -15.60 5.80 4.32
C ASP A 31 -14.57 5.41 3.26
N LEU A 32 -14.13 4.16 3.30
CA LEU A 32 -13.15 3.66 2.33
C LEU A 32 -13.66 3.80 0.91
N TYR A 33 -14.82 3.19 0.65
CA TYR A 33 -15.42 3.24 -0.68
C TYR A 33 -15.56 4.69 -1.16
N GLN A 34 -16.19 5.51 -0.33
CA GLN A 34 -16.40 6.92 -0.67
C GLN A 34 -15.07 7.58 -1.06
N LEU A 35 -14.05 7.35 -0.25
CA LEU A 35 -12.73 7.92 -0.50
C LEU A 35 -12.20 7.50 -1.86
N PHE A 36 -12.06 6.19 -2.06
CA PHE A 36 -11.57 5.65 -3.32
C PHE A 36 -12.63 5.77 -4.42
N SER A 37 -13.83 6.15 -4.02
CA SER A 37 -14.94 6.29 -4.97
C SER A 37 -14.49 7.05 -6.21
N ALA A 38 -13.51 7.93 -6.04
CA ALA A 38 -12.98 8.72 -7.15
C ALA A 38 -12.81 7.85 -8.40
N PHE A 39 -12.32 6.63 -8.21
CA PHE A 39 -12.10 5.71 -9.32
C PHE A 39 -13.39 4.96 -9.66
N GLY A 40 -14.00 4.35 -8.64
CA GLY A 40 -15.23 3.61 -8.85
C GLY A 40 -15.20 2.25 -8.17
N ASN A 41 -15.87 1.27 -8.77
CA ASN A 41 -15.93 -0.07 -8.21
C ASN A 41 -14.53 -0.55 -7.82
N ILE A 42 -14.38 -0.93 -6.56
CA ILE A 42 -13.10 -1.41 -6.05
C ILE A 42 -13.29 -2.61 -5.11
N GLN A 43 -12.19 -3.13 -4.59
CA GLN A 43 -12.23 -4.26 -3.69
C GLN A 43 -11.50 -3.95 -2.38
N ILE A 44 -12.26 -3.60 -1.35
CA ILE A 44 -11.69 -3.28 -0.05
C ILE A 44 -11.44 -4.54 0.78
N SER A 45 -10.18 -4.93 0.90
CA SER A 45 -9.82 -6.11 1.66
C SER A 45 -9.36 -5.74 3.08
N TRP A 46 -10.10 -6.21 4.07
CA TRP A 46 -9.78 -5.93 5.46
C TRP A 46 -8.70 -6.89 5.98
N ILE A 47 -7.52 -6.36 6.23
CA ILE A 47 -6.40 -7.17 6.73
C ILE A 47 -6.40 -7.20 8.25
N ASP A 48 -6.18 -6.03 8.86
CA ASP A 48 -6.15 -5.93 10.32
C ASP A 48 -7.09 -4.84 10.81
N ASP A 49 -7.09 -4.60 12.11
CA ASP A 49 -7.96 -3.59 12.70
C ASP A 49 -7.70 -2.23 12.06
N THR A 50 -6.44 -1.93 11.81
CA THR A 50 -6.05 -0.66 11.19
C THR A 50 -5.32 -0.87 9.88
N SER A 51 -5.50 -2.06 9.30
CA SER A 51 -4.85 -2.39 8.03
C SER A 51 -5.87 -2.83 6.99
N ALA A 52 -5.73 -2.31 5.78
CA ALA A 52 -6.64 -2.65 4.69
C ALA A 52 -5.90 -2.75 3.36
N PHE A 53 -6.63 -3.10 2.31
CA PHE A 53 -6.03 -3.24 0.98
C PHE A 53 -6.95 -2.65 -0.08
N VAL A 54 -6.36 -2.12 -1.15
CA VAL A 54 -7.13 -1.53 -2.24
C VAL A 54 -6.54 -1.92 -3.59
N SER A 55 -7.24 -2.81 -4.30
CA SER A 55 -6.79 -3.27 -5.60
C SER A 55 -7.51 -2.51 -6.72
N LEU A 56 -6.74 -1.99 -7.67
CA LEU A 56 -7.30 -1.25 -8.79
C LEU A 56 -7.21 -2.06 -10.08
N SER A 57 -7.79 -1.52 -11.15
CA SER A 57 -7.78 -2.20 -12.44
C SER A 57 -6.51 -1.86 -13.22
N GLN A 58 -6.14 -0.59 -13.22
CA GLN A 58 -4.95 -0.14 -13.92
C GLN A 58 -3.96 0.52 -12.95
N PRO A 59 -2.67 0.46 -13.30
CA PRO A 59 -1.61 1.04 -12.48
C PRO A 59 -1.63 2.56 -12.49
N GLU A 60 -1.84 3.15 -13.66
CA GLU A 60 -1.90 4.60 -13.80
C GLU A 60 -2.55 5.23 -12.57
N GLN A 61 -3.73 4.75 -12.22
CA GLN A 61 -4.45 5.27 -11.07
C GLN A 61 -3.55 5.33 -9.84
N VAL A 62 -2.82 4.25 -9.59
CA VAL A 62 -1.92 4.18 -8.45
C VAL A 62 -1.30 5.55 -8.15
N GLN A 63 -0.69 6.15 -9.17
CA GLN A 63 -0.06 7.44 -9.01
C GLN A 63 -1.02 8.44 -8.38
N ILE A 64 -2.15 8.68 -9.04
CA ILE A 64 -3.15 9.61 -8.54
C ILE A 64 -3.55 9.27 -7.10
N ALA A 65 -3.78 7.99 -6.84
CA ALA A 65 -4.15 7.54 -5.51
C ALA A 65 -3.15 8.01 -4.46
N VAL A 66 -1.87 7.89 -4.79
CA VAL A 66 -0.80 8.31 -3.88
C VAL A 66 -0.71 9.83 -3.80
N ASN A 67 -0.67 10.48 -4.96
CA ASN A 67 -0.57 11.93 -5.02
C ASN A 67 -1.47 12.58 -3.96
N THR A 68 -2.67 12.02 -3.79
CA THR A 68 -3.62 12.55 -2.82
C THR A 68 -3.16 12.25 -1.39
N SER A 69 -2.68 11.02 -1.18
CA SER A 69 -2.21 10.61 0.15
C SER A 69 -1.06 11.49 0.61
N LYS A 70 -0.23 11.91 -0.33
CA LYS A 70 0.91 12.76 -0.01
C LYS A 70 0.52 13.86 0.97
N TYR A 71 -0.36 14.75 0.54
CA TYR A 71 -0.82 15.85 1.38
C TYR A 71 -1.73 15.34 2.50
N ALA A 72 -2.60 14.39 2.16
CA ALA A 72 -3.52 13.81 3.12
C ALA A 72 -2.77 13.32 4.37
N GLU A 73 -3.14 13.86 5.52
CA GLU A 73 -2.50 13.48 6.78
C GLU A 73 -3.36 12.47 7.54
N SER A 74 -4.67 12.71 7.56
CA SER A 74 -5.60 11.82 8.25
C SER A 74 -5.32 10.37 7.90
N TYR A 75 -5.19 10.09 6.60
CA TYR A 75 -4.92 8.74 6.14
C TYR A 75 -3.56 8.65 5.45
N ARG A 76 -3.04 7.43 5.35
CA ARG A 76 -1.74 7.22 4.72
C ARG A 76 -1.81 6.05 3.73
N ILE A 77 -1.47 6.34 2.47
CA ILE A 77 -1.50 5.32 1.43
C ILE A 77 -0.09 5.01 0.93
N GLN A 78 0.20 3.72 0.72
CA GLN A 78 1.50 3.30 0.25
C GLN A 78 1.38 2.12 -0.71
N THR A 79 2.48 1.80 -1.39
CA THR A 79 2.49 0.70 -2.35
C THR A 79 2.69 -0.64 -1.64
N TYR A 80 2.08 -1.68 -2.18
CA TYR A 80 2.18 -3.02 -1.59
C TYR A 80 3.65 -3.40 -1.38
N ALA A 81 4.46 -3.19 -2.40
CA ALA A 81 5.89 -3.52 -2.32
C ALA A 81 6.54 -2.80 -1.15
N GLU A 82 6.09 -1.58 -0.87
CA GLU A 82 6.64 -0.80 0.23
C GLU A 82 6.21 -1.37 1.57
N TYR A 83 4.91 -1.57 1.74
CA TYR A 83 4.38 -2.12 2.99
C TYR A 83 4.95 -3.50 3.27
N VAL A 84 4.73 -4.43 2.33
CA VAL A 84 5.23 -5.79 2.48
C VAL A 84 6.72 -5.80 2.79
N GLY A 85 7.43 -4.79 2.30
CA GLY A 85 8.86 -4.70 2.54
C GLY A 85 9.23 -5.03 3.97
N LYS A 86 8.75 -4.21 4.90
CA LYS A 86 9.03 -4.43 6.32
C LYS A 86 8.22 -5.59 6.87
N LYS A 87 6.93 -5.61 6.57
CA LYS A 87 6.04 -6.68 7.04
C LYS A 87 6.74 -8.04 6.91
N GLN A 88 7.35 -8.28 5.77
CA GLN A 88 8.04 -9.54 5.51
C GLN A 88 9.39 -9.57 6.23
N LYS A 89 10.11 -10.69 6.09
CA LYS A 89 11.41 -10.85 6.72
C LYS A 89 12.34 -11.65 5.83
N GLY A 90 13.35 -10.98 5.28
CA GLY A 90 14.31 -11.65 4.41
C GLY A 90 15.72 -11.57 4.94
N LYS A 91 16.68 -11.40 4.04
CA LYS A 91 18.08 -11.30 4.42
C LYS A 91 18.95 -10.98 3.20
N GLN A 92 19.61 -9.83 3.24
CA GLN A 92 20.48 -9.41 2.14
C GLN A 92 21.38 -8.25 2.57
N VAL A 93 22.69 -8.45 2.43
CA VAL A 93 23.67 -7.43 2.80
C VAL A 93 24.62 -7.13 1.65
N LYS A 94 24.94 -5.85 1.48
CA LYS A 94 25.85 -5.43 0.42
C LYS A 94 26.22 -3.96 0.58
N SER A 95 27.53 -3.70 0.72
CA SER A 95 28.02 -2.34 0.89
C SER A 95 28.31 -1.70 -0.47
N GLY A 96 27.32 -1.00 -1.01
CA GLY A 96 27.48 -0.35 -2.30
C GLY A 96 27.15 1.13 -2.25
N PRO A 97 28.16 1.97 -1.93
CA PRO A 97 27.98 3.42 -1.84
C PRO A 97 27.75 4.05 -3.21
N SER A 98 27.71 5.39 -3.23
CA SER A 98 27.49 6.12 -4.47
C SER A 98 28.78 6.78 -4.95
N SER A 99 29.26 6.34 -6.12
CA SER A 99 30.49 6.89 -6.68
C SER A 99 30.18 7.88 -7.79
N GLY A 100 31.19 8.67 -8.16
CA GLY A 100 31.01 9.66 -9.21
C GLY A 100 30.13 10.80 -8.77
N GLY A 1 -21.62 -6.01 -6.84
CA GLY A 1 -22.57 -6.93 -6.25
C GLY A 1 -21.89 -8.13 -5.63
N SER A 2 -22.05 -9.30 -6.26
CA SER A 2 -21.46 -10.53 -5.76
C SER A 2 -19.97 -10.35 -5.53
N SER A 3 -19.42 -11.14 -4.60
CA SER A 3 -18.00 -11.07 -4.28
C SER A 3 -17.57 -12.29 -3.47
N GLY A 4 -16.39 -12.80 -3.78
CA GLY A 4 -15.88 -13.96 -3.08
C GLY A 4 -14.99 -14.83 -3.96
N SER A 5 -14.15 -15.65 -3.33
CA SER A 5 -13.24 -16.52 -4.05
C SER A 5 -12.99 -17.82 -3.28
N SER A 6 -12.99 -18.94 -4.00
CA SER A 6 -12.77 -20.24 -3.37
C SER A 6 -11.28 -20.55 -3.28
N GLY A 7 -10.70 -20.29 -2.10
CA GLY A 7 -9.29 -20.54 -1.90
C GLY A 7 -8.42 -19.93 -2.99
N GLY A 8 -7.59 -20.76 -3.61
CA GLY A 8 -6.72 -20.28 -4.66
C GLY A 8 -5.26 -20.57 -4.39
N PRO A 9 -4.86 -21.84 -4.56
CA PRO A 9 -3.48 -22.28 -4.33
C PRO A 9 -2.52 -21.75 -5.39
N ASP A 10 -3.05 -20.96 -6.32
CA ASP A 10 -2.25 -20.38 -7.38
C ASP A 10 -1.45 -19.18 -6.87
N LEU A 11 -0.32 -18.89 -7.52
CA LEU A 11 0.53 -17.78 -7.14
C LEU A 11 0.42 -16.64 -8.13
N GLN A 12 0.55 -15.41 -7.64
CA GLN A 12 0.47 -14.23 -8.49
C GLN A 12 1.76 -13.44 -8.47
N PRO A 13 2.07 -12.74 -9.57
CA PRO A 13 3.28 -11.94 -9.69
C PRO A 13 3.25 -10.70 -8.81
N LYS A 14 4.26 -9.86 -8.94
CA LYS A 14 4.35 -8.63 -8.15
C LYS A 14 2.96 -8.04 -7.90
N ARG A 15 2.78 -7.42 -6.74
CA ARG A 15 1.50 -6.81 -6.39
C ARG A 15 1.60 -5.30 -6.42
N ASP A 16 1.52 -4.72 -7.61
CA ASP A 16 1.59 -3.27 -7.78
C ASP A 16 0.20 -2.64 -7.68
N HIS A 17 -0.71 -3.11 -8.52
CA HIS A 17 -2.08 -2.60 -8.53
C HIS A 17 -2.61 -2.43 -7.11
N VAL A 18 -2.24 -3.36 -6.23
CA VAL A 18 -2.67 -3.32 -4.84
C VAL A 18 -2.01 -2.17 -4.10
N LEU A 19 -2.74 -1.57 -3.16
CA LEU A 19 -2.23 -0.46 -2.37
C LEU A 19 -2.47 -0.69 -0.89
N HIS A 20 -1.51 -0.25 -0.07
CA HIS A 20 -1.61 -0.41 1.38
C HIS A 20 -2.10 0.88 2.04
N VAL A 21 -3.34 0.87 2.52
CA VAL A 21 -3.92 2.04 3.17
C VAL A 21 -4.12 1.79 4.66
N THR A 22 -3.53 2.65 5.47
CA THR A 22 -3.64 2.53 6.92
C THR A 22 -4.60 3.57 7.49
N PHE A 23 -5.80 3.14 7.85
CA PHE A 23 -6.81 4.03 8.40
C PHE A 23 -7.21 3.59 9.80
N PRO A 24 -7.67 4.55 10.61
CA PRO A 24 -8.10 4.28 12.00
C PRO A 24 -9.39 3.49 12.05
N LYS A 25 -9.50 2.60 13.04
CA LYS A 25 -10.68 1.78 13.21
C LYS A 25 -11.95 2.63 13.15
N GLU A 26 -11.87 3.85 13.67
CA GLU A 26 -13.00 4.75 13.67
C GLU A 26 -13.68 4.78 12.31
N TRP A 27 -12.91 4.51 11.26
CA TRP A 27 -13.44 4.50 9.90
C TRP A 27 -14.44 3.37 9.72
N LYS A 28 -15.02 3.28 8.52
CA LYS A 28 -16.00 2.25 8.22
C LYS A 28 -16.03 1.95 6.72
N THR A 29 -16.39 0.72 6.37
CA THR A 29 -16.45 0.29 4.99
C THR A 29 -16.97 1.42 4.09
N SER A 30 -17.77 2.31 4.67
CA SER A 30 -18.32 3.43 3.92
C SER A 30 -17.25 4.47 3.62
N ASP A 31 -16.49 4.84 4.64
CA ASP A 31 -15.42 5.81 4.48
C ASP A 31 -14.39 5.34 3.45
N LEU A 32 -14.13 4.04 3.44
CA LEU A 32 -13.18 3.46 2.50
C LEU A 32 -13.67 3.60 1.07
N TYR A 33 -14.86 3.07 0.80
CA TYR A 33 -15.45 3.14 -0.53
C TYR A 33 -15.58 4.59 -1.00
N GLN A 34 -16.22 5.41 -0.19
CA GLN A 34 -16.40 6.82 -0.53
C GLN A 34 -15.08 7.48 -0.89
N LEU A 35 -14.05 7.20 -0.08
CA LEU A 35 -12.72 7.77 -0.32
C LEU A 35 -12.20 7.37 -1.69
N PHE A 36 -12.08 6.07 -1.93
CA PHE A 36 -11.60 5.56 -3.20
C PHE A 36 -12.67 5.69 -4.29
N SER A 37 -13.87 6.07 -3.88
CA SER A 37 -14.97 6.23 -4.81
C SER A 37 -14.52 6.96 -6.07
N ALA A 38 -13.65 7.95 -5.90
CA ALA A 38 -13.13 8.73 -7.02
C ALA A 38 -12.98 7.85 -8.26
N PHE A 39 -12.54 6.61 -8.06
CA PHE A 39 -12.34 5.68 -9.16
C PHE A 39 -13.64 4.93 -9.46
N GLY A 40 -14.21 4.30 -8.45
CA GLY A 40 -15.43 3.55 -8.62
C GLY A 40 -15.39 2.19 -7.97
N ASN A 41 -16.03 1.20 -8.59
CA ASN A 41 -16.07 -0.15 -8.06
C ASN A 41 -14.65 -0.63 -7.70
N ILE A 42 -14.46 -0.98 -6.43
CA ILE A 42 -13.16 -1.45 -5.96
C ILE A 42 -13.32 -2.63 -5.01
N GLN A 43 -12.19 -3.20 -4.58
CA GLN A 43 -12.21 -4.33 -3.66
C GLN A 43 -11.49 -3.99 -2.36
N ILE A 44 -12.27 -3.67 -1.33
CA ILE A 44 -11.71 -3.31 -0.04
C ILE A 44 -11.42 -4.57 0.78
N SER A 45 -10.15 -4.95 0.85
CA SER A 45 -9.74 -6.13 1.60
C SER A 45 -9.35 -5.75 3.03
N TRP A 46 -10.15 -6.19 3.99
CA TRP A 46 -9.88 -5.90 5.39
C TRP A 46 -8.81 -6.83 5.95
N ILE A 47 -7.64 -6.27 6.21
CA ILE A 47 -6.53 -7.05 6.75
C ILE A 47 -6.55 -7.06 8.28
N ASP A 48 -6.24 -5.91 8.88
CA ASP A 48 -6.22 -5.79 10.33
C ASP A 48 -7.25 -4.77 10.80
N ASP A 49 -7.26 -4.49 12.09
CA ASP A 49 -8.20 -3.53 12.66
C ASP A 49 -7.95 -2.13 12.12
N THR A 50 -6.70 -1.85 11.75
CA THR A 50 -6.33 -0.55 11.22
C THR A 50 -5.55 -0.70 9.91
N SER A 51 -5.64 -1.88 9.31
CA SER A 51 -4.95 -2.16 8.05
C SER A 51 -5.92 -2.65 6.99
N ALA A 52 -5.79 -2.11 5.79
CA ALA A 52 -6.66 -2.50 4.68
C ALA A 52 -5.89 -2.56 3.37
N PHE A 53 -6.52 -3.09 2.33
CA PHE A 53 -5.90 -3.20 1.02
C PHE A 53 -6.82 -2.66 -0.08
N VAL A 54 -6.22 -2.06 -1.10
CA VAL A 54 -6.98 -1.51 -2.21
C VAL A 54 -6.37 -1.91 -3.55
N SER A 55 -7.13 -2.68 -4.34
CA SER A 55 -6.66 -3.13 -5.63
C SER A 55 -7.39 -2.39 -6.76
N LEU A 56 -6.66 -2.09 -7.83
CA LEU A 56 -7.23 -1.39 -8.97
C LEU A 56 -7.05 -2.19 -10.26
N SER A 57 -7.55 -1.65 -11.37
CA SER A 57 -7.44 -2.32 -12.65
C SER A 57 -6.22 -1.83 -13.42
N GLN A 58 -5.98 -0.53 -13.37
CA GLN A 58 -4.84 0.07 -14.06
C GLN A 58 -3.87 0.70 -13.07
N PRO A 59 -2.57 0.60 -13.37
CA PRO A 59 -1.52 1.17 -12.52
C PRO A 59 -1.51 2.68 -12.53
N GLU A 60 -2.06 3.27 -13.59
CA GLU A 60 -2.13 4.72 -13.72
C GLU A 60 -2.78 5.36 -12.49
N GLN A 61 -3.90 4.79 -12.07
CA GLN A 61 -4.62 5.30 -10.91
C GLN A 61 -3.70 5.44 -9.71
N VAL A 62 -2.81 4.46 -9.54
CA VAL A 62 -1.87 4.48 -8.43
C VAL A 62 -1.19 5.84 -8.30
N GLN A 63 -0.83 6.42 -9.43
CA GLN A 63 -0.17 7.72 -9.44
C GLN A 63 -1.03 8.77 -8.73
N ILE A 64 -2.35 8.63 -8.85
CA ILE A 64 -3.27 9.56 -8.22
C ILE A 64 -3.47 9.22 -6.74
N ALA A 65 -3.79 7.96 -6.47
CA ALA A 65 -4.01 7.50 -5.11
C ALA A 65 -2.86 7.90 -4.20
N VAL A 66 -1.65 7.93 -4.76
CA VAL A 66 -0.46 8.30 -4.01
C VAL A 66 -0.31 9.81 -3.92
N ASN A 67 -0.38 10.47 -5.07
CA ASN A 67 -0.25 11.93 -5.12
C ASN A 67 -1.16 12.59 -4.09
N THR A 68 -2.39 12.11 -4.00
CA THR A 68 -3.36 12.65 -3.06
C THR A 68 -2.98 12.32 -1.62
N SER A 69 -2.53 11.09 -1.40
CA SER A 69 -2.13 10.64 -0.07
C SER A 69 -0.94 11.45 0.44
N LYS A 70 -0.04 11.81 -0.47
CA LYS A 70 1.14 12.59 -0.13
C LYS A 70 0.80 13.67 0.89
N TYR A 71 -0.11 14.57 0.51
CA TYR A 71 -0.52 15.66 1.39
C TYR A 71 -1.44 15.14 2.51
N ALA A 72 -2.38 14.28 2.13
CA ALA A 72 -3.31 13.71 3.09
C ALA A 72 -2.59 13.21 4.33
N GLU A 73 -2.96 13.75 5.49
CA GLU A 73 -2.34 13.36 6.76
C GLU A 73 -3.21 12.34 7.49
N SER A 74 -4.52 12.59 7.51
CA SER A 74 -5.45 11.71 8.18
C SER A 74 -5.20 10.25 7.81
N TYR A 75 -5.10 9.99 6.51
CA TYR A 75 -4.87 8.64 6.01
C TYR A 75 -3.54 8.57 5.24
N ARG A 76 -2.94 7.39 5.22
CA ARG A 76 -1.68 7.19 4.53
C ARG A 76 -1.80 6.06 3.50
N ILE A 77 -1.38 6.33 2.28
CA ILE A 77 -1.44 5.34 1.21
C ILE A 77 -0.04 5.05 0.66
N GLN A 78 0.21 3.78 0.36
CA GLN A 78 1.51 3.37 -0.17
C GLN A 78 1.37 2.12 -1.04
N THR A 79 2.45 1.73 -1.69
CA THR A 79 2.45 0.55 -2.56
C THR A 79 2.64 -0.73 -1.75
N TYR A 80 2.00 -1.80 -2.20
CA TYR A 80 2.09 -3.08 -1.51
C TYR A 80 3.55 -3.39 -1.14
N ALA A 81 4.46 -3.08 -2.05
CA ALA A 81 5.88 -3.33 -1.83
C ALA A 81 6.39 -2.51 -0.66
N GLU A 82 5.86 -1.30 -0.50
CA GLU A 82 6.27 -0.41 0.58
C GLU A 82 5.84 -0.98 1.94
N TYR A 83 4.67 -1.60 1.97
CA TYR A 83 4.16 -2.19 3.21
C TYR A 83 4.95 -3.44 3.60
N VAL A 84 5.03 -4.38 2.66
CA VAL A 84 5.76 -5.62 2.91
C VAL A 84 7.25 -5.36 3.08
N GLY A 85 7.78 -4.42 2.30
CA GLY A 85 9.19 -4.09 2.37
C GLY A 85 9.73 -4.19 3.79
N LYS A 86 9.01 -3.59 4.74
CA LYS A 86 9.41 -3.60 6.13
C LYS A 86 8.98 -4.91 6.81
N LYS A 87 7.72 -5.27 6.63
CA LYS A 87 7.18 -6.49 7.22
C LYS A 87 8.24 -7.60 7.24
N GLN A 88 8.75 -7.94 6.06
CA GLN A 88 9.76 -8.98 5.94
C GLN A 88 11.14 -8.43 6.30
N LYS A 89 11.50 -8.54 7.57
CA LYS A 89 12.79 -8.06 8.04
C LYS A 89 13.93 -8.87 7.44
N GLY A 90 14.38 -8.46 6.25
CA GLY A 90 15.47 -9.17 5.59
C GLY A 90 16.82 -8.60 5.93
N LYS A 91 17.66 -8.40 4.92
CA LYS A 91 19.00 -7.86 5.12
C LYS A 91 19.22 -6.63 4.24
N GLN A 92 18.24 -5.73 4.23
CA GLN A 92 18.33 -4.51 3.43
C GLN A 92 17.36 -3.46 3.93
N VAL A 93 17.65 -2.19 3.65
CA VAL A 93 16.79 -1.09 4.08
C VAL A 93 16.30 -0.29 2.88
N LYS A 94 15.06 0.18 2.96
CA LYS A 94 14.46 0.97 1.89
C LYS A 94 15.50 1.90 1.26
N SER A 95 15.65 1.83 -0.05
CA SER A 95 16.59 2.66 -0.77
C SER A 95 15.89 3.84 -1.44
N GLY A 96 16.43 5.04 -1.24
CA GLY A 96 15.84 6.23 -1.83
C GLY A 96 15.84 7.41 -0.88
N PRO A 97 17.03 7.96 -0.61
CA PRO A 97 17.19 9.11 0.29
C PRO A 97 16.63 10.39 -0.30
N SER A 98 15.67 10.97 0.39
CA SER A 98 15.03 12.21 -0.07
C SER A 98 14.82 13.17 1.10
N SER A 99 15.56 14.29 1.07
CA SER A 99 15.47 15.29 2.13
C SER A 99 14.00 15.57 2.47
N GLY A 100 13.76 15.91 3.74
CA GLY A 100 12.40 16.20 4.17
C GLY A 100 12.29 16.31 5.68
N GLY A 1 7.45 -1.40 14.67
CA GLY A 1 8.79 -1.38 14.11
C GLY A 1 9.23 0.01 13.69
N SER A 2 9.90 0.09 12.55
CA SER A 2 10.38 1.37 12.03
C SER A 2 9.77 1.67 10.66
N SER A 3 9.93 2.90 10.21
CA SER A 3 9.38 3.32 8.92
C SER A 3 10.51 3.73 7.97
N GLY A 4 10.65 2.98 6.87
CA GLY A 4 11.68 3.27 5.90
C GLY A 4 12.48 2.05 5.51
N SER A 5 11.83 1.13 4.79
CA SER A 5 12.48 -0.10 4.35
C SER A 5 13.74 0.21 3.54
N SER A 6 14.75 -0.64 3.68
CA SER A 6 16.01 -0.45 2.97
C SER A 6 15.96 -1.14 1.61
N GLY A 7 15.42 -0.45 0.62
CA GLY A 7 15.34 -1.00 -0.72
C GLY A 7 14.64 -2.35 -0.74
N GLY A 8 15.39 -3.39 -1.09
CA GLY A 8 14.84 -4.73 -1.13
C GLY A 8 15.49 -5.59 -2.20
N PRO A 9 16.63 -6.20 -1.85
CA PRO A 9 17.38 -7.06 -2.78
C PRO A 9 16.66 -8.37 -3.06
N ASP A 10 15.48 -8.53 -2.47
CA ASP A 10 14.69 -9.73 -2.66
C ASP A 10 13.71 -9.57 -3.83
N LEU A 11 13.39 -10.69 -4.47
CA LEU A 11 12.49 -10.67 -5.62
C LEU A 11 11.11 -10.16 -5.20
N GLN A 12 10.90 -8.84 -5.34
CA GLN A 12 9.63 -8.23 -4.99
C GLN A 12 8.56 -8.55 -6.02
N PRO A 13 7.32 -8.74 -5.54
CA PRO A 13 6.18 -9.06 -6.40
C PRO A 13 5.78 -7.89 -7.29
N LYS A 14 4.96 -8.18 -8.31
CA LYS A 14 4.50 -7.14 -9.22
C LYS A 14 3.14 -6.60 -8.79
N ARG A 15 2.96 -6.45 -7.48
CA ARG A 15 1.71 -5.94 -6.94
C ARG A 15 1.70 -4.42 -6.94
N ASP A 16 1.43 -3.83 -8.11
CA ASP A 16 1.39 -2.38 -8.24
C ASP A 16 -0.02 -1.85 -8.03
N HIS A 17 -0.99 -2.50 -8.68
CA HIS A 17 -2.39 -2.09 -8.57
C HIS A 17 -2.82 -2.05 -7.11
N VAL A 18 -2.27 -2.95 -6.30
CA VAL A 18 -2.60 -3.01 -4.89
C VAL A 18 -2.06 -1.81 -4.14
N LEU A 19 -2.81 -1.35 -3.14
CA LEU A 19 -2.40 -0.20 -2.34
C LEU A 19 -2.66 -0.44 -0.86
N HIS A 20 -1.61 -0.30 -0.06
CA HIS A 20 -1.73 -0.50 1.39
C HIS A 20 -2.05 0.81 2.09
N VAL A 21 -3.29 0.94 2.58
CA VAL A 21 -3.72 2.14 3.27
C VAL A 21 -3.97 1.85 4.76
N THR A 22 -3.31 2.63 5.61
CA THR A 22 -3.46 2.46 7.06
C THR A 22 -4.32 3.58 7.65
N PHE A 23 -5.55 3.24 8.03
CA PHE A 23 -6.46 4.21 8.62
C PHE A 23 -6.90 3.77 10.01
N PRO A 24 -7.35 4.75 10.82
CA PRO A 24 -7.80 4.48 12.19
C PRO A 24 -9.12 3.72 12.24
N LYS A 25 -9.26 2.85 13.23
CA LYS A 25 -10.47 2.05 13.38
C LYS A 25 -11.72 2.91 13.18
N GLU A 26 -11.71 4.10 13.75
CA GLU A 26 -12.85 5.02 13.64
C GLU A 26 -13.45 4.96 12.23
N TRP A 27 -12.59 4.71 11.24
CA TRP A 27 -13.04 4.64 9.86
C TRP A 27 -14.03 3.50 9.67
N LYS A 28 -14.50 3.33 8.44
CA LYS A 28 -15.45 2.27 8.12
C LYS A 28 -15.51 2.02 6.62
N THR A 29 -16.17 0.93 6.24
CA THR A 29 -16.30 0.57 4.82
C THR A 29 -16.79 1.76 4.00
N SER A 30 -17.87 2.39 4.46
CA SER A 30 -18.44 3.54 3.76
C SER A 30 -17.36 4.56 3.43
N ASP A 31 -16.46 4.80 4.39
CA ASP A 31 -15.38 5.75 4.21
C ASP A 31 -14.47 5.33 3.06
N LEU A 32 -14.04 4.06 3.09
CA LEU A 32 -13.17 3.53 2.06
C LEU A 32 -13.79 3.67 0.68
N TYR A 33 -14.96 3.07 0.51
CA TYR A 33 -15.67 3.13 -0.76
C TYR A 33 -15.84 4.58 -1.24
N GLN A 34 -16.55 5.36 -0.44
CA GLN A 34 -16.78 6.76 -0.77
C GLN A 34 -15.48 7.47 -1.11
N LEU A 35 -14.47 7.25 -0.29
CA LEU A 35 -13.16 7.87 -0.51
C LEU A 35 -12.59 7.49 -1.88
N PHE A 36 -12.31 6.21 -2.06
CA PHE A 36 -11.78 5.71 -3.33
C PHE A 36 -12.82 5.79 -4.43
N SER A 37 -14.06 6.11 -4.05
CA SER A 37 -15.16 6.20 -4.99
C SER A 37 -14.70 6.89 -6.28
N ALA A 38 -13.85 7.90 -6.14
CA ALA A 38 -13.34 8.64 -7.29
C ALA A 38 -13.10 7.71 -8.47
N PHE A 39 -12.56 6.53 -8.18
CA PHE A 39 -12.27 5.56 -9.23
C PHE A 39 -13.52 4.76 -9.58
N GLY A 40 -14.17 4.20 -8.58
CA GLY A 40 -15.37 3.41 -8.80
C GLY A 40 -15.31 2.05 -8.15
N ASN A 41 -15.89 1.06 -8.80
CA ASN A 41 -15.91 -0.31 -8.27
C ASN A 41 -14.51 -0.73 -7.84
N ILE A 42 -14.37 -1.06 -6.56
CA ILE A 42 -13.09 -1.49 -6.01
C ILE A 42 -13.26 -2.66 -5.05
N GLN A 43 -12.14 -3.28 -4.68
CA GLN A 43 -12.17 -4.41 -3.75
C GLN A 43 -11.47 -4.08 -2.45
N ILE A 44 -12.25 -3.76 -1.42
CA ILE A 44 -11.71 -3.42 -0.11
C ILE A 44 -11.52 -4.67 0.74
N SER A 45 -10.27 -5.08 0.92
CA SER A 45 -9.95 -6.25 1.73
C SER A 45 -9.50 -5.84 3.12
N TRP A 46 -10.26 -6.28 4.13
CA TRP A 46 -9.94 -5.97 5.52
C TRP A 46 -8.88 -6.92 6.06
N ILE A 47 -7.68 -6.40 6.31
CA ILE A 47 -6.59 -7.21 6.83
C ILE A 47 -6.58 -7.20 8.36
N ASP A 48 -6.23 -6.06 8.94
CA ASP A 48 -6.19 -5.92 10.38
C ASP A 48 -7.17 -4.85 10.86
N ASP A 49 -7.14 -4.56 12.15
CA ASP A 49 -8.03 -3.57 12.74
C ASP A 49 -7.76 -2.18 12.15
N THR A 50 -6.52 -1.97 11.72
CA THR A 50 -6.13 -0.69 11.13
C THR A 50 -5.37 -0.90 9.82
N SER A 51 -5.55 -2.06 9.22
CA SER A 51 -4.87 -2.38 7.97
C SER A 51 -5.88 -2.85 6.92
N ALA A 52 -5.77 -2.29 5.71
CA ALA A 52 -6.66 -2.66 4.62
C ALA A 52 -5.92 -2.70 3.30
N PHE A 53 -6.52 -3.35 2.29
CA PHE A 53 -5.91 -3.45 0.98
C PHE A 53 -6.83 -2.87 -0.10
N VAL A 54 -6.24 -2.21 -1.09
CA VAL A 54 -7.01 -1.61 -2.17
C VAL A 54 -6.39 -1.95 -3.53
N SER A 55 -7.06 -2.82 -4.28
CA SER A 55 -6.58 -3.22 -5.60
C SER A 55 -7.30 -2.46 -6.69
N LEU A 56 -6.55 -2.01 -7.69
CA LEU A 56 -7.12 -1.27 -8.81
C LEU A 56 -7.00 -2.06 -10.10
N SER A 57 -7.53 -1.49 -11.19
CA SER A 57 -7.50 -2.15 -12.49
C SER A 57 -6.29 -1.69 -13.29
N GLN A 58 -6.11 -0.37 -13.38
CA GLN A 58 -4.99 0.20 -14.12
C GLN A 58 -3.94 0.76 -13.17
N PRO A 59 -2.66 0.65 -13.58
CA PRO A 59 -1.54 1.14 -12.77
C PRO A 59 -1.49 2.66 -12.71
N GLU A 60 -2.12 3.31 -13.68
CA GLU A 60 -2.15 4.77 -13.72
C GLU A 60 -2.80 5.33 -12.47
N GLN A 61 -3.96 4.81 -12.12
CA GLN A 61 -4.69 5.28 -10.94
C GLN A 61 -3.77 5.32 -9.73
N VAL A 62 -3.00 4.26 -9.52
CA VAL A 62 -2.07 4.19 -8.40
C VAL A 62 -1.48 5.56 -8.09
N GLN A 63 -0.85 6.17 -9.10
CA GLN A 63 -0.24 7.48 -8.93
C GLN A 63 -1.20 8.45 -8.26
N ILE A 64 -2.23 8.84 -8.99
CA ILE A 64 -3.23 9.76 -8.47
C ILE A 64 -3.60 9.43 -7.04
N ALA A 65 -3.88 8.14 -6.79
CA ALA A 65 -4.25 7.69 -5.46
C ALA A 65 -3.20 8.10 -4.42
N VAL A 66 -1.93 7.90 -4.77
CA VAL A 66 -0.83 8.26 -3.87
C VAL A 66 -0.66 9.77 -3.78
N ASN A 67 -0.45 10.40 -4.93
CA ASN A 67 -0.27 11.85 -4.97
C ASN A 67 -1.16 12.54 -3.95
N THR A 68 -2.38 12.05 -3.81
CA THR A 68 -3.33 12.62 -2.86
C THR A 68 -2.95 12.29 -1.42
N SER A 69 -2.54 11.04 -1.20
CA SER A 69 -2.15 10.58 0.13
C SER A 69 -0.90 11.31 0.60
N LYS A 70 -0.06 11.71 -0.35
CA LYS A 70 1.18 12.42 -0.03
C LYS A 70 0.95 13.44 1.07
N TYR A 71 0.14 14.46 0.78
CA TYR A 71 -0.16 15.50 1.75
C TYR A 71 -1.15 15.00 2.80
N ALA A 72 -2.11 14.21 2.35
CA ALA A 72 -3.13 13.67 3.25
C ALA A 72 -2.50 13.16 4.54
N GLU A 73 -2.88 13.78 5.66
CA GLU A 73 -2.36 13.39 6.96
C GLU A 73 -3.30 12.42 7.66
N SER A 74 -4.59 12.72 7.63
CA SER A 74 -5.60 11.87 8.26
C SER A 74 -5.39 10.41 7.88
N TYR A 75 -5.18 10.17 6.59
CA TYR A 75 -4.98 8.81 6.10
C TYR A 75 -3.64 8.68 5.38
N ARG A 76 -3.12 7.46 5.30
CA ARG A 76 -1.86 7.21 4.64
C ARG A 76 -1.98 6.09 3.61
N ILE A 77 -1.49 6.34 2.40
CA ILE A 77 -1.55 5.35 1.33
C ILE A 77 -0.16 5.03 0.81
N GLN A 78 0.09 3.74 0.58
CA GLN A 78 1.39 3.29 0.09
C GLN A 78 1.22 2.12 -0.87
N THR A 79 2.33 1.66 -1.46
CA THR A 79 2.31 0.55 -2.39
C THR A 79 2.59 -0.77 -1.68
N TYR A 80 1.98 -1.84 -2.18
CA TYR A 80 2.16 -3.16 -1.59
C TYR A 80 3.61 -3.38 -1.16
N ALA A 81 4.53 -3.04 -2.05
CA ALA A 81 5.96 -3.18 -1.76
C ALA A 81 6.34 -2.46 -0.48
N GLU A 82 5.82 -1.24 -0.32
CA GLU A 82 6.12 -0.44 0.86
C GLU A 82 5.58 -1.12 2.12
N TYR A 83 4.45 -1.79 1.99
CA TYR A 83 3.83 -2.48 3.12
C TYR A 83 4.64 -3.72 3.51
N VAL A 84 4.87 -4.60 2.53
CA VAL A 84 5.63 -5.82 2.78
C VAL A 84 7.07 -5.50 3.18
N GLY A 85 7.65 -4.48 2.54
CA GLY A 85 9.01 -4.10 2.85
C GLY A 85 9.35 -4.28 4.31
N LYS A 86 8.69 -3.50 5.17
CA LYS A 86 8.93 -3.57 6.61
C LYS A 86 8.49 -4.92 7.16
N LYS A 87 7.34 -5.41 6.71
CA LYS A 87 6.81 -6.68 7.16
C LYS A 87 7.90 -7.76 7.14
N GLN A 88 8.40 -8.06 5.95
CA GLN A 88 9.45 -9.06 5.81
C GLN A 88 10.82 -8.42 5.83
N LYS A 89 11.58 -8.69 6.89
CA LYS A 89 12.92 -8.13 7.04
C LYS A 89 13.62 -8.71 8.27
N GLY A 90 14.83 -9.22 8.08
CA GLY A 90 15.58 -9.79 9.18
C GLY A 90 16.96 -9.18 9.32
N LYS A 91 17.91 -9.70 8.57
CA LYS A 91 19.29 -9.21 8.61
C LYS A 91 20.14 -9.84 7.51
N GLN A 92 20.50 -9.04 6.52
CA GLN A 92 21.31 -9.53 5.41
C GLN A 92 22.21 -8.41 4.85
N VAL A 93 23.50 -8.68 4.78
CA VAL A 93 24.46 -7.72 4.28
C VAL A 93 23.87 -6.92 3.11
N LYS A 94 24.20 -5.63 3.05
CA LYS A 94 23.71 -4.76 2.00
C LYS A 94 24.69 -4.72 0.83
N SER A 95 24.17 -4.79 -0.39
CA SER A 95 25.00 -4.76 -1.58
C SER A 95 24.15 -4.52 -2.83
N GLY A 96 24.81 -4.19 -3.94
CA GLY A 96 24.10 -3.94 -5.18
C GLY A 96 24.76 -2.85 -6.01
N PRO A 97 24.01 -2.31 -6.98
CA PRO A 97 24.50 -1.26 -7.87
C PRO A 97 24.69 0.08 -7.14
N SER A 98 24.44 0.07 -5.83
CA SER A 98 24.58 1.27 -5.02
C SER A 98 26.05 1.61 -4.80
N SER A 99 26.37 2.91 -4.80
CA SER A 99 27.73 3.36 -4.61
C SER A 99 27.77 4.85 -4.27
N GLY A 100 28.91 5.31 -3.76
CA GLY A 100 29.06 6.71 -3.40
C GLY A 100 27.99 7.16 -2.44
N GLY A 1 13.36 7.52 7.53
CA GLY A 1 13.42 7.38 6.09
C GLY A 1 12.24 6.62 5.54
N SER A 2 11.11 7.30 5.37
CA SER A 2 9.90 6.68 4.84
C SER A 2 10.21 5.84 3.62
N SER A 3 10.76 6.49 2.59
CA SER A 3 11.10 5.80 1.35
C SER A 3 12.04 4.62 1.62
N GLY A 4 12.05 3.66 0.71
CA GLY A 4 12.90 2.49 0.87
C GLY A 4 13.04 1.70 -0.42
N SER A 5 13.37 2.39 -1.51
CA SER A 5 13.53 1.74 -2.80
C SER A 5 14.23 2.67 -3.79
N SER A 6 14.77 2.08 -4.86
CA SER A 6 15.47 2.86 -5.87
C SER A 6 14.53 3.24 -7.01
N GLY A 7 15.00 4.12 -7.88
CA GLY A 7 14.19 4.56 -9.00
C GLY A 7 14.74 4.07 -10.34
N GLY A 8 15.16 2.82 -10.37
CA GLY A 8 15.70 2.25 -11.60
C GLY A 8 15.17 0.86 -11.89
N PRO A 9 15.91 0.10 -12.71
CA PRO A 9 15.52 -1.26 -13.07
C PRO A 9 15.64 -2.24 -11.91
N ASP A 10 14.51 -2.82 -11.50
CA ASP A 10 14.49 -3.76 -10.39
C ASP A 10 13.48 -4.88 -10.65
N LEU A 11 13.52 -5.91 -9.81
CA LEU A 11 12.61 -7.04 -9.96
C LEU A 11 11.50 -6.99 -8.91
N GLN A 12 10.37 -6.38 -9.28
CA GLN A 12 9.24 -6.27 -8.39
C GLN A 12 8.05 -7.09 -8.89
N PRO A 13 7.21 -7.54 -7.95
CA PRO A 13 6.02 -8.34 -8.27
C PRO A 13 4.95 -7.54 -9.00
N LYS A 14 3.88 -8.20 -9.40
CA LYS A 14 2.78 -7.55 -10.11
C LYS A 14 1.71 -7.09 -9.13
N ARG A 15 2.14 -6.52 -8.01
CA ARG A 15 1.21 -6.03 -7.00
C ARG A 15 1.27 -4.52 -6.89
N ASP A 16 1.12 -3.84 -8.04
CA ASP A 16 1.16 -2.38 -8.06
C ASP A 16 -0.24 -1.79 -7.87
N HIS A 17 -1.20 -2.31 -8.63
CA HIS A 17 -2.58 -1.85 -8.55
C HIS A 17 -3.06 -1.83 -7.10
N VAL A 18 -2.47 -2.69 -6.27
CA VAL A 18 -2.84 -2.77 -4.86
C VAL A 18 -2.23 -1.61 -4.08
N LEU A 19 -3.02 -1.03 -3.18
CA LEU A 19 -2.57 0.09 -2.36
C LEU A 19 -2.83 -0.18 -0.87
N HIS A 20 -1.79 -0.09 -0.06
CA HIS A 20 -1.91 -0.31 1.37
C HIS A 20 -2.23 0.99 2.10
N VAL A 21 -3.47 1.11 2.58
CA VAL A 21 -3.90 2.30 3.29
C VAL A 21 -4.10 2.02 4.78
N THR A 22 -3.31 2.67 5.62
CA THR A 22 -3.40 2.49 7.06
C THR A 22 -4.32 3.53 7.69
N PHE A 23 -5.53 3.11 8.04
CA PHE A 23 -6.50 4.02 8.66
C PHE A 23 -6.95 3.48 10.01
N PRO A 24 -7.41 4.39 10.88
CA PRO A 24 -7.89 4.04 12.22
C PRO A 24 -9.20 3.25 12.19
N LYS A 25 -9.32 2.28 13.08
CA LYS A 25 -10.52 1.46 13.15
C LYS A 25 -11.78 2.32 13.11
N GLU A 26 -11.71 3.49 13.74
CA GLU A 26 -12.84 4.41 13.77
C GLU A 26 -13.52 4.47 12.40
N TRP A 27 -12.78 4.15 11.36
CA TRP A 27 -13.29 4.18 10.00
C TRP A 27 -14.28 3.04 9.78
N LYS A 28 -14.77 2.92 8.55
CA LYS A 28 -15.72 1.86 8.20
C LYS A 28 -15.70 1.59 6.70
N THR A 29 -16.20 0.42 6.31
CA THR A 29 -16.24 0.03 4.91
C THR A 29 -16.63 1.21 4.03
N SER A 30 -17.76 1.84 4.35
CA SER A 30 -18.24 2.98 3.58
C SER A 30 -17.14 4.04 3.42
N ASP A 31 -16.68 4.58 4.52
CA ASP A 31 -15.64 5.60 4.51
C ASP A 31 -14.59 5.27 3.45
N LEU A 32 -14.18 4.01 3.39
CA LEU A 32 -13.19 3.56 2.43
C LEU A 32 -13.70 3.72 1.01
N TYR A 33 -14.83 3.07 0.71
CA TYR A 33 -15.42 3.15 -0.61
C TYR A 33 -15.53 4.59 -1.09
N GLN A 34 -16.44 5.34 -0.48
CA GLN A 34 -16.64 6.74 -0.85
C GLN A 34 -15.30 7.43 -1.11
N LEU A 35 -14.41 7.38 -0.13
CA LEU A 35 -13.10 8.00 -0.26
C LEU A 35 -12.41 7.56 -1.55
N PHE A 36 -12.54 6.27 -1.87
CA PHE A 36 -11.93 5.73 -3.07
C PHE A 36 -12.87 5.86 -4.26
N SER A 37 -14.11 6.25 -3.99
CA SER A 37 -15.11 6.40 -5.04
C SER A 37 -14.55 7.20 -6.21
N ALA A 38 -13.51 7.99 -5.94
CA ALA A 38 -12.87 8.81 -6.97
C ALA A 38 -12.62 7.98 -8.23
N PHE A 39 -12.17 6.75 -8.06
CA PHE A 39 -11.89 5.87 -9.19
C PHE A 39 -13.14 5.08 -9.59
N GLY A 40 -13.73 4.39 -8.62
CA GLY A 40 -14.92 3.60 -8.90
C GLY A 40 -14.92 2.27 -8.17
N ASN A 41 -15.58 1.28 -8.75
CA ASN A 41 -15.66 -0.05 -8.15
C ASN A 41 -14.28 -0.53 -7.73
N ILE A 42 -14.15 -0.90 -6.46
CA ILE A 42 -12.87 -1.39 -5.94
C ILE A 42 -13.09 -2.57 -4.98
N GLN A 43 -11.99 -3.18 -4.57
CA GLN A 43 -12.06 -4.32 -3.65
C GLN A 43 -11.36 -4.00 -2.34
N ILE A 44 -12.16 -3.73 -1.31
CA ILE A 44 -11.62 -3.41 0.02
C ILE A 44 -11.34 -4.68 0.82
N SER A 45 -10.07 -5.08 0.87
CA SER A 45 -9.67 -6.26 1.60
C SER A 45 -9.33 -5.93 3.05
N TRP A 46 -10.13 -6.46 3.97
CA TRP A 46 -9.91 -6.22 5.39
C TRP A 46 -8.84 -7.14 5.95
N ILE A 47 -7.67 -6.57 6.26
CA ILE A 47 -6.56 -7.34 6.79
C ILE A 47 -6.59 -7.36 8.32
N ASP A 48 -6.31 -6.22 8.93
CA ASP A 48 -6.31 -6.11 10.38
C ASP A 48 -7.27 -5.02 10.84
N ASP A 49 -7.28 -4.76 12.14
CA ASP A 49 -8.16 -3.74 12.71
C ASP A 49 -7.83 -2.36 12.16
N THR A 50 -6.53 -2.11 11.93
CA THR A 50 -6.08 -0.83 11.40
C THR A 50 -5.31 -1.01 10.10
N SER A 51 -5.50 -2.16 9.46
CA SER A 51 -4.82 -2.46 8.21
C SER A 51 -5.81 -2.97 7.16
N ALA A 52 -5.75 -2.37 5.97
CA ALA A 52 -6.64 -2.76 4.88
C ALA A 52 -5.92 -2.72 3.54
N PHE A 53 -6.60 -3.17 2.49
CA PHE A 53 -6.01 -3.19 1.15
C PHE A 53 -6.99 -2.64 0.13
N VAL A 54 -6.45 -1.98 -0.90
CA VAL A 54 -7.28 -1.41 -1.95
C VAL A 54 -6.76 -1.78 -3.33
N SER A 55 -7.60 -2.47 -4.11
CA SER A 55 -7.22 -2.89 -5.44
C SER A 55 -7.91 -2.05 -6.51
N LEU A 56 -7.18 -1.72 -7.57
CA LEU A 56 -7.72 -0.91 -8.65
C LEU A 56 -7.81 -1.72 -9.94
N SER A 57 -8.30 -1.08 -11.01
CA SER A 57 -8.44 -1.74 -12.30
C SER A 57 -7.28 -1.36 -13.22
N GLN A 58 -6.69 -0.20 -12.97
CA GLN A 58 -5.57 0.28 -13.78
C GLN A 58 -4.40 0.68 -12.90
N PRO A 59 -3.17 0.40 -13.39
CA PRO A 59 -1.95 0.72 -12.66
C PRO A 59 -1.68 2.23 -12.59
N GLU A 60 -2.02 2.93 -13.67
CA GLU A 60 -1.82 4.37 -13.73
C GLU A 60 -2.44 5.06 -12.52
N GLN A 61 -3.69 4.72 -12.23
CA GLN A 61 -4.39 5.31 -11.09
C GLN A 61 -3.54 5.24 -9.83
N VAL A 62 -2.74 4.19 -9.71
CA VAL A 62 -1.88 4.01 -8.55
C VAL A 62 -1.15 5.29 -8.21
N GLN A 63 -0.32 5.76 -9.14
CA GLN A 63 0.46 6.98 -8.94
C GLN A 63 -0.44 8.11 -8.44
N ILE A 64 -1.54 8.34 -9.15
CA ILE A 64 -2.48 9.39 -8.78
C ILE A 64 -2.90 9.28 -7.33
N ALA A 65 -3.34 8.08 -6.93
CA ALA A 65 -3.76 7.85 -5.55
C ALA A 65 -2.66 8.23 -4.58
N VAL A 66 -1.43 7.87 -4.90
CA VAL A 66 -0.28 8.17 -4.04
C VAL A 66 -0.03 9.69 -3.99
N ASN A 67 -0.07 10.32 -5.16
CA ASN A 67 0.17 11.76 -5.25
C ASN A 67 -0.74 12.52 -4.29
N THR A 68 -2.00 12.09 -4.21
CA THR A 68 -2.97 12.73 -3.33
C THR A 68 -2.71 12.37 -1.88
N SER A 69 -2.21 11.16 -1.65
CA SER A 69 -1.93 10.69 -0.30
C SER A 69 -0.70 11.41 0.28
N LYS A 70 0.04 12.09 -0.59
CA LYS A 70 1.22 12.82 -0.17
C LYS A 70 0.87 13.89 0.86
N TYR A 71 -0.05 14.77 0.50
CA TYR A 71 -0.49 15.84 1.39
C TYR A 71 -1.51 15.33 2.40
N ALA A 72 -2.41 14.47 1.94
CA ALA A 72 -3.44 13.90 2.80
C ALA A 72 -2.85 13.47 4.13
N GLU A 73 -3.31 14.10 5.21
CA GLU A 73 -2.84 13.79 6.56
C GLU A 73 -3.81 12.85 7.26
N SER A 74 -5.11 13.08 7.05
CA SER A 74 -6.13 12.25 7.68
C SER A 74 -5.83 10.77 7.50
N TYR A 75 -5.45 10.40 6.30
CA TYR A 75 -5.13 9.01 5.99
C TYR A 75 -3.73 8.89 5.39
N ARG A 76 -3.25 7.65 5.26
CA ARG A 76 -1.93 7.40 4.70
C ARG A 76 -1.96 6.24 3.71
N ILE A 77 -1.66 6.54 2.45
CA ILE A 77 -1.66 5.52 1.41
C ILE A 77 -0.25 5.24 0.91
N GLN A 78 0.04 3.98 0.62
CA GLN A 78 1.36 3.59 0.14
C GLN A 78 1.26 2.36 -0.76
N THR A 79 2.29 2.15 -1.58
CA THR A 79 2.33 1.01 -2.50
C THR A 79 2.54 -0.30 -1.73
N TYR A 80 1.91 -1.36 -2.22
CA TYR A 80 2.04 -2.67 -1.59
C TYR A 80 3.50 -3.00 -1.29
N ALA A 81 4.34 -2.89 -2.31
CA ALA A 81 5.77 -3.16 -2.15
C ALA A 81 6.37 -2.33 -1.03
N GLU A 82 5.97 -1.06 -0.97
CA GLU A 82 6.48 -0.15 0.06
C GLU A 82 6.12 -0.65 1.45
N TYR A 83 4.86 -1.08 1.61
CA TYR A 83 4.38 -1.57 2.90
C TYR A 83 5.13 -2.83 3.30
N VAL A 84 5.09 -3.85 2.46
CA VAL A 84 5.77 -5.11 2.72
C VAL A 84 7.26 -4.90 2.91
N GLY A 85 7.84 -4.02 2.09
CA GLY A 85 9.26 -3.74 2.19
C GLY A 85 9.74 -3.66 3.62
N LYS A 86 9.16 -2.75 4.38
CA LYS A 86 9.53 -2.56 5.78
C LYS A 86 9.60 -3.91 6.51
N LYS A 87 8.64 -4.78 6.23
CA LYS A 87 8.58 -6.10 6.85
C LYS A 87 9.79 -6.94 6.42
N GLN A 88 9.86 -7.25 5.13
CA GLN A 88 10.95 -8.06 4.61
C GLN A 88 12.24 -7.25 4.54
N LYS A 89 13.20 -7.60 5.38
CA LYS A 89 14.48 -6.91 5.42
C LYS A 89 15.46 -7.62 6.35
N GLY A 90 16.51 -8.19 5.78
CA GLY A 90 17.50 -8.89 6.57
C GLY A 90 18.89 -8.29 6.43
N LYS A 91 19.76 -8.99 5.73
CA LYS A 91 21.13 -8.52 5.52
C LYS A 91 21.44 -8.38 4.04
N GLN A 92 20.47 -7.86 3.28
CA GLN A 92 20.64 -7.67 1.85
C GLN A 92 19.83 -6.48 1.36
N VAL A 93 20.50 -5.57 0.64
CA VAL A 93 19.84 -4.38 0.12
C VAL A 93 20.25 -4.12 -1.32
N LYS A 94 19.66 -3.09 -1.93
CA LYS A 94 19.96 -2.74 -3.31
C LYS A 94 21.26 -1.96 -3.39
N SER A 95 22.28 -2.56 -3.98
CA SER A 95 23.58 -1.92 -4.13
C SER A 95 23.91 -1.67 -5.59
N GLY A 96 24.86 -0.77 -5.84
CA GLY A 96 25.24 -0.46 -7.20
C GLY A 96 26.70 -0.07 -7.31
N PRO A 97 27.34 -0.41 -8.45
CA PRO A 97 28.74 -0.11 -8.71
C PRO A 97 28.99 1.39 -8.92
N SER A 98 28.18 1.99 -9.78
CA SER A 98 28.31 3.41 -10.07
C SER A 98 28.73 4.18 -8.84
N SER A 99 29.51 5.24 -9.04
CA SER A 99 29.99 6.07 -7.94
C SER A 99 28.83 6.49 -7.03
N GLY A 100 29.14 7.25 -5.99
CA GLY A 100 28.12 7.71 -5.07
C GLY A 100 28.70 8.34 -3.81
N GLY A 1 17.05 -6.98 16.72
CA GLY A 1 17.06 -7.85 15.55
C GLY A 1 17.59 -7.16 14.32
N SER A 2 17.20 -7.65 13.15
CA SER A 2 17.65 -7.07 11.89
C SER A 2 16.55 -6.23 11.25
N SER A 3 16.94 -5.06 10.73
CA SER A 3 15.98 -4.15 10.10
C SER A 3 16.66 -3.32 9.02
N GLY A 4 15.87 -2.52 8.32
CA GLY A 4 16.41 -1.68 7.26
C GLY A 4 16.00 -0.23 7.40
N SER A 5 16.52 0.61 6.52
CA SER A 5 16.20 2.04 6.56
C SER A 5 15.70 2.52 5.20
N SER A 6 14.39 2.37 4.98
CA SER A 6 13.77 2.78 3.73
C SER A 6 14.55 2.21 2.54
N GLY A 7 14.95 0.95 2.64
CA GLY A 7 15.68 0.31 1.56
C GLY A 7 15.97 -1.15 1.85
N GLY A 8 17.01 -1.69 1.21
CA GLY A 8 17.37 -3.08 1.41
C GLY A 8 17.88 -3.73 0.14
N PRO A 9 17.87 -5.07 0.12
CA PRO A 9 18.32 -5.85 -1.03
C PRO A 9 17.36 -5.73 -2.22
N ASP A 10 17.77 -6.32 -3.35
CA ASP A 10 16.94 -6.28 -4.55
C ASP A 10 15.46 -6.37 -4.20
N LEU A 11 14.68 -5.41 -4.68
CA LEU A 11 13.25 -5.38 -4.42
C LEU A 11 12.45 -5.62 -5.71
N GLN A 12 12.12 -6.87 -5.97
CA GLN A 12 11.37 -7.23 -7.17
C GLN A 12 9.91 -6.78 -7.04
N PRO A 13 9.33 -6.35 -8.17
CA PRO A 13 7.94 -5.89 -8.21
C PRO A 13 6.94 -7.03 -8.02
N LYS A 14 5.81 -6.71 -7.39
CA LYS A 14 4.78 -7.71 -7.15
C LYS A 14 3.53 -7.05 -6.56
N ARG A 15 2.38 -7.35 -7.16
CA ARG A 15 1.11 -6.80 -6.70
C ARG A 15 1.18 -5.27 -6.62
N ASP A 16 1.74 -4.65 -7.65
CA ASP A 16 1.87 -3.20 -7.69
C ASP A 16 0.50 -2.52 -7.68
N HIS A 17 -0.35 -2.91 -8.62
CA HIS A 17 -1.69 -2.34 -8.73
C HIS A 17 -2.36 -2.29 -7.35
N VAL A 18 -1.99 -3.22 -6.48
CA VAL A 18 -2.55 -3.27 -5.14
C VAL A 18 -2.01 -2.13 -4.28
N LEU A 19 -2.90 -1.52 -3.49
CA LEU A 19 -2.52 -0.41 -2.62
C LEU A 19 -2.75 -0.77 -1.15
N HIS A 20 -1.98 -0.15 -0.26
CA HIS A 20 -2.11 -0.39 1.17
C HIS A 20 -2.45 0.90 1.91
N VAL A 21 -3.66 0.95 2.46
CA VAL A 21 -4.10 2.13 3.20
C VAL A 21 -4.30 1.80 4.68
N THR A 22 -3.69 2.60 5.54
CA THR A 22 -3.79 2.41 6.98
C THR A 22 -4.65 3.49 7.62
N PHE A 23 -5.88 3.12 7.97
CA PHE A 23 -6.81 4.06 8.60
C PHE A 23 -7.15 3.62 10.02
N PRO A 24 -7.57 4.59 10.86
CA PRO A 24 -7.94 4.33 12.25
C PRO A 24 -9.23 3.52 12.36
N LYS A 25 -9.26 2.61 13.34
CA LYS A 25 -10.44 1.78 13.56
C LYS A 25 -11.72 2.57 13.34
N GLU A 26 -11.64 3.89 13.56
CA GLU A 26 -12.80 4.77 13.39
C GLU A 26 -13.39 4.61 11.99
N TRP A 27 -12.53 4.64 10.98
CA TRP A 27 -12.97 4.51 9.59
C TRP A 27 -13.77 3.23 9.40
N LYS A 28 -14.65 3.23 8.40
CA LYS A 28 -15.47 2.05 8.11
C LYS A 28 -15.46 1.75 6.62
N THR A 29 -16.11 0.65 6.24
CA THR A 29 -16.18 0.24 4.84
C THR A 29 -16.66 1.39 3.96
N SER A 30 -17.80 1.98 4.32
CA SER A 30 -18.36 3.07 3.55
C SER A 30 -17.35 4.19 3.37
N ASP A 31 -16.65 4.53 4.45
CA ASP A 31 -15.64 5.58 4.41
C ASP A 31 -14.61 5.31 3.31
N LEU A 32 -14.16 4.06 3.23
CA LEU A 32 -13.19 3.68 2.22
C LEU A 32 -13.76 3.83 0.81
N TYR A 33 -14.85 3.10 0.55
CA TYR A 33 -15.49 3.15 -0.76
C TYR A 33 -15.68 4.59 -1.23
N GLN A 34 -16.22 5.41 -0.34
CA GLN A 34 -16.46 6.83 -0.66
C GLN A 34 -15.15 7.52 -1.06
N LEU A 35 -14.13 7.38 -0.22
CA LEU A 35 -12.83 8.00 -0.49
C LEU A 35 -12.29 7.54 -1.85
N PHE A 36 -12.25 6.23 -2.05
CA PHE A 36 -11.76 5.67 -3.30
C PHE A 36 -12.80 5.79 -4.40
N SER A 37 -14.01 6.17 -4.03
CA SER A 37 -15.10 6.32 -4.98
C SER A 37 -14.62 7.03 -6.25
N ALA A 38 -13.77 8.03 -6.07
CA ALA A 38 -13.22 8.79 -7.19
C ALA A 38 -12.96 7.88 -8.39
N PHE A 39 -12.33 6.73 -8.13
CA PHE A 39 -12.02 5.77 -9.19
C PHE A 39 -13.26 4.99 -9.59
N GLY A 40 -13.94 4.42 -8.60
CA GLY A 40 -15.14 3.64 -8.88
C GLY A 40 -15.16 2.32 -8.12
N ASN A 41 -15.83 1.33 -8.70
CA ASN A 41 -15.93 0.01 -8.09
C ASN A 41 -14.55 -0.51 -7.70
N ILE A 42 -14.39 -0.86 -6.43
CA ILE A 42 -13.12 -1.39 -5.93
C ILE A 42 -13.35 -2.53 -4.95
N GLN A 43 -12.26 -3.16 -4.53
CA GLN A 43 -12.33 -4.28 -3.60
C GLN A 43 -11.59 -3.96 -2.31
N ILE A 44 -12.34 -3.71 -1.25
CA ILE A 44 -11.75 -3.38 0.05
C ILE A 44 -11.57 -4.65 0.89
N SER A 45 -10.31 -5.04 1.08
CA SER A 45 -9.99 -6.24 1.86
C SER A 45 -9.51 -5.85 3.26
N TRP A 46 -10.28 -6.23 4.27
CA TRP A 46 -9.93 -5.92 5.65
C TRP A 46 -8.87 -6.89 6.17
N ILE A 47 -7.65 -6.38 6.37
CA ILE A 47 -6.56 -7.20 6.86
C ILE A 47 -6.53 -7.20 8.39
N ASP A 48 -6.17 -6.05 8.97
CA ASP A 48 -6.10 -5.92 10.42
C ASP A 48 -7.07 -4.85 10.92
N ASP A 49 -7.01 -4.57 12.22
CA ASP A 49 -7.89 -3.57 12.81
C ASP A 49 -7.64 -2.19 12.20
N THR A 50 -6.40 -1.93 11.83
CA THR A 50 -6.02 -0.66 11.23
C THR A 50 -5.30 -0.86 9.90
N SER A 51 -5.44 -2.05 9.33
CA SER A 51 -4.80 -2.37 8.06
C SER A 51 -5.83 -2.82 7.03
N ALA A 52 -5.73 -2.26 5.83
CA ALA A 52 -6.66 -2.60 4.75
C ALA A 52 -5.94 -2.64 3.41
N PHE A 53 -6.57 -3.26 2.42
CA PHE A 53 -6.00 -3.38 1.09
C PHE A 53 -6.94 -2.80 0.05
N VAL A 54 -6.36 -2.14 -0.96
CA VAL A 54 -7.15 -1.54 -2.03
C VAL A 54 -6.56 -1.86 -3.40
N SER A 55 -7.21 -2.77 -4.12
CA SER A 55 -6.75 -3.16 -5.45
C SER A 55 -7.44 -2.35 -6.53
N LEU A 56 -6.67 -1.91 -7.52
CA LEU A 56 -7.21 -1.12 -8.63
C LEU A 56 -7.19 -1.92 -9.93
N SER A 57 -7.75 -1.33 -10.98
CA SER A 57 -7.80 -1.98 -12.28
C SER A 57 -6.52 -1.70 -13.08
N GLN A 58 -6.15 -0.42 -13.14
CA GLN A 58 -4.96 -0.02 -13.87
C GLN A 58 -3.97 0.69 -12.94
N PRO A 59 -2.67 0.57 -13.26
CA PRO A 59 -1.60 1.18 -12.48
C PRO A 59 -1.59 2.71 -12.59
N GLU A 60 -1.99 3.21 -13.76
CA GLU A 60 -2.03 4.65 -14.00
C GLU A 60 -2.65 5.38 -12.81
N GLN A 61 -3.66 4.76 -12.21
CA GLN A 61 -4.34 5.36 -11.06
C GLN A 61 -3.43 5.36 -9.83
N VAL A 62 -2.73 4.25 -9.62
CA VAL A 62 -1.83 4.12 -8.49
C VAL A 62 -1.15 5.45 -8.16
N GLN A 63 -0.54 6.05 -9.18
CA GLN A 63 0.15 7.33 -9.01
C GLN A 63 -0.79 8.37 -8.41
N ILE A 64 -1.87 8.67 -9.13
CA ILE A 64 -2.85 9.65 -8.68
C ILE A 64 -3.25 9.39 -7.23
N ALA A 65 -3.61 8.14 -6.94
CA ALA A 65 -4.02 7.76 -5.59
C ALA A 65 -2.96 8.14 -4.57
N VAL A 66 -1.70 7.92 -4.92
CA VAL A 66 -0.58 8.24 -4.03
C VAL A 66 -0.37 9.75 -3.94
N ASN A 67 -0.53 10.43 -5.07
CA ASN A 67 -0.36 11.88 -5.11
C ASN A 67 -1.28 12.58 -4.11
N THR A 68 -2.53 12.12 -4.06
CA THR A 68 -3.51 12.69 -3.15
C THR A 68 -3.17 12.38 -1.69
N SER A 69 -2.67 11.16 -1.46
CA SER A 69 -2.30 10.73 -0.12
C SER A 69 -1.10 11.52 0.40
N LYS A 70 -0.19 11.86 -0.51
CA LYS A 70 1.01 12.61 -0.15
C LYS A 70 0.69 13.66 0.91
N TYR A 71 -0.24 14.55 0.60
CA TYR A 71 -0.62 15.60 1.52
C TYR A 71 -1.51 15.05 2.63
N ALA A 72 -2.45 14.19 2.26
CA ALA A 72 -3.36 13.59 3.22
C ALA A 72 -2.63 13.20 4.50
N GLU A 73 -3.00 13.83 5.61
CA GLU A 73 -2.37 13.54 6.89
C GLU A 73 -3.20 12.54 7.70
N SER A 74 -4.51 12.75 7.72
CA SER A 74 -5.42 11.87 8.45
C SER A 74 -5.19 10.41 8.06
N TYR A 75 -5.12 10.15 6.76
CA TYR A 75 -4.91 8.81 6.26
C TYR A 75 -3.58 8.71 5.50
N ARG A 76 -3.08 7.48 5.38
CA ARG A 76 -1.82 7.25 4.68
C ARG A 76 -1.95 6.12 3.66
N ILE A 77 -1.55 6.40 2.42
CA ILE A 77 -1.63 5.41 1.36
C ILE A 77 -0.26 5.07 0.81
N GLN A 78 -0.06 3.81 0.44
CA GLN A 78 1.21 3.36 -0.10
C GLN A 78 1.02 2.24 -1.10
N THR A 79 2.12 1.66 -1.59
CA THR A 79 2.07 0.58 -2.56
C THR A 79 2.40 -0.75 -1.91
N TYR A 80 1.86 -1.83 -2.46
CA TYR A 80 2.10 -3.16 -1.93
C TYR A 80 3.60 -3.41 -1.73
N ALA A 81 4.41 -2.59 -2.39
CA ALA A 81 5.86 -2.72 -2.29
C ALA A 81 6.37 -2.17 -0.96
N GLU A 82 5.72 -1.13 -0.46
CA GLU A 82 6.10 -0.51 0.80
C GLU A 82 5.70 -1.39 1.98
N TYR A 83 4.45 -1.82 1.99
CA TYR A 83 3.94 -2.68 3.06
C TYR A 83 4.80 -3.92 3.23
N VAL A 84 5.12 -4.57 2.11
CA VAL A 84 5.95 -5.77 2.12
C VAL A 84 7.39 -5.44 2.50
N GLY A 85 7.92 -4.37 1.91
CA GLY A 85 9.29 -3.97 2.19
C GLY A 85 9.62 -4.08 3.66
N LYS A 86 8.77 -3.51 4.51
CA LYS A 86 8.97 -3.53 5.95
C LYS A 86 9.08 -4.97 6.46
N LYS A 87 8.09 -5.78 6.11
CA LYS A 87 8.06 -7.18 6.53
C LYS A 87 9.31 -7.92 6.07
N GLN A 88 9.79 -7.57 4.87
CA GLN A 88 10.98 -8.19 4.31
C GLN A 88 12.22 -7.82 5.13
N LYS A 89 12.97 -8.84 5.53
CA LYS A 89 14.18 -8.63 6.32
C LYS A 89 15.34 -9.43 5.75
N GLY A 90 16.20 -8.78 4.97
CA GLY A 90 17.33 -9.46 4.38
C GLY A 90 18.65 -8.98 4.96
N LYS A 91 19.62 -8.69 4.09
CA LYS A 91 20.92 -8.22 4.52
C LYS A 91 21.75 -7.74 3.33
N GLN A 92 22.01 -6.44 3.27
CA GLN A 92 22.79 -5.86 2.18
C GLN A 92 23.44 -4.55 2.63
N VAL A 93 24.72 -4.40 2.30
CA VAL A 93 25.46 -3.20 2.66
C VAL A 93 25.04 -2.01 1.80
N LYS A 94 25.52 -0.83 2.17
CA LYS A 94 25.19 0.38 1.42
C LYS A 94 25.99 1.58 1.96
N SER A 95 26.42 2.44 1.06
CA SER A 95 27.19 3.62 1.44
C SER A 95 26.31 4.64 2.16
N GLY A 96 26.93 5.69 2.69
CA GLY A 96 26.19 6.71 3.39
C GLY A 96 25.56 7.73 2.46
N PRO A 97 24.34 8.16 2.78
CA PRO A 97 23.60 9.15 1.98
C PRO A 97 24.23 10.53 2.05
N SER A 98 24.63 10.94 3.26
CA SER A 98 25.24 12.24 3.46
C SER A 98 26.73 12.11 3.76
N SER A 99 27.51 13.09 3.32
CA SER A 99 28.95 13.08 3.53
C SER A 99 29.40 14.37 4.20
N GLY A 100 28.94 15.50 3.69
CA GLY A 100 29.30 16.79 4.25
C GLY A 100 29.16 17.92 3.25
N GLY A 1 -12.84 -17.45 -3.37
CA GLY A 1 -14.22 -17.90 -3.38
C GLY A 1 -14.39 -19.18 -4.17
N SER A 2 -15.33 -19.17 -5.11
CA SER A 2 -15.61 -20.35 -5.93
C SER A 2 -14.35 -20.77 -6.70
N SER A 3 -13.51 -19.80 -7.02
CA SER A 3 -12.29 -20.07 -7.77
C SER A 3 -11.33 -20.94 -6.95
N GLY A 4 -11.16 -20.58 -5.67
CA GLY A 4 -10.29 -21.34 -4.81
C GLY A 4 -8.85 -20.83 -4.84
N SER A 5 -8.02 -21.50 -5.62
CA SER A 5 -6.61 -21.12 -5.74
C SER A 5 -5.96 -21.01 -4.36
N SER A 6 -6.23 -21.99 -3.51
CA SER A 6 -5.67 -22.00 -2.16
C SER A 6 -4.17 -22.27 -2.20
N GLY A 7 -3.76 -23.24 -3.02
CA GLY A 7 -2.35 -23.58 -3.12
C GLY A 7 -1.76 -23.15 -4.45
N GLY A 8 -0.75 -23.87 -4.91
CA GLY A 8 -0.11 -23.55 -6.17
C GLY A 8 0.35 -22.10 -6.23
N PRO A 9 1.54 -21.82 -5.67
CA PRO A 9 2.11 -20.48 -5.64
C PRO A 9 2.54 -20.01 -7.02
N ASP A 10 2.15 -18.79 -7.38
CA ASP A 10 2.50 -18.22 -8.67
C ASP A 10 3.77 -17.39 -8.57
N LEU A 11 4.46 -17.23 -9.70
CA LEU A 11 5.69 -16.45 -9.74
C LEU A 11 5.45 -15.06 -10.31
N GLN A 12 4.32 -14.47 -9.94
CA GLN A 12 3.97 -13.14 -10.41
C GLN A 12 4.70 -12.06 -9.61
N PRO A 13 4.90 -10.90 -10.23
CA PRO A 13 5.59 -9.77 -9.59
C PRO A 13 4.76 -9.14 -8.48
N LYS A 14 5.44 -8.52 -7.51
CA LYS A 14 4.77 -7.88 -6.39
C LYS A 14 3.45 -7.24 -6.84
N ARG A 15 2.46 -7.26 -5.95
CA ARG A 15 1.16 -6.68 -6.26
C ARG A 15 1.26 -5.17 -6.38
N ASP A 16 1.51 -4.69 -7.59
CA ASP A 16 1.62 -3.25 -7.85
C ASP A 16 0.27 -2.58 -7.78
N HIS A 17 -0.66 -3.03 -8.61
CA HIS A 17 -2.00 -2.48 -8.65
C HIS A 17 -2.57 -2.34 -7.25
N VAL A 18 -2.23 -3.28 -6.38
CA VAL A 18 -2.70 -3.27 -4.99
C VAL A 18 -2.08 -2.12 -4.21
N LEU A 19 -2.84 -1.58 -3.27
CA LEU A 19 -2.36 -0.48 -2.44
C LEU A 19 -2.59 -0.77 -0.96
N HIS A 20 -1.67 -0.31 -0.12
CA HIS A 20 -1.77 -0.50 1.32
C HIS A 20 -2.14 0.79 2.02
N VAL A 21 -3.36 0.84 2.55
CA VAL A 21 -3.84 2.04 3.25
C VAL A 21 -4.02 1.75 4.75
N THR A 22 -3.35 2.53 5.58
CA THR A 22 -3.44 2.37 7.03
C THR A 22 -4.33 3.43 7.64
N PHE A 23 -5.55 3.03 8.01
CA PHE A 23 -6.51 3.95 8.61
C PHE A 23 -6.92 3.47 10.00
N PRO A 24 -7.35 4.42 10.85
CA PRO A 24 -7.78 4.12 12.21
C PRO A 24 -9.09 3.34 12.26
N LYS A 25 -9.20 2.41 13.20
CA LYS A 25 -10.40 1.60 13.35
C LYS A 25 -11.65 2.46 13.21
N GLU A 26 -11.65 3.62 13.85
CA GLU A 26 -12.78 4.52 13.80
C GLU A 26 -13.41 4.53 12.42
N TRP A 27 -12.57 4.44 11.39
CA TRP A 27 -13.04 4.44 10.01
C TRP A 27 -14.07 3.34 9.79
N LYS A 28 -14.52 3.19 8.54
CA LYS A 28 -15.52 2.18 8.21
C LYS A 28 -15.52 1.92 6.70
N THR A 29 -16.16 0.82 6.31
CA THR A 29 -16.25 0.45 4.90
C THR A 29 -16.70 1.63 4.05
N SER A 30 -17.87 2.18 4.38
CA SER A 30 -18.41 3.31 3.63
C SER A 30 -17.34 4.37 3.39
N ASP A 31 -16.51 4.62 4.41
CA ASP A 31 -15.44 5.60 4.31
C ASP A 31 -14.46 5.22 3.20
N LEU A 32 -14.01 3.97 3.22
CA LEU A 32 -13.06 3.48 2.23
C LEU A 32 -13.62 3.65 0.83
N TYR A 33 -14.81 3.10 0.58
CA TYR A 33 -15.44 3.20 -0.72
C TYR A 33 -15.62 4.66 -1.14
N GLN A 34 -16.06 5.48 -0.20
CA GLN A 34 -16.27 6.90 -0.47
C GLN A 34 -14.95 7.60 -0.78
N LEU A 35 -13.87 7.10 -0.18
CA LEU A 35 -12.55 7.68 -0.39
C LEU A 35 -12.00 7.28 -1.76
N PHE A 36 -12.16 6.02 -2.12
CA PHE A 36 -11.68 5.51 -3.41
C PHE A 36 -12.74 5.70 -4.48
N SER A 37 -13.96 6.01 -4.07
CA SER A 37 -15.07 6.20 -5.00
C SER A 37 -14.60 6.94 -6.24
N ALA A 38 -13.66 7.86 -6.06
CA ALA A 38 -13.13 8.64 -7.17
C ALA A 38 -12.93 7.78 -8.40
N PHE A 39 -12.37 6.59 -8.20
CA PHE A 39 -12.12 5.67 -9.30
C PHE A 39 -13.39 4.88 -9.64
N GLY A 40 -14.02 4.32 -8.62
CA GLY A 40 -15.24 3.54 -8.84
C GLY A 40 -15.27 2.27 -8.04
N ASN A 41 -15.95 1.26 -8.55
CA ASN A 41 -16.06 -0.03 -7.87
C ASN A 41 -14.67 -0.59 -7.55
N ILE A 42 -14.45 -0.92 -6.29
CA ILE A 42 -13.17 -1.47 -5.86
C ILE A 42 -13.37 -2.60 -4.85
N GLN A 43 -12.30 -3.36 -4.60
CA GLN A 43 -12.36 -4.47 -3.66
C GLN A 43 -11.62 -4.12 -2.37
N ILE A 44 -12.38 -3.76 -1.34
CA ILE A 44 -11.80 -3.41 -0.05
C ILE A 44 -11.58 -4.64 0.81
N SER A 45 -10.32 -5.05 0.96
CA SER A 45 -9.99 -6.22 1.76
C SER A 45 -9.58 -5.82 3.17
N TRP A 46 -10.37 -6.25 4.15
CA TRP A 46 -10.09 -5.92 5.54
C TRP A 46 -9.05 -6.87 6.13
N ILE A 47 -7.85 -6.34 6.37
CA ILE A 47 -6.76 -7.14 6.93
C ILE A 47 -6.78 -7.11 8.45
N ASP A 48 -6.52 -5.94 9.02
CA ASP A 48 -6.50 -5.77 10.47
C ASP A 48 -7.46 -4.66 10.89
N ASP A 49 -7.48 -4.37 12.19
CA ASP A 49 -8.35 -3.33 12.73
C ASP A 49 -7.97 -1.97 12.17
N THR A 50 -6.71 -1.81 11.80
CA THR A 50 -6.22 -0.55 11.25
C THR A 50 -5.45 -0.78 9.96
N SER A 51 -5.70 -1.92 9.31
CA SER A 51 -5.04 -2.25 8.07
C SER A 51 -6.04 -2.75 7.03
N ALA A 52 -5.90 -2.26 5.80
CA ALA A 52 -6.78 -2.65 4.72
C ALA A 52 -6.02 -2.79 3.40
N PHE A 53 -6.71 -3.28 2.37
CA PHE A 53 -6.09 -3.47 1.07
C PHE A 53 -6.98 -2.90 -0.04
N VAL A 54 -6.36 -2.30 -1.05
CA VAL A 54 -7.09 -1.72 -2.17
C VAL A 54 -6.60 -2.29 -3.50
N SER A 55 -7.54 -2.61 -4.38
CA SER A 55 -7.21 -3.16 -5.69
C SER A 55 -7.70 -2.25 -6.80
N LEU A 56 -6.89 -2.08 -7.83
CA LEU A 56 -7.24 -1.24 -8.97
C LEU A 56 -7.11 -2.00 -10.28
N SER A 57 -7.64 -1.42 -11.35
CA SER A 57 -7.58 -2.05 -12.66
C SER A 57 -6.24 -1.79 -13.34
N GLN A 58 -5.81 -0.53 -13.34
CA GLN A 58 -4.53 -0.16 -13.95
C GLN A 58 -3.63 0.53 -12.94
N PRO A 59 -2.32 0.53 -13.21
CA PRO A 59 -1.32 1.14 -12.34
C PRO A 59 -1.41 2.67 -12.35
N GLU A 60 -1.75 3.23 -13.50
CA GLU A 60 -1.87 4.68 -13.65
C GLU A 60 -2.51 5.29 -12.40
N GLN A 61 -3.73 4.85 -12.09
CA GLN A 61 -4.44 5.36 -10.93
C GLN A 61 -3.50 5.51 -9.73
N VAL A 62 -2.74 4.46 -9.44
CA VAL A 62 -1.80 4.48 -8.33
C VAL A 62 -1.15 5.85 -8.19
N GLN A 63 -0.71 6.41 -9.30
CA GLN A 63 -0.06 7.71 -9.31
C GLN A 63 -0.99 8.77 -8.72
N ILE A 64 -2.24 8.75 -9.15
CA ILE A 64 -3.23 9.72 -8.68
C ILE A 64 -3.59 9.46 -7.21
N ALA A 65 -3.94 8.22 -6.91
CA ALA A 65 -4.30 7.84 -5.54
C ALA A 65 -3.22 8.26 -4.56
N VAL A 66 -1.96 8.04 -4.94
CA VAL A 66 -0.84 8.39 -4.08
C VAL A 66 -0.62 9.90 -4.04
N ASN A 67 -0.73 10.54 -5.20
CA ASN A 67 -0.55 11.98 -5.30
C ASN A 67 -1.36 12.71 -4.24
N THR A 68 -2.56 12.19 -3.98
CA THR A 68 -3.45 12.79 -2.99
C THR A 68 -3.03 12.41 -1.57
N SER A 69 -2.64 11.15 -1.39
CA SER A 69 -2.21 10.66 -0.09
C SER A 69 -0.93 11.37 0.37
N LYS A 70 -0.31 12.10 -0.55
CA LYS A 70 0.92 12.83 -0.25
C LYS A 70 0.67 13.88 0.83
N TYR A 71 -0.23 14.81 0.54
CA TYR A 71 -0.55 15.88 1.48
C TYR A 71 -1.46 15.36 2.59
N ALA A 72 -2.39 14.49 2.23
CA ALA A 72 -3.32 13.91 3.20
C ALA A 72 -2.57 13.34 4.40
N GLU A 73 -2.89 13.85 5.59
CA GLU A 73 -2.24 13.40 6.82
C GLU A 73 -3.14 12.41 7.56
N SER A 74 -4.43 12.70 7.59
CA SER A 74 -5.40 11.84 8.27
C SER A 74 -5.20 10.38 7.88
N TYR A 75 -5.05 10.13 6.58
CA TYR A 75 -4.85 8.78 6.10
C TYR A 75 -3.53 8.66 5.33
N ARG A 76 -2.94 7.47 5.36
CA ARG A 76 -1.67 7.23 4.67
C ARG A 76 -1.82 6.10 3.67
N ILE A 77 -1.48 6.38 2.41
CA ILE A 77 -1.56 5.38 1.36
C ILE A 77 -0.19 5.13 0.73
N GLN A 78 0.10 3.86 0.46
CA GLN A 78 1.38 3.48 -0.14
C GLN A 78 1.20 2.32 -1.11
N THR A 79 2.31 1.82 -1.63
CA THR A 79 2.28 0.71 -2.57
C THR A 79 2.53 -0.62 -1.85
N TYR A 80 1.83 -1.67 -2.31
CA TYR A 80 1.98 -2.99 -1.70
C TYR A 80 3.42 -3.23 -1.26
N ALA A 81 4.36 -2.91 -2.13
CA ALA A 81 5.78 -3.10 -1.83
C ALA A 81 6.16 -2.38 -0.54
N GLU A 82 5.83 -1.08 -0.47
CA GLU A 82 6.14 -0.29 0.72
C GLU A 82 5.63 -0.96 1.97
N TYR A 83 4.51 -1.66 1.85
CA TYR A 83 3.91 -2.35 2.99
C TYR A 83 4.73 -3.58 3.37
N VAL A 84 4.74 -4.58 2.50
CA VAL A 84 5.49 -5.81 2.73
C VAL A 84 6.92 -5.50 3.15
N GLY A 85 7.54 -4.53 2.49
CA GLY A 85 8.90 -4.16 2.80
C GLY A 85 9.12 -3.96 4.29
N LYS A 86 8.19 -3.26 4.93
CA LYS A 86 8.28 -2.98 6.36
C LYS A 86 8.55 -4.27 7.14
N LYS A 87 7.66 -5.24 7.00
CA LYS A 87 7.80 -6.52 7.69
C LYS A 87 9.18 -7.12 7.42
N GLN A 88 9.46 -7.41 6.15
CA GLN A 88 10.73 -8.00 5.76
C GLN A 88 11.88 -7.04 6.05
N LYS A 89 13.10 -7.54 5.93
CA LYS A 89 14.29 -6.73 6.18
C LYS A 89 15.56 -7.47 5.75
N GLY A 90 16.26 -6.91 4.77
CA GLY A 90 17.48 -7.52 4.29
C GLY A 90 18.47 -6.51 3.75
N LYS A 91 18.01 -5.71 2.78
CA LYS A 91 18.88 -4.70 2.17
C LYS A 91 18.02 -3.62 1.49
N GLN A 92 18.13 -2.39 1.99
CA GLN A 92 17.39 -1.27 1.43
C GLN A 92 17.81 0.04 2.07
N VAL A 93 17.98 1.07 1.24
CA VAL A 93 18.38 2.38 1.74
C VAL A 93 17.36 2.94 2.73
N LYS A 94 17.86 3.56 3.80
CA LYS A 94 16.99 4.13 4.82
C LYS A 94 17.25 5.63 4.97
N SER A 95 16.21 6.37 5.34
CA SER A 95 16.33 7.82 5.53
C SER A 95 17.57 8.16 6.36
N GLY A 96 18.29 9.20 5.93
CA GLY A 96 19.48 9.61 6.64
C GLY A 96 19.82 11.07 6.41
N PRO A 97 19.00 11.98 6.98
CA PRO A 97 19.20 13.42 6.84
C PRO A 97 20.43 13.91 7.59
N SER A 98 20.86 15.14 7.28
CA SER A 98 22.02 15.73 7.93
C SER A 98 21.61 16.56 9.14
N SER A 99 20.60 17.40 8.95
CA SER A 99 20.11 18.27 10.02
C SER A 99 19.05 17.55 10.85
N GLY A 100 19.47 17.00 11.99
CA GLY A 100 18.55 16.29 12.85
C GLY A 100 18.85 16.52 14.33
N GLY A 1 26.46 -16.54 8.84
CA GLY A 1 26.40 -17.80 8.12
C GLY A 1 25.39 -17.78 6.99
N SER A 2 25.47 -18.76 6.10
CA SER A 2 24.56 -18.85 4.97
C SER A 2 23.52 -19.93 5.19
N SER A 3 22.26 -19.51 5.32
CA SER A 3 21.16 -20.44 5.55
C SER A 3 19.83 -19.82 5.13
N GLY A 4 18.89 -20.67 4.70
CA GLY A 4 17.59 -20.19 4.28
C GLY A 4 17.11 -20.86 3.01
N SER A 5 16.38 -21.95 3.16
CA SER A 5 15.85 -22.69 2.01
C SER A 5 14.45 -23.23 2.29
N SER A 6 13.47 -22.68 1.59
CA SER A 6 12.08 -23.10 1.77
C SER A 6 11.67 -24.09 0.69
N GLY A 7 10.78 -25.02 1.05
CA GLY A 7 10.32 -26.01 0.09
C GLY A 7 9.94 -25.39 -1.25
N GLY A 8 10.72 -25.70 -2.28
CA GLY A 8 10.44 -25.16 -3.60
C GLY A 8 10.19 -23.67 -3.58
N PRO A 9 11.29 -22.89 -3.53
CA PRO A 9 11.23 -21.43 -3.51
C PRO A 9 10.76 -20.85 -4.83
N ASP A 10 9.67 -20.09 -4.79
CA ASP A 10 9.13 -19.47 -5.99
C ASP A 10 9.06 -17.95 -5.84
N LEU A 11 9.06 -17.25 -6.97
CA LEU A 11 9.01 -15.80 -6.96
C LEU A 11 7.59 -15.31 -7.23
N GLN A 12 7.21 -14.23 -6.55
CA GLN A 12 5.87 -13.66 -6.72
C GLN A 12 5.94 -12.33 -7.47
N PRO A 13 4.85 -12.02 -8.20
CA PRO A 13 4.75 -10.78 -8.99
C PRO A 13 4.66 -9.55 -8.11
N LYS A 14 4.89 -8.39 -8.70
CA LYS A 14 4.82 -7.12 -7.96
C LYS A 14 3.37 -6.69 -7.77
N ARG A 15 3.09 -6.10 -6.60
CA ARG A 15 1.74 -5.65 -6.29
C ARG A 15 1.66 -4.13 -6.37
N ASP A 16 1.55 -3.61 -7.59
CA ASP A 16 1.46 -2.18 -7.80
C ASP A 16 0.01 -1.69 -7.67
N HIS A 17 -0.86 -2.21 -8.54
CA HIS A 17 -2.27 -1.84 -8.52
C HIS A 17 -2.79 -1.76 -7.08
N VAL A 18 -2.30 -2.67 -6.23
CA VAL A 18 -2.72 -2.71 -4.84
C VAL A 18 -2.17 -1.53 -4.07
N LEU A 19 -2.98 -0.98 -3.16
CA LEU A 19 -2.57 0.16 -2.35
C LEU A 19 -2.83 -0.10 -0.88
N HIS A 20 -1.79 0.09 -0.05
CA HIS A 20 -1.91 -0.12 1.38
C HIS A 20 -2.26 1.18 2.10
N VAL A 21 -3.44 1.24 2.68
CA VAL A 21 -3.89 2.43 3.41
C VAL A 21 -4.05 2.15 4.90
N THR A 22 -3.38 2.95 5.71
CA THR A 22 -3.44 2.78 7.16
C THR A 22 -4.42 3.77 7.78
N PHE A 23 -5.58 3.28 8.19
CA PHE A 23 -6.61 4.12 8.80
C PHE A 23 -7.02 3.56 10.17
N PRO A 24 -7.52 4.45 11.03
CA PRO A 24 -7.97 4.07 12.38
C PRO A 24 -9.24 3.23 12.36
N LYS A 25 -9.34 2.31 13.31
CA LYS A 25 -10.51 1.43 13.40
C LYS A 25 -11.80 2.23 13.23
N GLU A 26 -11.87 3.37 13.91
CA GLU A 26 -13.05 4.23 13.84
C GLU A 26 -13.64 4.23 12.42
N TRP A 27 -12.77 4.05 11.44
CA TRP A 27 -13.20 4.04 10.04
C TRP A 27 -14.14 2.87 9.77
N LYS A 28 -14.52 2.70 8.52
CA LYS A 28 -15.43 1.62 8.13
C LYS A 28 -15.46 1.46 6.61
N THR A 29 -16.12 0.41 6.15
CA THR A 29 -16.24 0.14 4.72
C THR A 29 -16.72 1.38 3.97
N SER A 30 -17.88 1.89 4.37
CA SER A 30 -18.46 3.07 3.74
C SER A 30 -17.42 4.17 3.59
N ASP A 31 -16.49 4.22 4.54
CA ASP A 31 -15.43 5.23 4.52
C ASP A 31 -14.43 4.94 3.42
N LEU A 32 -14.07 3.68 3.26
CA LEU A 32 -13.12 3.27 2.24
C LEU A 32 -13.68 3.50 0.84
N TYR A 33 -14.85 2.90 0.57
CA TYR A 33 -15.50 3.04 -0.72
C TYR A 33 -15.74 4.51 -1.06
N GLN A 34 -16.31 5.25 -0.11
CA GLN A 34 -16.59 6.66 -0.31
C GLN A 34 -15.34 7.41 -0.73
N LEU A 35 -14.30 7.32 0.10
CA LEU A 35 -13.03 8.00 -0.18
C LEU A 35 -12.51 7.62 -1.56
N PHE A 36 -12.31 6.33 -1.78
CA PHE A 36 -11.82 5.83 -3.05
C PHE A 36 -12.89 5.96 -4.15
N SER A 37 -14.10 6.31 -3.73
CA SER A 37 -15.20 6.47 -4.67
C SER A 37 -14.78 7.28 -5.88
N ALA A 38 -13.86 8.21 -5.67
CA ALA A 38 -13.36 9.06 -6.76
C ALA A 38 -13.15 8.25 -8.03
N PHE A 39 -12.52 7.08 -7.89
CA PHE A 39 -12.26 6.22 -9.04
C PHE A 39 -13.51 5.43 -9.41
N GLY A 40 -14.08 4.73 -8.44
CA GLY A 40 -15.27 3.94 -8.68
C GLY A 40 -15.22 2.59 -8.01
N ASN A 41 -15.97 1.63 -8.55
CA ASN A 41 -16.00 0.28 -7.99
C ASN A 41 -14.59 -0.24 -7.74
N ILE A 42 -14.32 -0.65 -6.50
CA ILE A 42 -13.01 -1.17 -6.14
C ILE A 42 -13.15 -2.38 -5.21
N GLN A 43 -12.01 -2.99 -4.88
CA GLN A 43 -12.00 -4.15 -3.99
C GLN A 43 -11.27 -3.83 -2.69
N ILE A 44 -12.04 -3.70 -1.61
CA ILE A 44 -11.47 -3.41 -0.30
C ILE A 44 -11.20 -4.69 0.48
N SER A 45 -9.92 -4.97 0.72
CA SER A 45 -9.52 -6.16 1.46
C SER A 45 -9.25 -5.83 2.93
N TRP A 46 -10.04 -6.43 3.82
CA TRP A 46 -9.89 -6.19 5.26
C TRP A 46 -8.84 -7.12 5.85
N ILE A 47 -7.69 -6.56 6.19
CA ILE A 47 -6.60 -7.34 6.77
C ILE A 47 -6.69 -7.36 8.30
N ASP A 48 -6.79 -6.18 8.90
CA ASP A 48 -6.89 -6.06 10.34
C ASP A 48 -7.81 -4.91 10.73
N ASP A 49 -7.89 -4.64 12.03
CA ASP A 49 -8.73 -3.56 12.54
C ASP A 49 -8.10 -2.21 12.27
N THR A 50 -6.80 -2.21 11.96
CA THR A 50 -6.08 -0.99 11.68
C THR A 50 -5.25 -1.12 10.40
N SER A 51 -5.58 -2.11 9.59
CA SER A 51 -4.87 -2.34 8.34
C SER A 51 -5.81 -2.87 7.26
N ALA A 52 -5.76 -2.25 6.09
CA ALA A 52 -6.60 -2.65 4.97
C ALA A 52 -5.85 -2.57 3.65
N PHE A 53 -6.48 -3.04 2.58
CA PHE A 53 -5.87 -3.02 1.26
C PHE A 53 -6.83 -2.41 0.23
N VAL A 54 -6.26 -1.77 -0.78
CA VAL A 54 -7.06 -1.16 -1.84
C VAL A 54 -6.54 -1.53 -3.22
N SER A 55 -7.24 -2.44 -3.89
CA SER A 55 -6.84 -2.89 -5.21
C SER A 55 -7.64 -2.17 -6.30
N LEU A 56 -6.93 -1.60 -7.27
CA LEU A 56 -7.57 -0.87 -8.36
C LEU A 56 -7.60 -1.72 -9.63
N SER A 57 -8.24 -1.19 -10.67
CA SER A 57 -8.35 -1.89 -11.95
C SER A 57 -7.05 -1.81 -12.72
N GLN A 58 -6.46 -0.61 -12.76
CA GLN A 58 -5.21 -0.40 -13.48
C GLN A 58 -4.17 0.25 -12.57
N PRO A 59 -2.89 0.06 -12.90
CA PRO A 59 -1.77 0.61 -12.13
C PRO A 59 -1.67 2.12 -12.27
N GLU A 60 -1.79 2.61 -13.50
CA GLU A 60 -1.72 4.05 -13.76
C GLU A 60 -2.30 4.84 -12.59
N GLN A 61 -3.53 4.51 -12.22
CA GLN A 61 -4.20 5.20 -11.12
C GLN A 61 -3.27 5.35 -9.92
N VAL A 62 -2.62 4.27 -9.55
CA VAL A 62 -1.69 4.28 -8.41
C VAL A 62 -0.95 5.61 -8.32
N GLN A 63 -0.33 6.00 -9.43
CA GLN A 63 0.42 7.25 -9.47
C GLN A 63 -0.41 8.41 -8.91
N ILE A 64 -1.65 8.51 -9.36
CA ILE A 64 -2.54 9.56 -8.90
C ILE A 64 -2.86 9.41 -7.41
N ALA A 65 -3.45 8.27 -7.05
CA ALA A 65 -3.79 8.00 -5.67
C ALA A 65 -2.66 8.40 -4.73
N VAL A 66 -1.45 7.96 -5.05
CA VAL A 66 -0.28 8.29 -4.24
C VAL A 66 0.00 9.78 -4.24
N ASN A 67 -0.09 10.39 -5.42
CA ASN A 67 0.15 11.83 -5.54
C ASN A 67 -0.72 12.62 -4.58
N THR A 68 -1.99 12.24 -4.49
CA THR A 68 -2.94 12.92 -3.61
C THR A 68 -2.69 12.53 -2.15
N SER A 69 -2.33 11.26 -1.92
CA SER A 69 -2.08 10.77 -0.58
C SER A 69 -0.94 11.54 0.08
N LYS A 70 0.03 11.95 -0.73
CA LYS A 70 1.17 12.71 -0.23
C LYS A 70 0.74 13.74 0.80
N TYR A 71 -0.16 14.63 0.39
CA TYR A 71 -0.66 15.68 1.27
C TYR A 71 -1.66 15.11 2.28
N ALA A 72 -2.53 14.23 1.79
CA ALA A 72 -3.54 13.62 2.65
C ALA A 72 -2.94 13.19 3.98
N GLU A 73 -3.46 13.76 5.07
CA GLU A 73 -2.97 13.45 6.41
C GLU A 73 -3.89 12.44 7.10
N SER A 74 -5.20 12.61 6.91
CA SER A 74 -6.18 11.72 7.51
C SER A 74 -5.81 10.26 7.26
N TYR A 75 -5.42 9.96 6.02
CA TYR A 75 -5.06 8.59 5.66
C TYR A 75 -3.67 8.56 5.02
N ARG A 76 -3.03 7.39 5.04
CA ARG A 76 -1.70 7.23 4.47
C ARG A 76 -1.68 6.06 3.50
N ILE A 77 -1.38 6.35 2.24
CA ILE A 77 -1.32 5.32 1.21
C ILE A 77 0.12 5.11 0.73
N GLN A 78 0.48 3.85 0.50
CA GLN A 78 1.82 3.51 0.05
C GLN A 78 1.79 2.27 -0.86
N THR A 79 2.94 1.92 -1.41
CA THR A 79 3.05 0.77 -2.30
C THR A 79 3.09 -0.52 -1.51
N TYR A 80 2.28 -1.49 -1.93
CA TYR A 80 2.21 -2.78 -1.26
C TYR A 80 3.58 -3.20 -0.74
N ALA A 81 4.61 -2.98 -1.56
CA ALA A 81 5.97 -3.33 -1.18
C ALA A 81 6.39 -2.61 0.10
N GLU A 82 6.08 -1.32 0.17
CA GLU A 82 6.42 -0.52 1.34
C GLU A 82 5.92 -1.17 2.62
N TYR A 83 4.89 -2.00 2.48
CA TYR A 83 4.29 -2.68 3.62
C TYR A 83 5.07 -3.95 3.96
N VAL A 84 4.98 -4.95 3.08
CA VAL A 84 5.67 -6.21 3.28
C VAL A 84 7.14 -5.99 3.64
N GLY A 85 7.73 -4.96 3.05
CA GLY A 85 9.12 -4.65 3.32
C GLY A 85 9.45 -4.71 4.80
N LYS A 86 8.62 -4.07 5.61
CA LYS A 86 8.83 -4.06 7.06
C LYS A 86 9.05 -5.47 7.59
N LYS A 87 8.12 -6.37 7.28
CA LYS A 87 8.21 -7.75 7.73
C LYS A 87 9.60 -8.31 7.47
N GLN A 88 9.98 -8.40 6.20
CA GLN A 88 11.28 -8.92 5.81
C GLN A 88 12.40 -8.14 6.50
N LYS A 89 13.64 -8.58 6.28
CA LYS A 89 14.79 -7.92 6.88
C LYS A 89 15.84 -7.58 5.83
N GLY A 90 16.01 -6.29 5.56
CA GLY A 90 16.97 -5.85 4.57
C GLY A 90 16.33 -5.55 3.24
N LYS A 91 15.72 -4.37 3.12
CA LYS A 91 15.07 -3.95 1.89
C LYS A 91 15.60 -2.60 1.42
N GLN A 92 16.91 -2.41 1.52
CA GLN A 92 17.53 -1.16 1.11
C GLN A 92 18.99 -1.39 0.70
N VAL A 93 19.38 -0.78 -0.42
CA VAL A 93 20.74 -0.91 -0.92
C VAL A 93 21.52 0.39 -0.77
N LYS A 94 22.80 0.27 -0.46
CA LYS A 94 23.66 1.44 -0.28
C LYS A 94 23.95 2.11 -1.62
N SER A 95 24.26 3.40 -1.59
CA SER A 95 24.56 4.15 -2.80
C SER A 95 26.06 4.37 -2.94
N GLY A 96 26.64 3.78 -3.97
CA GLY A 96 28.07 3.92 -4.20
C GLY A 96 28.91 3.03 -3.29
N PRO A 97 30.04 2.55 -3.80
CA PRO A 97 30.94 1.67 -3.06
C PRO A 97 31.66 2.41 -1.93
N SER A 98 31.65 3.74 -2.01
CA SER A 98 32.31 4.56 -0.99
C SER A 98 31.28 5.25 -0.10
N SER A 99 30.87 4.55 0.95
CA SER A 99 29.88 5.08 1.89
C SER A 99 30.48 6.22 2.71
N GLY A 100 30.27 7.45 2.25
CA GLY A 100 30.80 8.61 2.97
C GLY A 100 32.28 8.81 2.72
N GLY A 1 11.06 5.51 3.39
CA GLY A 1 10.70 4.13 3.11
C GLY A 1 11.89 3.26 2.79
N SER A 2 11.68 2.28 1.93
CA SER A 2 12.76 1.37 1.54
C SER A 2 12.63 0.97 0.06
N SER A 3 13.76 0.58 -0.53
CA SER A 3 13.77 0.18 -1.93
C SER A 3 14.91 -0.81 -2.20
N GLY A 4 14.84 -1.48 -3.35
CA GLY A 4 15.86 -2.45 -3.71
C GLY A 4 15.29 -3.63 -4.46
N SER A 5 16.14 -4.62 -4.71
CA SER A 5 15.72 -5.81 -5.44
C SER A 5 15.64 -7.02 -4.50
N SER A 6 14.44 -7.31 -4.01
CA SER A 6 14.23 -8.42 -3.10
C SER A 6 14.97 -9.67 -3.59
N GLY A 7 15.59 -10.39 -2.66
CA GLY A 7 16.32 -11.59 -3.02
C GLY A 7 15.52 -12.86 -2.76
N GLY A 8 15.25 -13.61 -3.83
CA GLY A 8 14.49 -14.84 -3.68
C GLY A 8 14.66 -15.76 -4.87
N PRO A 9 14.64 -17.08 -4.61
CA PRO A 9 14.80 -18.10 -5.65
C PRO A 9 13.58 -18.17 -6.57
N ASP A 10 12.61 -17.31 -6.32
CA ASP A 10 11.39 -17.27 -7.14
C ASP A 10 11.16 -15.88 -7.71
N LEU A 11 10.22 -15.77 -8.64
CA LEU A 11 9.92 -14.50 -9.28
C LEU A 11 8.83 -13.75 -8.51
N GLN A 12 9.23 -12.72 -7.77
CA GLN A 12 8.29 -11.93 -6.98
C GLN A 12 7.08 -11.56 -7.82
N PRO A 13 5.89 -11.61 -7.20
CA PRO A 13 4.63 -11.27 -7.86
C PRO A 13 4.50 -9.79 -8.17
N LYS A 14 3.72 -9.46 -9.20
CA LYS A 14 3.52 -8.07 -9.59
C LYS A 14 2.37 -7.45 -8.81
N ARG A 15 2.71 -6.63 -7.82
CA ARG A 15 1.71 -5.96 -7.00
C ARG A 15 1.80 -4.44 -7.14
N ASP A 16 1.18 -3.91 -8.20
CA ASP A 16 1.19 -2.48 -8.45
C ASP A 16 -0.19 -1.88 -8.22
N HIS A 17 -1.21 -2.52 -8.79
CA HIS A 17 -2.58 -2.04 -8.65
C HIS A 17 -3.01 -2.03 -7.19
N VAL A 18 -2.36 -2.87 -6.38
CA VAL A 18 -2.67 -2.95 -4.96
C VAL A 18 -2.05 -1.80 -4.20
N LEU A 19 -2.80 -1.24 -3.25
CA LEU A 19 -2.32 -0.13 -2.44
C LEU A 19 -2.57 -0.40 -0.96
N HIS A 20 -1.56 -0.11 -0.14
CA HIS A 20 -1.66 -0.31 1.30
C HIS A 20 -2.09 0.97 2.01
N VAL A 21 -3.33 0.99 2.48
CA VAL A 21 -3.87 2.16 3.18
C VAL A 21 -4.08 1.87 4.65
N THR A 22 -3.48 2.70 5.51
CA THR A 22 -3.60 2.53 6.95
C THR A 22 -4.51 3.59 7.55
N PHE A 23 -5.73 3.20 7.89
CA PHE A 23 -6.70 4.12 8.48
C PHE A 23 -7.09 3.69 9.89
N PRO A 24 -7.51 4.66 10.71
CA PRO A 24 -7.92 4.39 12.09
C PRO A 24 -9.23 3.61 12.17
N LYS A 25 -9.38 2.82 13.22
CA LYS A 25 -10.58 2.01 13.42
C LYS A 25 -11.83 2.85 13.21
N GLU A 26 -11.82 4.07 13.76
CA GLU A 26 -12.96 4.97 13.63
C GLU A 26 -13.54 4.93 12.22
N TRP A 27 -12.70 4.58 11.25
CA TRP A 27 -13.13 4.50 9.86
C TRP A 27 -14.09 3.32 9.65
N LYS A 28 -14.73 3.29 8.49
CA LYS A 28 -15.68 2.23 8.18
C LYS A 28 -15.67 1.93 6.68
N THR A 29 -16.28 0.81 6.30
CA THR A 29 -16.34 0.41 4.90
C THR A 29 -16.79 1.57 4.02
N SER A 30 -17.97 2.11 4.32
CA SER A 30 -18.52 3.22 3.56
C SER A 30 -17.47 4.32 3.36
N ASP A 31 -16.70 4.57 4.41
CA ASP A 31 -15.67 5.60 4.35
C ASP A 31 -14.64 5.28 3.27
N LEU A 32 -14.18 4.04 3.23
CA LEU A 32 -13.21 3.61 2.23
C LEU A 32 -13.77 3.76 0.82
N TYR A 33 -14.81 3.00 0.52
CA TYR A 33 -15.44 3.04 -0.79
C TYR A 33 -15.64 4.49 -1.24
N GLN A 34 -16.28 5.29 -0.38
CA GLN A 34 -16.54 6.68 -0.70
C GLN A 34 -15.23 7.43 -1.00
N LEU A 35 -14.19 7.12 -0.24
CA LEU A 35 -12.89 7.76 -0.44
C LEU A 35 -12.30 7.38 -1.79
N PHE A 36 -12.23 6.09 -2.07
CA PHE A 36 -11.69 5.61 -3.34
C PHE A 36 -12.72 5.74 -4.45
N SER A 37 -13.95 6.08 -4.09
CA SER A 37 -15.03 6.23 -5.06
C SER A 37 -14.52 6.92 -6.32
N ALA A 38 -13.67 7.93 -6.14
CA ALA A 38 -13.12 8.67 -7.26
C ALA A 38 -12.90 7.76 -8.47
N PHE A 39 -12.44 6.53 -8.21
CA PHE A 39 -12.19 5.57 -9.27
C PHE A 39 -13.46 4.79 -9.61
N GLY A 40 -14.11 4.25 -8.58
CA GLY A 40 -15.33 3.49 -8.78
C GLY A 40 -15.30 2.14 -8.08
N ASN A 41 -16.01 1.17 -8.64
CA ASN A 41 -16.07 -0.16 -8.05
C ASN A 41 -14.67 -0.68 -7.72
N ILE A 42 -14.46 -1.02 -6.45
CA ILE A 42 -13.16 -1.52 -6.00
C ILE A 42 -13.33 -2.67 -5.01
N GLN A 43 -12.21 -3.31 -4.66
CA GLN A 43 -12.25 -4.41 -3.72
C GLN A 43 -11.49 -4.07 -2.44
N ILE A 44 -12.23 -3.72 -1.40
CA ILE A 44 -11.63 -3.36 -0.12
C ILE A 44 -11.35 -4.60 0.72
N SER A 45 -10.07 -4.96 0.82
CA SER A 45 -9.66 -6.13 1.59
C SER A 45 -9.34 -5.74 3.03
N TRP A 46 -10.10 -6.31 3.97
CA TRP A 46 -9.90 -6.03 5.39
C TRP A 46 -8.83 -6.94 5.97
N ILE A 47 -7.67 -6.37 6.28
CA ILE A 47 -6.57 -7.12 6.85
C ILE A 47 -6.62 -7.12 8.38
N ASP A 48 -6.35 -5.97 8.97
CA ASP A 48 -6.38 -5.83 10.42
C ASP A 48 -7.36 -4.74 10.85
N ASP A 49 -7.39 -4.46 12.15
CA ASP A 49 -8.29 -3.44 12.68
C ASP A 49 -7.95 -2.07 12.11
N THR A 50 -6.68 -1.84 11.83
CA THR A 50 -6.22 -0.57 11.28
C THR A 50 -5.41 -0.78 10.01
N SER A 51 -5.60 -1.93 9.37
CA SER A 51 -4.89 -2.25 8.14
C SER A 51 -5.84 -2.77 7.08
N ALA A 52 -5.77 -2.19 5.88
CA ALA A 52 -6.63 -2.60 4.78
C ALA A 52 -5.86 -2.60 3.46
N PHE A 53 -6.50 -3.11 2.41
CA PHE A 53 -5.88 -3.18 1.09
C PHE A 53 -6.83 -2.66 0.02
N VAL A 54 -6.26 -2.15 -1.08
CA VAL A 54 -7.05 -1.62 -2.18
C VAL A 54 -6.47 -2.05 -3.53
N SER A 55 -7.20 -2.90 -4.23
CA SER A 55 -6.76 -3.39 -5.53
C SER A 55 -7.42 -2.61 -6.66
N LEU A 56 -6.61 -2.19 -7.63
CA LEU A 56 -7.12 -1.43 -8.77
C LEU A 56 -7.00 -2.22 -10.06
N SER A 57 -7.51 -1.67 -11.16
CA SER A 57 -7.47 -2.33 -12.44
C SER A 57 -6.21 -1.95 -13.21
N GLN A 58 -5.92 -0.64 -13.24
CA GLN A 58 -4.74 -0.13 -13.93
C GLN A 58 -3.91 0.76 -13.01
N PRO A 59 -2.61 0.90 -13.34
CA PRO A 59 -1.68 1.72 -12.56
C PRO A 59 -1.98 3.21 -12.68
N GLU A 60 -2.63 3.59 -13.77
CA GLU A 60 -2.98 4.98 -14.00
C GLU A 60 -3.58 5.62 -12.74
N GLN A 61 -4.34 4.82 -11.99
CA GLN A 61 -4.96 5.29 -10.77
C GLN A 61 -3.94 5.42 -9.64
N VAL A 62 -3.14 4.38 -9.47
CA VAL A 62 -2.12 4.36 -8.43
C VAL A 62 -1.49 5.74 -8.25
N GLN A 63 -0.79 6.20 -9.28
CA GLN A 63 -0.15 7.50 -9.24
C GLN A 63 -0.98 8.51 -8.45
N ILE A 64 -2.23 8.69 -8.88
CA ILE A 64 -3.14 9.61 -8.22
C ILE A 64 -3.35 9.23 -6.76
N ALA A 65 -3.82 8.01 -6.53
CA ALA A 65 -4.05 7.52 -5.18
C ALA A 65 -2.90 7.89 -4.25
N VAL A 66 -1.70 7.99 -4.81
CA VAL A 66 -0.52 8.33 -4.03
C VAL A 66 -0.37 9.85 -3.92
N ASN A 67 -0.09 10.50 -5.05
CA ASN A 67 0.09 11.94 -5.08
C ASN A 67 -0.86 12.62 -4.09
N THR A 68 -2.04 12.03 -3.91
CA THR A 68 -3.03 12.59 -2.99
C THR A 68 -2.66 12.30 -1.55
N SER A 69 -2.55 11.02 -1.22
CA SER A 69 -2.21 10.60 0.14
C SER A 69 -0.93 11.28 0.61
N LYS A 70 -0.10 11.69 -0.35
CA LYS A 70 1.16 12.36 -0.03
C LYS A 70 0.95 13.46 1.00
N TYR A 71 0.01 14.35 0.73
CA TYR A 71 -0.28 15.45 1.64
C TYR A 71 -1.25 15.00 2.73
N ALA A 72 -2.23 14.19 2.36
CA ALA A 72 -3.22 13.69 3.30
C ALA A 72 -2.55 13.20 4.59
N GLU A 73 -2.85 13.86 5.70
CA GLU A 73 -2.28 13.50 6.99
C GLU A 73 -3.22 12.58 7.76
N SER A 74 -4.51 12.64 7.43
CA SER A 74 -5.51 11.82 8.09
C SER A 74 -5.32 10.35 7.75
N TYR A 75 -5.04 10.07 6.49
CA TYR A 75 -4.84 8.70 6.03
C TYR A 75 -3.49 8.56 5.31
N ARG A 76 -2.96 7.34 5.30
CA ARG A 76 -1.69 7.06 4.65
C ARG A 76 -1.83 5.96 3.61
N ILE A 77 -1.35 6.22 2.40
CA ILE A 77 -1.42 5.25 1.31
C ILE A 77 -0.05 5.00 0.71
N GLN A 78 0.26 3.74 0.43
CA GLN A 78 1.54 3.38 -0.16
C GLN A 78 1.39 2.18 -1.11
N THR A 79 2.47 1.84 -1.80
CA THR A 79 2.45 0.74 -2.74
C THR A 79 2.69 -0.60 -2.02
N TYR A 80 2.04 -1.65 -2.51
CA TYR A 80 2.19 -2.97 -1.91
C TYR A 80 3.66 -3.31 -1.69
N ALA A 81 4.46 -3.17 -2.75
CA ALA A 81 5.88 -3.46 -2.67
C ALA A 81 6.53 -2.71 -1.51
N GLU A 82 6.06 -1.50 -1.25
CA GLU A 82 6.59 -0.68 -0.17
C GLU A 82 6.17 -1.24 1.18
N TYR A 83 4.96 -1.77 1.26
CA TYR A 83 4.45 -2.34 2.50
C TYR A 83 5.14 -3.66 2.83
N VAL A 84 5.37 -4.47 1.81
CA VAL A 84 6.03 -5.76 1.99
C VAL A 84 7.55 -5.59 2.12
N GLY A 85 8.08 -4.58 1.44
CA GLY A 85 9.51 -4.33 1.50
C GLY A 85 10.06 -4.48 2.90
N LYS A 86 9.57 -3.65 3.82
CA LYS A 86 10.03 -3.68 5.21
C LYS A 86 9.75 -5.04 5.84
N LYS A 87 8.49 -5.47 5.77
CA LYS A 87 8.08 -6.76 6.32
C LYS A 87 9.19 -7.78 6.17
N GLN A 88 9.65 -7.99 4.94
CA GLN A 88 10.70 -8.95 4.65
C GLN A 88 12.08 -8.33 4.89
N LYS A 89 12.89 -8.99 5.71
CA LYS A 89 14.23 -8.51 6.01
C LYS A 89 15.29 -9.48 5.51
N GLY A 90 15.95 -9.12 4.42
CA GLY A 90 16.98 -9.99 3.86
C GLY A 90 18.22 -9.22 3.45
N LYS A 91 18.07 -8.34 2.45
CA LYS A 91 19.19 -7.53 1.98
C LYS A 91 18.69 -6.30 1.24
N GLN A 92 19.16 -5.13 1.65
CA GLN A 92 18.75 -3.87 1.03
C GLN A 92 19.59 -2.71 1.54
N VAL A 93 20.12 -1.90 0.62
CA VAL A 93 20.94 -0.76 0.98
C VAL A 93 20.71 0.41 0.03
N LYS A 94 20.50 1.60 0.59
CA LYS A 94 20.28 2.79 -0.22
C LYS A 94 21.45 3.74 -0.11
N SER A 95 22.03 4.11 -1.25
CA SER A 95 23.17 5.01 -1.29
C SER A 95 22.72 6.43 -1.59
N GLY A 96 22.89 7.33 -0.62
CA GLY A 96 22.50 8.72 -0.81
C GLY A 96 21.02 8.93 -0.57
N PRO A 97 20.59 8.75 0.69
CA PRO A 97 19.19 8.92 1.08
C PRO A 97 18.75 10.38 1.04
N SER A 98 17.62 10.64 0.38
CA SER A 98 17.10 11.99 0.26
C SER A 98 16.11 12.30 1.39
N SER A 99 15.08 11.47 1.50
CA SER A 99 14.07 11.65 2.54
C SER A 99 14.72 11.91 3.90
N GLY A 100 14.43 13.06 4.48
CA GLY A 100 14.99 13.41 5.77
C GLY A 100 15.56 14.81 5.80
N GLY A 1 20.12 3.60 12.54
CA GLY A 1 18.93 3.07 11.89
C GLY A 1 19.08 2.98 10.38
N SER A 2 19.13 1.76 9.86
CA SER A 2 19.28 1.54 8.42
C SER A 2 18.72 0.18 8.02
N SER A 3 17.92 0.18 6.96
CA SER A 3 17.31 -1.06 6.48
C SER A 3 18.38 -2.08 6.11
N GLY A 4 19.28 -1.70 5.22
CA GLY A 4 20.34 -2.59 4.80
C GLY A 4 21.09 -2.08 3.58
N SER A 5 20.50 -2.26 2.41
CA SER A 5 21.12 -1.82 1.16
C SER A 5 20.24 -0.79 0.46
N SER A 6 20.87 0.05 -0.36
CA SER A 6 20.14 1.08 -1.10
C SER A 6 19.47 0.50 -2.34
N GLY A 7 18.14 0.50 -2.33
CA GLY A 7 17.40 -0.03 -3.47
C GLY A 7 17.61 -1.52 -3.65
N GLY A 8 16.53 -2.28 -3.57
CA GLY A 8 16.62 -3.72 -3.72
C GLY A 8 16.99 -4.13 -5.13
N PRO A 9 18.07 -4.93 -5.25
CA PRO A 9 18.55 -5.41 -6.54
C PRO A 9 17.60 -6.42 -7.19
N ASP A 10 16.49 -6.68 -6.52
CA ASP A 10 15.50 -7.63 -7.03
C ASP A 10 14.80 -7.07 -8.26
N LEU A 11 14.28 -7.96 -9.10
CA LEU A 11 13.59 -7.56 -10.32
C LEU A 11 12.51 -6.52 -10.00
N GLN A 12 11.92 -5.97 -11.07
CA GLN A 12 10.87 -4.97 -10.91
C GLN A 12 9.82 -5.43 -9.90
N PRO A 13 9.30 -4.48 -9.11
CA PRO A 13 8.28 -4.77 -8.09
C PRO A 13 6.93 -5.12 -8.72
N LYS A 14 6.20 -6.00 -8.05
CA LYS A 14 4.88 -6.43 -8.53
C LYS A 14 3.78 -5.95 -7.59
N ARG A 15 2.54 -6.22 -7.96
CA ARG A 15 1.39 -5.82 -7.16
C ARG A 15 1.34 -4.30 -7.02
N ASP A 16 1.48 -3.60 -8.13
CA ASP A 16 1.46 -2.15 -8.14
C ASP A 16 0.03 -1.64 -7.91
N HIS A 17 -0.89 -2.09 -8.75
CA HIS A 17 -2.29 -1.68 -8.64
C HIS A 17 -2.76 -1.72 -7.20
N VAL A 18 -2.19 -2.64 -6.42
CA VAL A 18 -2.55 -2.78 -5.01
C VAL A 18 -1.95 -1.67 -4.17
N LEU A 19 -2.76 -1.09 -3.30
CA LEU A 19 -2.31 0.00 -2.43
C LEU A 19 -2.54 -0.35 -0.96
N HIS A 20 -1.56 -0.01 -0.12
CA HIS A 20 -1.67 -0.28 1.31
C HIS A 20 -2.08 0.98 2.07
N VAL A 21 -3.32 0.99 2.55
CA VAL A 21 -3.84 2.13 3.30
C VAL A 21 -4.01 1.79 4.77
N THR A 22 -3.49 2.66 5.64
CA THR A 22 -3.58 2.44 7.08
C THR A 22 -4.49 3.47 7.73
N PHE A 23 -5.71 3.06 8.08
CA PHE A 23 -6.67 3.96 8.70
C PHE A 23 -7.06 3.45 10.09
N PRO A 24 -7.52 4.37 10.95
CA PRO A 24 -7.94 4.03 12.31
C PRO A 24 -9.24 3.22 12.34
N LYS A 25 -9.40 2.43 13.39
CA LYS A 25 -10.59 1.60 13.54
C LYS A 25 -11.85 2.46 13.55
N GLU A 26 -11.68 3.72 13.92
CA GLU A 26 -12.81 4.65 13.98
C GLU A 26 -13.47 4.80 12.61
N TRP A 27 -12.80 4.30 11.58
CA TRP A 27 -13.32 4.36 10.22
C TRP A 27 -14.30 3.24 9.95
N LYS A 28 -14.77 3.14 8.71
CA LYS A 28 -15.72 2.11 8.33
C LYS A 28 -15.72 1.90 6.81
N THR A 29 -16.27 0.77 6.38
CA THR A 29 -16.33 0.45 4.95
C THR A 29 -16.80 1.66 4.14
N SER A 30 -17.98 2.17 4.48
CA SER A 30 -18.54 3.32 3.78
C SER A 30 -17.49 4.42 3.61
N ASP A 31 -16.65 4.58 4.63
CA ASP A 31 -15.61 5.60 4.60
C ASP A 31 -14.58 5.29 3.51
N LEU A 32 -14.16 4.02 3.44
CA LEU A 32 -13.18 3.59 2.45
C LEU A 32 -13.71 3.80 1.03
N TYR A 33 -14.81 3.12 0.71
CA TYR A 33 -15.41 3.23 -0.60
C TYR A 33 -15.62 4.69 -1.00
N GLN A 34 -16.11 5.48 -0.06
CA GLN A 34 -16.35 6.90 -0.30
C GLN A 34 -15.05 7.62 -0.63
N LEU A 35 -13.99 7.31 0.13
CA LEU A 35 -12.70 7.93 -0.08
C LEU A 35 -12.13 7.57 -1.45
N PHE A 36 -12.16 6.29 -1.77
CA PHE A 36 -11.65 5.80 -3.05
C PHE A 36 -12.69 5.98 -4.15
N SER A 37 -13.92 6.29 -3.76
CA SER A 37 -15.01 6.48 -4.70
C SER A 37 -14.52 7.19 -5.96
N ALA A 38 -13.60 8.14 -5.76
CA ALA A 38 -13.04 8.90 -6.88
C ALA A 38 -12.83 8.01 -8.10
N PHE A 39 -12.25 6.84 -7.88
CA PHE A 39 -12.00 5.89 -8.97
C PHE A 39 -13.26 5.14 -9.34
N GLY A 40 -13.93 4.57 -8.33
CA GLY A 40 -15.15 3.83 -8.58
C GLY A 40 -15.14 2.47 -7.89
N ASN A 41 -15.74 1.48 -8.55
CA ASN A 41 -15.81 0.13 -8.00
C ASN A 41 -14.42 -0.40 -7.69
N ILE A 42 -14.20 -0.79 -6.44
CA ILE A 42 -12.91 -1.32 -6.01
C ILE A 42 -13.09 -2.51 -5.08
N GLN A 43 -11.97 -3.11 -4.68
CA GLN A 43 -12.01 -4.27 -3.79
C GLN A 43 -11.29 -3.97 -2.49
N ILE A 44 -12.06 -3.73 -1.43
CA ILE A 44 -11.50 -3.44 -0.12
C ILE A 44 -11.27 -4.71 0.68
N SER A 45 -10.01 -5.10 0.82
CA SER A 45 -9.66 -6.31 1.56
C SER A 45 -9.31 -5.97 3.01
N TRP A 46 -10.18 -6.36 3.92
CA TRP A 46 -9.98 -6.09 5.35
C TRP A 46 -8.93 -7.04 5.93
N ILE A 47 -7.76 -6.52 6.25
CA ILE A 47 -6.69 -7.32 6.81
C ILE A 47 -6.74 -7.33 8.33
N ASP A 48 -6.43 -6.19 8.94
CA ASP A 48 -6.45 -6.07 10.40
C ASP A 48 -7.42 -4.98 10.83
N ASP A 49 -7.45 -4.71 12.13
CA ASP A 49 -8.33 -3.68 12.69
C ASP A 49 -7.91 -2.30 12.21
N THR A 50 -6.64 -2.16 11.84
CA THR A 50 -6.11 -0.89 11.37
C THR A 50 -5.33 -1.06 10.08
N SER A 51 -5.54 -2.19 9.40
CA SER A 51 -4.84 -2.48 8.15
C SER A 51 -5.82 -2.93 7.08
N ALA A 52 -5.74 -2.32 5.90
CA ALA A 52 -6.62 -2.67 4.80
C ALA A 52 -5.87 -2.63 3.47
N PHE A 53 -6.52 -3.10 2.41
CA PHE A 53 -5.92 -3.12 1.08
C PHE A 53 -6.90 -2.63 0.03
N VAL A 54 -6.37 -2.08 -1.06
CA VAL A 54 -7.20 -1.57 -2.15
C VAL A 54 -6.60 -1.92 -3.50
N SER A 55 -7.28 -2.80 -4.23
CA SER A 55 -6.81 -3.22 -5.56
C SER A 55 -7.55 -2.47 -6.65
N LEU A 56 -6.79 -1.81 -7.52
CA LEU A 56 -7.38 -1.05 -8.62
C LEU A 56 -7.39 -1.87 -9.91
N SER A 57 -7.95 -1.30 -10.96
CA SER A 57 -8.02 -1.98 -12.26
C SER A 57 -6.79 -1.65 -13.11
N GLN A 58 -6.46 -0.37 -13.18
CA GLN A 58 -5.31 0.08 -13.96
C GLN A 58 -4.21 0.60 -13.06
N PRO A 59 -2.95 0.36 -13.44
CA PRO A 59 -1.78 0.80 -12.68
C PRO A 59 -1.59 2.31 -12.73
N GLU A 60 -2.00 2.92 -13.84
CA GLU A 60 -1.87 4.36 -14.00
C GLU A 60 -2.46 5.10 -12.81
N GLN A 61 -3.68 4.73 -12.43
CA GLN A 61 -4.35 5.36 -11.30
C GLN A 61 -3.43 5.44 -10.09
N VAL A 62 -2.77 4.32 -9.79
CA VAL A 62 -1.85 4.27 -8.66
C VAL A 62 -1.13 5.59 -8.46
N GLN A 63 -0.39 6.01 -9.48
CA GLN A 63 0.35 7.27 -9.42
C GLN A 63 -0.48 8.35 -8.74
N ILE A 64 -1.68 8.57 -9.24
CA ILE A 64 -2.58 9.57 -8.68
C ILE A 64 -2.87 9.29 -7.21
N ALA A 65 -3.43 8.11 -6.95
CA ALA A 65 -3.77 7.72 -5.59
C ALA A 65 -2.65 8.09 -4.61
N VAL A 66 -1.40 7.85 -5.03
CA VAL A 66 -0.25 8.17 -4.19
C VAL A 66 0.00 9.68 -4.15
N ASN A 67 -0.05 10.31 -5.31
CA ASN A 67 0.17 11.74 -5.41
C ASN A 67 -0.80 12.51 -4.51
N THR A 68 -2.01 11.98 -4.37
CA THR A 68 -3.03 12.60 -3.54
C THR A 68 -2.80 12.31 -2.06
N SER A 69 -2.45 11.05 -1.77
CA SER A 69 -2.20 10.65 -0.39
C SER A 69 -1.04 11.44 0.22
N LYS A 70 -0.28 12.09 -0.64
CA LYS A 70 0.86 12.89 -0.20
C LYS A 70 0.43 13.94 0.83
N TYR A 71 -0.53 14.75 0.44
CA TYR A 71 -1.05 15.80 1.32
C TYR A 71 -2.03 15.23 2.33
N ALA A 72 -2.85 14.29 1.88
CA ALA A 72 -3.85 13.65 2.74
C ALA A 72 -3.23 13.21 4.06
N GLU A 73 -3.61 13.86 5.15
CA GLU A 73 -3.09 13.52 6.47
C GLU A 73 -4.01 12.54 7.18
N SER A 74 -5.31 12.76 7.05
CA SER A 74 -6.31 11.91 7.68
C SER A 74 -5.99 10.43 7.45
N TYR A 75 -5.57 10.12 6.22
CA TYR A 75 -5.24 8.75 5.87
C TYR A 75 -3.84 8.67 5.25
N ARG A 76 -3.33 7.45 5.08
CA ARG A 76 -2.01 7.24 4.51
C ARG A 76 -2.02 6.05 3.56
N ILE A 77 -1.45 6.25 2.36
CA ILE A 77 -1.40 5.20 1.36
C ILE A 77 0.05 4.89 0.97
N GLN A 78 0.35 3.60 0.85
CA GLN A 78 1.70 3.17 0.47
C GLN A 78 1.65 1.98 -0.47
N THR A 79 2.43 2.04 -1.55
CA THR A 79 2.47 0.97 -2.53
C THR A 79 2.71 -0.38 -1.85
N TYR A 80 1.99 -1.40 -2.33
CA TYR A 80 2.12 -2.74 -1.76
C TYR A 80 3.57 -3.06 -1.43
N ALA A 81 4.45 -2.85 -2.40
CA ALA A 81 5.87 -3.11 -2.21
C ALA A 81 6.42 -2.33 -1.02
N GLU A 82 6.01 -1.08 -0.90
CA GLU A 82 6.46 -0.23 0.20
C GLU A 82 6.00 -0.78 1.55
N TYR A 83 4.77 -1.28 1.58
CA TYR A 83 4.21 -1.84 2.81
C TYR A 83 4.93 -3.14 3.18
N VAL A 84 4.91 -4.10 2.26
CA VAL A 84 5.55 -5.39 2.50
C VAL A 84 7.03 -5.21 2.83
N GLY A 85 7.68 -4.29 2.14
CA GLY A 85 9.10 -4.04 2.38
C GLY A 85 9.46 -4.14 3.84
N LYS A 86 8.63 -3.56 4.70
CA LYS A 86 8.87 -3.58 6.14
C LYS A 86 8.76 -5.00 6.68
N LYS A 87 7.55 -5.55 6.66
CA LYS A 87 7.30 -6.90 7.15
C LYS A 87 8.44 -7.84 6.74
N GLN A 88 8.66 -7.93 5.43
CA GLN A 88 9.72 -8.79 4.90
C GLN A 88 11.08 -8.32 5.36
N LYS A 89 11.60 -8.94 6.42
CA LYS A 89 12.90 -8.58 6.96
C LYS A 89 13.37 -9.60 8.00
N GLY A 90 14.47 -10.28 7.71
CA GLY A 90 15.00 -11.27 8.62
C GLY A 90 16.18 -10.77 9.41
N LYS A 91 17.23 -11.60 9.50
CA LYS A 91 18.43 -11.22 10.23
C LYS A 91 19.66 -11.26 9.30
N GLN A 92 19.87 -10.17 8.58
CA GLN A 92 21.00 -10.07 7.66
C GLN A 92 21.12 -8.68 7.07
N VAL A 93 22.28 -8.06 7.24
CA VAL A 93 22.52 -6.72 6.73
C VAL A 93 23.79 -6.67 5.89
N LYS A 94 23.71 -5.96 4.76
CA LYS A 94 24.86 -5.83 3.87
C LYS A 94 25.82 -4.76 4.36
N SER A 95 27.09 -5.11 4.48
CA SER A 95 28.11 -4.18 4.95
C SER A 95 29.18 -3.97 3.89
N GLY A 96 29.80 -2.80 3.90
CA GLY A 96 30.84 -2.50 2.94
C GLY A 96 30.63 -1.16 2.25
N PRO A 97 31.74 -0.46 1.95
CA PRO A 97 31.69 0.85 1.30
C PRO A 97 31.24 0.74 -0.16
N SER A 98 30.08 1.32 -0.46
CA SER A 98 29.54 1.30 -1.81
C SER A 98 29.45 2.71 -2.38
N SER A 99 29.16 2.80 -3.68
CA SER A 99 29.05 4.08 -4.35
C SER A 99 28.55 3.90 -5.79
N GLY A 100 28.36 5.02 -6.49
CA GLY A 100 27.90 4.96 -7.85
C GLY A 100 26.45 5.39 -7.99
#